data_4JPG
#
_entry.id   4JPG
#
_cell.length_a   80.971
_cell.length_b   153.613
_cell.length_c   93.479
_cell.angle_alpha   90.00
_cell.angle_beta   103.45
_cell.angle_gamma   90.00
#
_symmetry.space_group_name_H-M   'P 1 21 1'
#
loop_
_entity.id
_entity.type
_entity.pdbx_description
1 polymer 'Pyruvate kinase isozymes M1/M2'
2 non-polymer 1,6-di-O-phosphono-beta-D-fructofuranose
3 non-polymer 2-(1H-benzimidazol-1-ylmethyl)-4H-pyrido[1,2-a]pyrimidin-4-one
4 water water
#
_entity_poly.entity_id   1
_entity_poly.type   'polypeptide(L)'
_entity_poly.pdbx_seq_one_letter_code
;GSMKHHHHHHDYGILTTENLYFQGSMSKPHSEAGTAFIQTQQLHAAMADTFLEHMCRLDIDSPPITARNTGIICTIGPAS
RSVETLKEMIKSGMNVARLNFSHGTHEYHAETIKNVRTATESFASDPILYRPVAVALDTKGPEIRTGLIKGSGTAEVELK
KGATLKITLDNAYMEKCDENILWLDYKNICKVVEVGSKIYVDDGLISLQVKQKGADFLVTEVENGGSLGSKKGVNLPGAA
VDLPAVSEKDIQDLKFGVEQDVDMVFASFIRKASDVHEVRKVLGEKGKNIKIISKIENHEGVRRFDEILEASDGIMVARG
DLGIEIPAEKVFLAQKMMIGRCNRAGKPVICATQMLESMIKKPRPTRAEGSDVANAVLDGADCIMLSGETAKGDYPLEAV
RMQHLIAREAEAAIYHLQLFEELRRLAPITSDPTEATAVGAVEASFKCCSGAIIVLTKSGRSAHQVARYRPRAPIIAVTR
NPQTARQAHLYRGIFPVLCKDPVQEAWAEDVDLRVNFAMNVGKARGFFKKGDVVIVLTGWRPGSGFTNTMRVVPVP
;
_entity_poly.pdbx_strand_id   A,B,C,D
#
# COMPACT_ATOMS: atom_id res chain seq x y z
N ILE A 38 18.41 12.20 10.01
CA ILE A 38 17.98 11.95 8.62
C ILE A 38 19.22 11.75 7.72
N GLN A 39 20.35 12.43 8.02
CA GLN A 39 21.61 12.36 7.29
C GLN A 39 22.46 11.09 7.58
N THR A 40 21.99 10.22 8.50
CA THR A 40 22.67 8.97 8.89
C THR A 40 21.73 7.76 8.71
N GLN A 41 22.30 6.53 8.75
CA GLN A 41 21.58 5.25 8.67
C GLN A 41 20.48 5.19 7.55
N GLN A 42 20.67 5.89 6.41
CA GLN A 42 19.70 5.96 5.29
C GLN A 42 18.28 6.31 5.75
N LEU A 43 18.18 7.23 6.75
CA LEU A 43 16.89 7.64 7.30
C LEU A 43 16.05 8.46 6.32
N HIS A 44 16.70 9.18 5.37
CA HIS A 44 15.97 9.90 4.33
C HIS A 44 15.28 8.83 3.42
N ALA A 45 16.03 7.78 3.05
CA ALA A 45 15.51 6.66 2.27
C ALA A 45 14.41 5.90 3.04
N ALA A 46 14.56 5.77 4.38
CA ALA A 46 13.61 5.06 5.25
C ALA A 46 12.20 5.66 5.18
N MET A 47 12.13 6.98 4.95
CA MET A 47 10.93 7.81 4.92
C MET A 47 10.14 7.76 3.61
N ALA A 48 10.74 7.20 2.54
CA ALA A 48 10.08 7.10 1.23
C ALA A 48 8.79 6.30 1.28
N ASP A 49 7.77 6.81 0.56
CA ASP A 49 6.43 6.25 0.43
C ASP A 49 6.39 5.12 -0.58
N THR A 50 7.43 4.99 -1.41
CA THR A 50 7.55 3.92 -2.40
C THR A 50 8.93 3.25 -2.32
N PHE A 51 9.03 2.01 -2.83
CA PHE A 51 10.30 1.32 -2.86
C PHE A 51 11.25 1.96 -3.89
N LEU A 52 10.72 2.34 -5.07
CA LEU A 52 11.48 3.01 -6.12
C LEU A 52 12.13 4.31 -5.56
N GLU A 53 11.35 5.13 -4.85
CA GLU A 53 11.86 6.36 -4.22
C GLU A 53 12.88 6.08 -3.11
N HIS A 54 12.67 4.97 -2.36
CA HIS A 54 13.59 4.51 -1.31
C HIS A 54 14.97 4.22 -1.93
N MET A 55 14.98 3.53 -3.09
CA MET A 55 16.17 3.22 -3.87
C MET A 55 16.79 4.52 -4.36
N CYS A 56 15.94 5.49 -4.83
CA CYS A 56 16.38 6.82 -5.33
C CYS A 56 17.11 7.64 -4.27
N ARG A 57 16.77 7.43 -2.97
CA ARG A 57 17.34 8.15 -1.84
C ARG A 57 18.55 7.50 -1.19
N LEU A 58 18.94 6.25 -1.58
CA LEU A 58 20.11 5.61 -0.97
C LEU A 58 21.34 6.48 -1.14
N ASP A 59 22.00 6.77 -0.03
CA ASP A 59 23.05 7.76 -0.02
C ASP A 59 24.36 7.25 0.52
N ILE A 60 25.39 7.28 -0.34
CA ILE A 60 26.78 6.88 -0.06
C ILE A 60 27.37 7.75 1.02
N ASP A 61 26.84 8.98 1.17
CA ASP A 61 27.28 9.93 2.19
C ASP A 61 26.48 9.83 3.47
N SER A 62 25.61 8.82 3.59
CA SER A 62 24.82 8.62 4.79
C SER A 62 25.45 7.47 5.57
N PRO A 63 26.20 7.80 6.64
CA PRO A 63 26.89 6.75 7.39
C PRO A 63 26.02 5.86 8.27
N PRO A 64 26.36 4.57 8.35
CA PRO A 64 25.59 3.67 9.23
C PRO A 64 25.94 3.78 10.72
N ILE A 65 25.12 3.16 11.61
CA ILE A 65 25.36 3.02 13.06
C ILE A 65 26.55 2.07 13.33
N THR A 66 26.98 1.95 14.60
CA THR A 66 28.09 1.07 14.97
C THR A 66 27.68 -0.40 14.87
N ALA A 67 26.52 -0.78 15.43
CA ALA A 67 26.05 -2.16 15.47
C ALA A 67 25.74 -2.75 14.12
N ARG A 68 26.26 -3.96 13.89
CA ARG A 68 26.08 -4.80 12.68
C ARG A 68 25.20 -5.99 13.13
N ASN A 69 24.03 -6.15 12.51
CA ASN A 69 22.99 -7.13 12.86
C ASN A 69 23.20 -8.54 12.31
N THR A 70 23.69 -8.63 11.06
CA THR A 70 23.90 -9.91 10.36
C THR A 70 25.13 -10.65 10.90
N GLY A 71 24.89 -11.87 11.36
CA GLY A 71 25.95 -12.72 11.88
C GLY A 71 26.91 -13.19 10.81
N ILE A 72 28.19 -13.30 11.16
CA ILE A 72 29.24 -13.75 10.26
C ILE A 72 29.79 -15.10 10.70
N ILE A 73 29.62 -16.13 9.84
CA ILE A 73 30.09 -17.49 10.03
C ILE A 73 31.38 -17.68 9.24
N CYS A 74 32.47 -18.08 9.91
CA CYS A 74 33.76 -18.28 9.25
C CYS A 74 34.20 -19.71 9.29
N THR A 75 34.56 -20.26 8.12
CA THR A 75 35.11 -21.63 8.07
C THR A 75 36.55 -21.55 8.58
N ILE A 76 36.88 -22.43 9.53
CA ILE A 76 38.21 -22.48 10.13
C ILE A 76 39.01 -23.59 9.50
N GLY A 77 40.15 -23.22 8.97
CA GLY A 77 41.08 -24.10 8.29
C GLY A 77 42.52 -23.68 8.54
N PRO A 78 43.47 -24.18 7.74
CA PRO A 78 44.88 -23.86 8.00
C PRO A 78 45.22 -22.39 8.05
N ALA A 79 44.54 -21.54 7.27
CA ALA A 79 44.83 -20.11 7.25
C ALA A 79 44.34 -19.35 8.49
N SER A 80 43.41 -19.96 9.24
CA SER A 80 42.75 -19.29 10.36
C SER A 80 42.72 -20.06 11.69
N ARG A 81 43.37 -21.24 11.80
CA ARG A 81 43.39 -22.11 12.99
C ARG A 81 44.11 -21.62 14.26
N SER A 82 45.20 -20.83 14.10
CA SER A 82 46.00 -20.42 15.27
C SER A 82 45.20 -19.54 16.21
N VAL A 83 45.49 -19.60 17.52
CA VAL A 83 44.85 -18.75 18.55
C VAL A 83 45.12 -17.30 18.13
N GLU A 84 46.36 -16.97 17.68
CA GLU A 84 46.75 -15.62 17.21
C GLU A 84 45.73 -15.09 16.18
N THR A 85 45.53 -15.83 15.08
CA THR A 85 44.59 -15.44 14.01
C THR A 85 43.15 -15.39 14.49
N LEU A 86 42.72 -16.41 15.26
CA LEU A 86 41.37 -16.50 15.79
C LEU A 86 40.95 -15.33 16.65
N LYS A 87 41.87 -14.79 17.48
CA LYS A 87 41.63 -13.61 18.31
C LYS A 87 41.29 -12.44 17.37
N GLU A 88 42.08 -12.29 16.30
CA GLU A 88 41.90 -11.27 15.29
C GLU A 88 40.59 -11.48 14.47
N MET A 89 40.15 -12.75 14.25
CA MET A 89 38.87 -13.07 13.56
C MET A 89 37.73 -12.51 14.44
N ILE A 90 37.77 -12.83 15.76
CA ILE A 90 36.80 -12.36 16.77
C ILE A 90 36.71 -10.83 16.70
N LYS A 91 37.86 -10.14 16.78
CA LYS A 91 37.94 -8.67 16.68
C LYS A 91 37.38 -8.14 15.36
N SER A 92 37.70 -8.82 14.22
CA SER A 92 37.21 -8.44 12.90
C SER A 92 35.69 -8.64 12.69
N GLY A 93 35.05 -9.40 13.58
CA GLY A 93 33.61 -9.63 13.52
C GLY A 93 33.10 -11.06 13.45
N MET A 94 34.00 -12.06 13.49
CA MET A 94 33.57 -13.46 13.45
C MET A 94 32.65 -13.82 14.64
N ASN A 95 31.45 -14.35 14.35
CA ASN A 95 30.45 -14.73 15.36
C ASN A 95 30.39 -16.24 15.56
N VAL A 96 30.53 -17.02 14.46
CA VAL A 96 30.43 -18.48 14.47
C VAL A 96 31.68 -19.06 13.79
N ALA A 97 32.27 -20.09 14.39
CA ALA A 97 33.38 -20.82 13.78
C ALA A 97 32.82 -22.11 13.21
N ARG A 98 32.94 -22.26 11.88
CA ARG A 98 32.48 -23.44 11.14
C ARG A 98 33.64 -24.40 10.85
N LEU A 99 33.38 -25.68 11.16
CA LEU A 99 34.25 -26.83 10.99
C LEU A 99 33.61 -27.70 9.94
N ASN A 100 34.31 -27.83 8.80
CA ASN A 100 33.89 -28.61 7.65
C ASN A 100 34.43 -30.04 7.83
N PHE A 101 33.52 -31.01 8.10
CA PHE A 101 33.91 -32.40 8.38
C PHE A 101 34.07 -33.27 7.10
N SER A 102 34.15 -32.62 5.92
CA SER A 102 34.47 -33.27 4.64
C SER A 102 35.97 -33.67 4.68
N HIS A 103 36.78 -32.94 5.47
CA HIS A 103 38.23 -33.17 5.61
C HIS A 103 38.65 -33.05 7.08
N GLY A 104 39.86 -33.49 7.38
CA GLY A 104 40.42 -33.43 8.72
C GLY A 104 39.99 -34.58 9.60
N THR A 105 40.86 -34.96 10.54
CA THR A 105 40.60 -36.03 11.49
C THR A 105 39.91 -35.44 12.69
N HIS A 106 39.50 -36.28 13.64
CA HIS A 106 38.90 -35.80 14.87
C HIS A 106 39.88 -35.02 15.70
N GLU A 107 41.15 -35.45 15.71
CA GLU A 107 42.24 -34.81 16.45
C GLU A 107 42.46 -33.35 15.98
N TYR A 108 42.48 -33.16 14.67
CA TYR A 108 42.63 -31.86 14.02
C TYR A 108 41.49 -30.94 14.45
N HIS A 109 40.24 -31.41 14.27
CA HIS A 109 39.05 -30.65 14.65
C HIS A 109 38.99 -30.33 16.13
N ALA A 110 39.39 -31.30 17.00
CA ALA A 110 39.45 -31.11 18.44
C ALA A 110 40.42 -29.97 18.79
N GLU A 111 41.55 -29.87 18.07
CA GLU A 111 42.54 -28.81 18.30
C GLU A 111 42.05 -27.45 17.76
N THR A 112 41.35 -27.44 16.62
CA THR A 112 40.77 -26.21 16.08
C THR A 112 39.77 -25.65 17.11
N ILE A 113 38.85 -26.51 17.60
CA ILE A 113 37.83 -26.19 18.62
C ILE A 113 38.52 -25.64 19.89
N LYS A 114 39.57 -26.34 20.36
CA LYS A 114 40.39 -25.95 21.49
C LYS A 114 40.92 -24.55 21.28
N ASN A 115 41.50 -24.27 20.09
CA ASN A 115 42.04 -22.96 19.73
C ASN A 115 40.99 -21.89 19.64
N VAL A 116 39.74 -22.25 19.20
CA VAL A 116 38.62 -21.28 19.11
C VAL A 116 38.28 -20.84 20.55
N ARG A 117 38.19 -21.82 21.45
CA ARG A 117 37.89 -21.57 22.85
C ARG A 117 39.02 -20.76 23.54
N THR A 118 40.29 -21.04 23.20
CA THR A 118 41.40 -20.26 23.77
C THR A 118 41.27 -18.77 23.36
N ALA A 119 41.09 -18.50 22.06
CA ALA A 119 40.93 -17.14 21.55
C ALA A 119 39.73 -16.40 22.16
N THR A 120 38.57 -17.09 22.30
CA THR A 120 37.33 -16.54 22.85
C THR A 120 37.48 -16.22 24.33
N GLU A 121 38.05 -17.14 25.11
CA GLU A 121 38.21 -16.94 26.55
C GLU A 121 39.29 -15.92 26.89
N SER A 122 40.21 -15.63 25.93
CA SER A 122 41.24 -14.61 26.15
C SER A 122 40.60 -13.21 26.36
N PHE A 123 39.30 -13.03 25.99
CA PHE A 123 38.52 -11.79 26.14
C PHE A 123 37.56 -11.82 27.32
N ALA A 124 37.44 -12.96 28.04
CA ALA A 124 36.51 -13.18 29.17
C ALA A 124 36.79 -12.37 30.45
N SER A 125 37.98 -11.74 30.59
CA SER A 125 38.32 -10.98 31.81
C SER A 125 37.34 -9.85 32.05
N ASP A 126 36.95 -9.14 30.96
CA ASP A 126 35.97 -8.06 31.05
C ASP A 126 34.63 -8.59 30.46
N PRO A 127 33.66 -8.96 31.32
CA PRO A 127 32.37 -9.46 30.82
C PRO A 127 31.63 -8.47 29.92
N ILE A 128 31.90 -7.17 30.09
CA ILE A 128 31.33 -6.09 29.28
C ILE A 128 31.84 -6.16 27.83
N LEU A 129 33.12 -6.53 27.61
CA LEU A 129 33.68 -6.58 26.25
C LEU A 129 33.80 -8.00 25.67
N TYR A 130 33.37 -9.03 26.39
CA TYR A 130 33.41 -10.41 25.92
C TYR A 130 32.35 -10.64 24.85
N ARG A 131 32.76 -11.28 23.77
CA ARG A 131 31.84 -11.60 22.70
C ARG A 131 31.71 -13.11 22.61
N PRO A 132 30.52 -13.71 22.87
CA PRO A 132 30.38 -15.18 22.69
C PRO A 132 30.70 -15.58 21.24
N VAL A 133 31.24 -16.78 21.06
CA VAL A 133 31.57 -17.27 19.71
C VAL A 133 31.05 -18.69 19.62
N ALA A 134 30.15 -18.96 18.66
CA ALA A 134 29.58 -20.30 18.49
C ALA A 134 30.45 -21.24 17.66
N VAL A 135 30.33 -22.54 17.94
CA VAL A 135 31.01 -23.59 17.20
C VAL A 135 29.98 -24.38 16.41
N ALA A 136 30.16 -24.41 15.09
CA ALA A 136 29.29 -25.16 14.18
C ALA A 136 30.04 -26.34 13.56
N LEU A 137 29.39 -27.54 13.55
CA LEU A 137 29.90 -28.77 12.93
C LEU A 137 29.13 -28.95 11.62
N ASP A 138 29.86 -28.89 10.49
CA ASP A 138 29.23 -29.04 9.17
C ASP A 138 29.54 -30.43 8.69
N THR A 139 28.51 -31.24 8.48
CA THR A 139 28.74 -32.65 8.12
C THR A 139 29.22 -32.88 6.68
N LYS A 140 29.91 -34.01 6.45
CA LYS A 140 30.33 -34.43 5.12
C LYS A 140 29.04 -34.80 4.32
N GLY A 141 28.21 -35.65 4.93
CA GLY A 141 26.96 -36.10 4.35
C GLY A 141 27.12 -37.02 3.16
N PRO A 142 26.05 -37.18 2.36
CA PRO A 142 26.11 -38.09 1.19
C PRO A 142 26.95 -37.59 0.00
N GLU A 143 28.20 -37.26 0.26
CA GLU A 143 29.18 -36.77 -0.71
C GLU A 143 29.74 -37.87 -1.57
N ILE A 144 29.98 -37.56 -2.83
CA ILE A 144 30.66 -38.45 -3.77
C ILE A 144 31.99 -37.74 -4.05
N ARG A 145 33.12 -38.42 -3.76
CA ARG A 145 34.47 -37.86 -3.96
C ARG A 145 35.37 -38.77 -4.80
N THR A 146 36.31 -38.15 -5.54
CA THR A 146 37.31 -38.85 -6.34
C THR A 146 38.54 -39.22 -5.45
N GLY A 147 39.48 -39.98 -6.01
CA GLY A 147 40.69 -40.39 -5.32
C GLY A 147 41.84 -39.42 -5.52
N LEU A 148 43.09 -39.92 -5.43
CA LEU A 148 44.28 -39.08 -5.62
C LEU A 148 44.83 -39.13 -7.02
N ILE A 149 45.18 -37.97 -7.57
CA ILE A 149 45.83 -37.85 -8.87
C ILE A 149 47.31 -38.20 -8.63
N LYS A 150 47.76 -39.33 -9.20
CA LYS A 150 49.14 -39.82 -9.12
C LYS A 150 49.69 -39.90 -7.67
N GLY A 151 48.87 -40.44 -6.76
CA GLY A 151 49.19 -40.65 -5.34
C GLY A 151 49.52 -39.44 -4.50
N SER A 152 49.36 -38.23 -5.08
CA SER A 152 49.64 -36.96 -4.43
C SER A 152 48.35 -36.16 -4.30
N GLY A 153 48.07 -35.67 -3.10
CA GLY A 153 46.90 -34.85 -2.83
C GLY A 153 47.01 -33.44 -3.40
N THR A 154 48.10 -33.16 -4.14
CA THR A 154 48.38 -31.85 -4.74
C THR A 154 48.50 -31.90 -6.28
N ALA A 155 48.80 -33.08 -6.86
CA ALA A 155 48.95 -33.28 -8.31
C ALA A 155 47.67 -33.06 -9.11
N GLU A 156 47.81 -32.66 -10.39
CA GLU A 156 46.70 -32.38 -11.31
C GLU A 156 46.92 -32.96 -12.71
N VAL A 157 45.83 -33.22 -13.46
CA VAL A 157 45.84 -33.69 -14.84
C VAL A 157 45.00 -32.77 -15.72
N GLU A 158 45.53 -32.37 -16.88
CA GLU A 158 44.77 -31.50 -17.77
C GLU A 158 43.88 -32.36 -18.66
N LEU A 159 42.56 -32.31 -18.43
CA LEU A 159 41.56 -33.03 -19.21
C LEU A 159 41.18 -32.22 -20.47
N LYS A 160 41.07 -32.91 -21.62
CA LYS A 160 40.76 -32.29 -22.92
C LYS A 160 39.33 -32.58 -23.37
N LYS A 161 38.70 -31.62 -24.08
CA LYS A 161 37.33 -31.77 -24.60
C LYS A 161 37.27 -32.86 -25.69
N GLY A 162 36.25 -33.70 -25.62
CA GLY A 162 36.06 -34.81 -26.55
C GLY A 162 36.82 -36.08 -26.18
N ALA A 163 37.76 -35.98 -25.19
CA ALA A 163 38.58 -37.11 -24.71
C ALA A 163 37.76 -38.16 -23.98
N THR A 164 38.22 -39.41 -24.01
CA THR A 164 37.55 -40.51 -23.33
C THR A 164 38.20 -40.75 -21.95
N LEU A 165 37.37 -40.79 -20.88
CA LEU A 165 37.81 -41.00 -19.50
C LEU A 165 37.03 -42.17 -18.85
N LYS A 166 37.76 -43.12 -18.24
CA LYS A 166 37.15 -44.30 -17.61
C LYS A 166 36.97 -44.07 -16.12
N ILE A 167 35.77 -44.31 -15.62
CA ILE A 167 35.50 -44.17 -14.20
C ILE A 167 35.50 -45.55 -13.56
N THR A 168 36.28 -45.73 -12.49
CA THR A 168 36.39 -47.02 -11.81
C THR A 168 35.94 -46.95 -10.34
N LEU A 169 35.49 -48.09 -9.82
CA LEU A 169 35.11 -48.27 -8.42
C LEU A 169 36.11 -49.21 -7.74
N ASP A 170 37.05 -49.77 -8.55
CA ASP A 170 38.09 -50.68 -8.09
C ASP A 170 39.16 -49.90 -7.33
N ASN A 171 39.15 -50.07 -5.99
CA ASN A 171 40.00 -49.38 -5.01
C ASN A 171 41.52 -49.46 -5.29
N ALA A 172 41.93 -50.26 -6.28
CA ALA A 172 43.33 -50.35 -6.70
C ALA A 172 43.79 -49.01 -7.29
N TYR A 173 42.82 -48.25 -7.89
CA TYR A 173 43.06 -46.96 -8.53
C TYR A 173 42.69 -45.73 -7.66
N MET A 174 42.28 -45.95 -6.38
CA MET A 174 41.87 -44.87 -5.47
C MET A 174 42.99 -43.86 -5.18
N GLU A 175 44.25 -44.21 -5.48
CA GLU A 175 45.43 -43.36 -5.33
C GLU A 175 46.20 -43.30 -6.67
N LYS A 176 45.70 -44.02 -7.69
CA LYS A 176 46.32 -44.07 -9.02
C LYS A 176 45.43 -43.43 -10.11
N CYS A 177 44.89 -42.21 -9.81
CA CYS A 177 44.04 -41.46 -10.74
C CYS A 177 44.89 -40.64 -11.69
N ASP A 178 44.45 -40.53 -12.95
CA ASP A 178 45.11 -39.80 -14.04
C ASP A 178 44.10 -39.35 -15.11
N GLU A 179 44.60 -38.85 -16.27
CA GLU A 179 43.78 -38.35 -17.39
C GLU A 179 42.94 -39.44 -18.12
N ASN A 180 43.12 -40.74 -17.77
CA ASN A 180 42.41 -41.85 -18.42
C ASN A 180 41.55 -42.65 -17.46
N ILE A 181 42.00 -42.75 -16.19
CA ILE A 181 41.30 -43.50 -15.15
C ILE A 181 40.97 -42.59 -13.96
N LEU A 182 39.67 -42.56 -13.58
CA LEU A 182 39.16 -41.74 -12.47
C LEU A 182 38.36 -42.57 -11.47
N TRP A 183 38.91 -42.78 -10.29
CA TRP A 183 38.22 -43.54 -9.26
C TRP A 183 37.35 -42.61 -8.39
N LEU A 184 36.15 -43.08 -8.05
CA LEU A 184 35.25 -42.39 -7.12
C LEU A 184 34.69 -43.40 -6.09
N ASP A 185 34.29 -42.90 -4.91
CA ASP A 185 33.85 -43.71 -3.77
C ASP A 185 32.32 -44.06 -3.74
N TYR A 186 31.57 -43.84 -4.84
CA TYR A 186 30.14 -44.16 -4.87
C TYR A 186 29.88 -45.52 -5.49
N LYS A 187 29.92 -46.57 -4.66
CA LYS A 187 29.76 -47.97 -5.07
C LYS A 187 28.50 -48.27 -5.91
N ASN A 188 27.37 -47.56 -5.66
CA ASN A 188 26.15 -47.76 -6.43
C ASN A 188 25.98 -46.77 -7.58
N ILE A 189 27.08 -46.25 -8.16
CA ILE A 189 27.01 -45.24 -9.24
C ILE A 189 26.34 -45.83 -10.51
N CYS A 190 26.79 -47.02 -10.91
CA CYS A 190 26.35 -47.76 -12.10
C CYS A 190 24.82 -48.04 -12.14
N LYS A 191 24.16 -48.25 -10.98
CA LYS A 191 22.72 -48.54 -10.92
C LYS A 191 21.80 -47.30 -11.14
N VAL A 192 22.08 -46.18 -10.42
CA VAL A 192 21.30 -44.94 -10.42
C VAL A 192 21.60 -44.02 -11.64
N VAL A 193 22.66 -44.34 -12.40
CA VAL A 193 23.07 -43.59 -13.59
C VAL A 193 22.75 -44.41 -14.86
N GLU A 194 22.40 -43.71 -15.96
CA GLU A 194 22.12 -44.30 -17.26
C GLU A 194 23.03 -43.73 -18.34
N VAL A 195 22.93 -44.28 -19.58
CA VAL A 195 23.71 -43.80 -20.74
C VAL A 195 23.16 -42.41 -21.08
N GLY A 196 24.07 -41.48 -21.38
CA GLY A 196 23.72 -40.10 -21.67
C GLY A 196 23.76 -39.19 -20.45
N SER A 197 23.80 -39.78 -19.22
CA SER A 197 23.84 -39.06 -17.95
C SER A 197 25.10 -38.20 -17.81
N LYS A 198 24.92 -36.98 -17.28
CA LYS A 198 25.97 -36.00 -17.05
C LYS A 198 26.56 -36.16 -15.66
N ILE A 199 27.89 -36.16 -15.59
CA ILE A 199 28.62 -36.29 -14.34
C ILE A 199 29.48 -35.05 -14.22
N TYR A 200 29.31 -34.29 -13.12
CA TYR A 200 30.07 -33.07 -12.86
C TYR A 200 31.12 -33.34 -11.80
N VAL A 201 32.33 -32.80 -12.02
CA VAL A 201 33.49 -32.93 -11.14
C VAL A 201 34.10 -31.55 -10.81
N ASP A 202 34.44 -31.35 -9.51
CA ASP A 202 35.08 -30.15 -8.90
C ASP A 202 34.23 -28.90 -9.13
N ASP A 203 33.32 -28.62 -8.18
CA ASP A 203 32.39 -27.49 -8.24
C ASP A 203 31.71 -27.42 -9.63
N GLY A 204 31.44 -28.58 -10.23
CA GLY A 204 30.83 -28.71 -11.54
C GLY A 204 31.60 -28.04 -12.67
N LEU A 205 32.89 -27.70 -12.44
CA LEU A 205 33.73 -27.03 -13.42
C LEU A 205 34.12 -27.95 -14.58
N ILE A 206 34.22 -29.27 -14.31
CA ILE A 206 34.49 -30.32 -15.30
C ILE A 206 33.18 -31.11 -15.48
N SER A 207 32.85 -31.46 -16.73
CA SER A 207 31.65 -32.23 -17.09
C SER A 207 32.02 -33.46 -17.94
N LEU A 208 31.25 -34.55 -17.77
CA LEU A 208 31.44 -35.82 -18.47
C LEU A 208 30.08 -36.42 -18.87
N GLN A 209 30.06 -37.24 -19.93
CA GLN A 209 28.83 -37.92 -20.35
C GLN A 209 29.04 -39.42 -20.38
N VAL A 210 28.10 -40.16 -19.79
CA VAL A 210 28.14 -41.63 -19.76
C VAL A 210 27.87 -42.16 -21.16
N LYS A 211 28.92 -42.75 -21.77
CA LYS A 211 28.89 -43.30 -23.12
C LYS A 211 28.63 -44.81 -23.08
N GLN A 212 29.32 -45.54 -22.19
CA GLN A 212 29.16 -46.98 -22.04
C GLN A 212 29.15 -47.37 -20.56
N LYS A 213 28.06 -48.02 -20.13
CA LYS A 213 27.87 -48.48 -18.75
C LYS A 213 28.57 -49.81 -18.46
N GLY A 214 28.81 -50.07 -17.18
CA GLY A 214 29.45 -51.29 -16.70
C GLY A 214 28.98 -51.75 -15.33
N ALA A 215 29.77 -52.64 -14.69
CA ALA A 215 29.44 -53.20 -13.37
C ALA A 215 30.06 -52.34 -12.25
N ASP A 216 31.34 -51.99 -12.41
CA ASP A 216 32.11 -51.14 -11.49
C ASP A 216 32.85 -50.05 -12.29
N PHE A 217 32.47 -49.88 -13.57
CA PHE A 217 33.10 -48.92 -14.46
C PHE A 217 32.10 -48.14 -15.32
N LEU A 218 32.55 -46.98 -15.84
CA LEU A 218 31.79 -46.11 -16.73
C LEU A 218 32.73 -45.49 -17.75
N VAL A 219 32.44 -45.71 -19.05
CA VAL A 219 33.24 -45.14 -20.12
C VAL A 219 32.61 -43.79 -20.43
N THR A 220 33.34 -42.71 -20.16
CA THR A 220 32.81 -41.35 -20.32
C THR A 220 33.53 -40.56 -21.40
N GLU A 221 32.85 -39.50 -21.90
CA GLU A 221 33.36 -38.55 -22.88
C GLU A 221 33.38 -37.18 -22.21
N VAL A 222 34.54 -36.51 -22.25
CA VAL A 222 34.75 -35.20 -21.66
C VAL A 222 33.98 -34.12 -22.44
N GLU A 223 32.81 -33.71 -21.90
CA GLU A 223 31.96 -32.67 -22.47
C GLU A 223 32.59 -31.28 -22.23
N ASN A 224 33.10 -31.04 -21.01
CA ASN A 224 33.76 -29.81 -20.59
C ASN A 224 35.08 -30.17 -19.88
N GLY A 225 36.18 -29.68 -20.43
CA GLY A 225 37.52 -29.93 -19.91
C GLY A 225 37.96 -29.02 -18.77
N GLY A 226 39.23 -29.19 -18.38
CA GLY A 226 39.88 -28.43 -17.32
C GLY A 226 40.90 -29.25 -16.55
N SER A 227 41.48 -28.65 -15.49
CA SER A 227 42.46 -29.33 -14.66
C SER A 227 41.77 -30.12 -13.53
N LEU A 228 41.99 -31.45 -13.54
CA LEU A 228 41.43 -32.39 -12.58
C LEU A 228 42.43 -32.66 -11.46
N GLY A 229 42.03 -32.31 -10.24
CA GLY A 229 42.84 -32.54 -9.04
C GLY A 229 42.37 -33.73 -8.24
N SER A 230 43.00 -33.92 -7.06
CA SER A 230 42.69 -35.01 -6.13
C SER A 230 41.51 -34.68 -5.22
N LYS A 231 40.77 -35.72 -4.80
CA LYS A 231 39.62 -35.72 -3.88
C LYS A 231 38.62 -34.58 -4.18
N LYS A 232 38.09 -34.59 -5.42
CA LYS A 232 37.14 -33.58 -5.89
C LYS A 232 35.70 -34.05 -5.75
N GLY A 233 34.80 -33.09 -5.62
CA GLY A 233 33.36 -33.31 -5.47
C GLY A 233 32.71 -33.72 -6.76
N VAL A 234 31.83 -34.71 -6.70
CA VAL A 234 31.13 -35.27 -7.86
C VAL A 234 29.64 -35.08 -7.66
N ASN A 235 28.97 -34.58 -8.70
CA ASN A 235 27.52 -34.37 -8.68
C ASN A 235 26.90 -35.12 -9.81
N LEU A 236 25.69 -35.63 -9.57
CA LEU A 236 24.90 -36.38 -10.54
C LEU A 236 23.46 -35.78 -10.49
N PRO A 237 23.26 -34.61 -11.15
CA PRO A 237 21.95 -33.92 -11.04
C PRO A 237 20.72 -34.70 -11.51
N GLY A 238 20.86 -35.49 -12.55
CA GLY A 238 19.74 -36.28 -13.06
C GLY A 238 19.44 -37.54 -12.28
N ALA A 239 20.46 -38.08 -11.58
CA ALA A 239 20.42 -39.35 -10.87
C ALA A 239 19.68 -39.34 -9.53
N ALA A 240 19.03 -40.48 -9.23
CA ALA A 240 18.32 -40.70 -7.98
C ALA A 240 19.32 -41.35 -7.00
N VAL A 241 20.23 -40.52 -6.44
CA VAL A 241 21.28 -40.94 -5.49
C VAL A 241 20.65 -41.59 -4.25
N ASP A 242 21.02 -42.86 -3.99
CA ASP A 242 20.46 -43.67 -2.91
C ASP A 242 21.34 -43.71 -1.64
N LEU A 243 22.26 -42.73 -1.50
CA LEU A 243 23.15 -42.66 -0.35
C LEU A 243 22.40 -42.31 0.93
N PRO A 244 22.74 -42.93 2.09
CA PRO A 244 21.98 -42.64 3.32
C PRO A 244 22.08 -41.18 3.77
N ALA A 245 21.01 -40.72 4.42
CA ALA A 245 20.87 -39.36 4.95
C ALA A 245 22.05 -39.07 5.88
N VAL A 246 22.24 -39.96 6.86
CA VAL A 246 23.29 -39.89 7.86
C VAL A 246 24.19 -41.11 7.62
N SER A 247 25.39 -40.87 7.07
CA SER A 247 26.38 -41.90 6.77
C SER A 247 27.06 -42.43 8.04
N GLU A 248 27.91 -43.47 7.90
CA GLU A 248 28.65 -44.05 9.02
C GLU A 248 29.66 -43.07 9.54
N LYS A 249 30.26 -42.28 8.66
CA LYS A 249 31.19 -41.20 8.99
C LYS A 249 30.43 -40.08 9.75
N ASP A 250 29.19 -39.77 9.31
CA ASP A 250 28.33 -38.74 9.93
C ASP A 250 28.01 -39.08 11.37
N ILE A 251 27.63 -40.35 11.64
CA ILE A 251 27.36 -40.86 12.99
C ILE A 251 28.57 -40.67 13.86
N GLN A 252 29.80 -40.96 13.37
CA GLN A 252 31.01 -40.75 14.18
C GLN A 252 31.26 -39.27 14.49
N ASP A 253 31.02 -38.40 13.50
CA ASP A 253 31.22 -36.94 13.58
C ASP A 253 30.21 -36.25 14.45
N LEU A 254 28.95 -36.68 14.36
CA LEU A 254 27.85 -36.15 15.18
C LEU A 254 28.09 -36.48 16.65
N LYS A 255 28.54 -37.75 16.92
CA LYS A 255 28.93 -38.20 18.25
C LYS A 255 30.03 -37.29 18.77
N PHE A 256 31.09 -37.09 17.98
CA PHE A 256 32.21 -36.20 18.36
C PHE A 256 31.72 -34.77 18.65
N GLY A 257 30.72 -34.31 17.87
CA GLY A 257 30.11 -32.98 18.06
C GLY A 257 29.45 -32.81 19.41
N VAL A 258 28.80 -33.87 19.91
CA VAL A 258 28.13 -33.87 21.21
C VAL A 258 29.21 -33.82 22.30
N GLU A 259 30.22 -34.70 22.19
CA GLU A 259 31.37 -34.76 23.12
C GLU A 259 32.09 -33.42 23.19
N GLN A 260 32.20 -32.73 22.03
CA GLN A 260 32.91 -31.44 21.92
C GLN A 260 32.04 -30.24 22.27
N ASP A 261 30.73 -30.45 22.60
CA ASP A 261 29.78 -29.40 23.03
C ASP A 261 29.61 -28.29 21.97
N VAL A 262 29.43 -28.73 20.71
CA VAL A 262 29.20 -27.79 19.61
C VAL A 262 27.79 -27.17 19.77
N ASP A 263 27.58 -25.99 19.20
CA ASP A 263 26.30 -25.28 19.36
C ASP A 263 25.27 -25.64 18.30
N MET A 264 25.77 -26.07 17.14
CA MET A 264 24.93 -26.35 15.98
C MET A 264 25.57 -27.30 14.99
N VAL A 265 24.70 -27.96 14.26
CA VAL A 265 25.04 -28.86 13.19
C VAL A 265 24.42 -28.32 11.88
N PHE A 266 25.27 -28.18 10.84
CA PHE A 266 24.85 -27.79 9.50
C PHE A 266 24.82 -29.15 8.79
N ALA A 267 23.62 -29.74 8.63
CA ALA A 267 23.46 -31.05 8.03
C ALA A 267 23.42 -30.98 6.50
N SER A 268 24.45 -31.56 5.86
CA SER A 268 24.58 -31.59 4.41
C SER A 268 23.53 -32.42 3.70
N PHE A 269 23.11 -31.96 2.49
CA PHE A 269 22.21 -32.61 1.55
C PHE A 269 20.87 -33.10 2.12
N ILE A 270 20.17 -32.25 2.90
CA ILE A 270 18.85 -32.57 3.43
C ILE A 270 17.86 -32.52 2.26
N ARG A 271 17.10 -33.63 2.08
CA ARG A 271 16.17 -33.85 0.96
C ARG A 271 14.70 -33.88 1.41
N LYS A 272 14.44 -34.31 2.65
CA LYS A 272 13.06 -34.45 3.16
C LYS A 272 13.07 -34.27 4.67
N ALA A 273 11.88 -34.10 5.28
CA ALA A 273 11.78 -33.90 6.73
C ALA A 273 12.33 -35.10 7.54
N SER A 274 12.21 -36.33 7.00
CA SER A 274 12.68 -37.58 7.62
C SER A 274 14.19 -37.57 7.83
N ASP A 275 14.94 -36.85 6.94
CA ASP A 275 16.39 -36.68 7.01
C ASP A 275 16.73 -35.84 8.22
N VAL A 276 15.91 -34.79 8.49
CA VAL A 276 16.13 -33.87 9.63
C VAL A 276 15.86 -34.65 10.90
N HIS A 277 14.73 -35.39 10.91
CA HIS A 277 14.32 -36.25 12.02
C HIS A 277 15.42 -37.25 12.39
N GLU A 278 16.09 -37.83 11.38
CA GLU A 278 17.20 -38.77 11.50
C GLU A 278 18.39 -38.12 12.21
N VAL A 279 18.79 -36.91 11.78
CA VAL A 279 19.87 -36.15 12.45
C VAL A 279 19.48 -35.91 13.93
N ARG A 280 18.25 -35.43 14.18
CA ARG A 280 17.68 -35.12 15.50
C ARG A 280 17.68 -36.37 16.43
N LYS A 281 17.28 -37.54 15.90
CA LYS A 281 17.28 -38.80 16.63
C LYS A 281 18.72 -39.26 16.90
N VAL A 282 19.64 -39.09 15.92
CA VAL A 282 21.06 -39.47 16.10
C VAL A 282 21.68 -38.66 17.26
N LEU A 283 21.40 -37.34 17.30
CA LEU A 283 21.89 -36.48 18.39
C LEU A 283 21.25 -36.86 19.72
N GLY A 284 20.03 -37.41 19.65
CA GLY A 284 19.25 -37.89 20.79
C GLY A 284 19.13 -36.94 21.96
N GLU A 285 19.14 -37.49 23.19
CA GLU A 285 18.99 -36.70 24.42
C GLU A 285 20.22 -35.82 24.69
N LYS A 286 21.43 -36.39 24.59
CA LYS A 286 22.68 -35.68 24.83
C LYS A 286 22.85 -34.46 23.89
N GLY A 287 22.35 -34.55 22.66
CA GLY A 287 22.42 -33.45 21.70
C GLY A 287 21.13 -32.70 21.43
N LYS A 288 20.12 -32.82 22.33
CA LYS A 288 18.78 -32.22 22.19
C LYS A 288 18.78 -30.67 22.12
N ASN A 289 19.80 -30.01 22.70
CA ASN A 289 19.86 -28.55 22.68
C ASN A 289 20.75 -28.03 21.57
N ILE A 290 21.38 -28.94 20.80
CA ILE A 290 22.20 -28.56 19.64
C ILE A 290 21.23 -28.18 18.49
N LYS A 291 21.39 -26.98 17.94
CA LYS A 291 20.56 -26.52 16.81
C LYS A 291 20.88 -27.20 15.49
N ILE A 292 19.84 -27.66 14.78
CA ILE A 292 19.99 -28.30 13.46
C ILE A 292 19.64 -27.33 12.30
N ILE A 293 20.61 -27.06 11.45
CA ILE A 293 20.50 -26.20 10.28
C ILE A 293 20.57 -27.12 9.06
N SER A 294 19.47 -27.22 8.33
CA SER A 294 19.40 -28.04 7.12
C SER A 294 19.96 -27.27 5.93
N LYS A 295 20.93 -27.89 5.25
CA LYS A 295 21.58 -27.39 4.05
C LYS A 295 20.82 -27.90 2.84
N ILE A 296 20.23 -26.95 2.11
CA ILE A 296 19.47 -27.20 0.88
C ILE A 296 20.48 -27.03 -0.24
N GLU A 297 20.79 -28.14 -0.92
CA GLU A 297 21.78 -28.14 -1.98
C GLU A 297 21.42 -29.03 -3.15
N ASN A 298 20.14 -29.39 -3.28
CA ASN A 298 19.67 -30.19 -4.40
C ASN A 298 18.21 -29.88 -4.68
N HIS A 299 17.72 -30.31 -5.83
CA HIS A 299 16.35 -30.11 -6.25
C HIS A 299 15.27 -30.61 -5.28
N GLU A 300 15.43 -31.83 -4.72
CA GLU A 300 14.45 -32.39 -3.78
C GLU A 300 14.26 -31.53 -2.52
N GLY A 301 15.39 -31.03 -2.00
CA GLY A 301 15.43 -30.15 -0.85
C GLY A 301 14.68 -28.87 -1.11
N VAL A 302 14.86 -28.26 -2.33
CA VAL A 302 14.09 -27.06 -2.73
C VAL A 302 12.58 -27.43 -2.77
N ARG A 303 12.27 -28.51 -3.50
CA ARG A 303 10.91 -29.00 -3.68
C ARG A 303 10.20 -29.29 -2.35
N ARG A 304 10.87 -30.00 -1.44
CA ARG A 304 10.31 -30.40 -0.14
C ARG A 304 10.74 -29.44 0.97
N PHE A 305 11.04 -28.18 0.61
CA PHE A 305 11.49 -27.11 1.52
C PHE A 305 10.62 -26.90 2.75
N ASP A 306 9.28 -26.79 2.54
CA ASP A 306 8.37 -26.47 3.64
C ASP A 306 8.42 -27.50 4.79
N GLU A 307 8.39 -28.81 4.49
CA GLU A 307 8.44 -29.83 5.54
C GLU A 307 9.83 -29.89 6.23
N ILE A 308 10.90 -29.54 5.48
CA ILE A 308 12.26 -29.51 5.98
C ILE A 308 12.34 -28.37 6.99
N LEU A 309 11.85 -27.16 6.60
CA LEU A 309 11.83 -25.96 7.42
C LEU A 309 11.11 -26.21 8.76
N GLU A 310 9.94 -26.83 8.70
CA GLU A 310 9.11 -27.11 9.88
C GLU A 310 9.88 -28.04 10.85
N ALA A 311 10.64 -28.98 10.32
CA ALA A 311 11.43 -29.93 11.09
C ALA A 311 12.72 -29.33 11.67
N SER A 312 13.28 -28.29 10.99
CA SER A 312 14.60 -27.73 11.30
C SER A 312 14.65 -26.60 12.29
N ASP A 313 15.83 -26.29 12.81
CA ASP A 313 15.98 -25.14 13.69
C ASP A 313 16.32 -23.92 12.84
N GLY A 314 16.74 -24.17 11.61
CA GLY A 314 17.10 -23.13 10.67
C GLY A 314 17.58 -23.72 9.36
N ILE A 315 17.89 -22.84 8.40
CA ILE A 315 18.29 -23.27 7.05
C ILE A 315 19.62 -22.66 6.55
N MET A 316 20.36 -23.45 5.71
CA MET A 316 21.48 -22.91 4.96
C MET A 316 21.15 -22.98 3.48
N VAL A 317 21.20 -21.80 2.79
CA VAL A 317 21.11 -21.77 1.34
C VAL A 317 22.58 -22.14 0.90
N ALA A 318 22.80 -23.43 0.58
CA ALA A 318 24.10 -24.00 0.21
C ALA A 318 24.28 -23.93 -1.30
N ARG A 319 24.58 -22.72 -1.74
CA ARG A 319 24.65 -22.34 -3.15
C ARG A 319 25.68 -23.08 -3.96
N GLY A 320 26.76 -23.51 -3.35
CA GLY A 320 27.81 -24.29 -4.02
C GLY A 320 27.22 -25.48 -4.75
N ASP A 321 26.79 -26.50 -3.99
CA ASP A 321 26.19 -27.69 -4.58
C ASP A 321 24.90 -27.41 -5.31
N LEU A 322 24.03 -26.58 -4.73
CA LEU A 322 22.77 -26.19 -5.34
C LEU A 322 22.96 -25.67 -6.78
N GLY A 323 24.01 -24.90 -7.01
CA GLY A 323 24.31 -24.38 -8.35
C GLY A 323 24.87 -25.37 -9.35
N ILE A 324 25.17 -26.60 -8.89
CA ILE A 324 25.61 -27.68 -9.76
C ILE A 324 24.38 -28.54 -10.01
N GLU A 325 23.65 -28.92 -8.94
CA GLU A 325 22.42 -29.75 -8.98
C GLU A 325 21.29 -29.18 -9.82
N ILE A 326 21.05 -27.85 -9.73
CA ILE A 326 20.02 -27.19 -10.55
C ILE A 326 20.76 -26.20 -11.47
N PRO A 327 20.18 -25.69 -12.60
CA PRO A 327 20.93 -24.70 -13.43
C PRO A 327 21.38 -23.51 -12.60
N ALA A 328 22.64 -23.07 -12.79
CA ALA A 328 23.21 -21.98 -11.99
C ALA A 328 22.39 -20.67 -12.04
N GLU A 329 21.66 -20.42 -13.13
CA GLU A 329 20.83 -19.22 -13.32
C GLU A 329 19.57 -19.19 -12.44
N LYS A 330 19.20 -20.35 -11.86
CA LYS A 330 17.99 -20.50 -11.03
C LYS A 330 18.26 -20.38 -9.53
N VAL A 331 19.55 -20.34 -9.14
CA VAL A 331 20.01 -20.30 -7.74
C VAL A 331 19.39 -19.14 -6.95
N PHE A 332 19.37 -17.89 -7.54
CA PHE A 332 18.83 -16.68 -6.90
C PHE A 332 17.35 -16.79 -6.58
N LEU A 333 16.62 -17.55 -7.39
CA LEU A 333 15.19 -17.83 -7.17
C LEU A 333 15.06 -18.70 -5.93
N ALA A 334 15.85 -19.78 -5.84
CA ALA A 334 15.82 -20.72 -4.70
C ALA A 334 16.27 -20.00 -3.45
N GLN A 335 17.32 -19.14 -3.57
CA GLN A 335 17.83 -18.32 -2.46
C GLN A 335 16.76 -17.37 -1.90
N LYS A 336 16.08 -16.62 -2.76
CA LYS A 336 15.06 -15.66 -2.27
C LYS A 336 13.81 -16.35 -1.77
N MET A 337 13.41 -17.47 -2.39
CA MET A 337 12.26 -18.25 -1.92
C MET A 337 12.59 -18.73 -0.46
N MET A 338 13.81 -19.26 -0.26
CA MET A 338 14.21 -19.78 1.06
C MET A 338 14.36 -18.69 2.13
N ILE A 339 14.92 -17.53 1.77
CA ILE A 339 15.04 -16.42 2.72
C ILE A 339 13.65 -15.89 3.12
N GLY A 340 12.77 -15.69 2.14
CA GLY A 340 11.41 -15.20 2.39
C GLY A 340 10.63 -16.15 3.29
N ARG A 341 10.66 -17.44 2.97
CA ARG A 341 9.98 -18.48 3.74
C ARG A 341 10.52 -18.63 5.16
N CYS A 342 11.83 -18.43 5.36
CA CYS A 342 12.46 -18.48 6.68
C CYS A 342 12.10 -17.28 7.50
N ASN A 343 12.10 -16.08 6.84
CA ASN A 343 11.69 -14.81 7.45
C ASN A 343 10.19 -14.91 7.87
N ARG A 344 9.35 -15.47 7.01
CA ARG A 344 7.92 -15.65 7.26
C ARG A 344 7.70 -16.61 8.46
N ALA A 345 8.61 -17.61 8.62
CA ALA A 345 8.52 -18.58 9.71
C ALA A 345 9.29 -18.19 10.97
N GLY A 346 10.10 -17.13 10.89
CA GLY A 346 10.93 -16.68 12.00
C GLY A 346 12.06 -17.66 12.35
N LYS A 347 12.48 -18.49 11.38
CA LYS A 347 13.57 -19.43 11.60
C LYS A 347 14.82 -18.90 10.91
N PRO A 348 16.01 -19.03 11.55
CA PRO A 348 17.23 -18.47 10.93
C PRO A 348 17.56 -19.00 9.52
N VAL A 349 18.02 -18.09 8.64
CA VAL A 349 18.48 -18.47 7.31
C VAL A 349 19.93 -17.98 7.09
N ILE A 350 20.80 -18.87 6.58
CA ILE A 350 22.22 -18.58 6.29
C ILE A 350 22.43 -18.56 4.78
N CYS A 351 23.05 -17.49 4.26
CA CYS A 351 23.41 -17.46 2.84
C CYS A 351 24.89 -17.85 2.81
N ALA A 352 25.22 -18.82 1.97
CA ALA A 352 26.57 -19.35 1.91
C ALA A 352 27.14 -19.48 0.50
N THR A 353 28.49 -19.63 0.45
CA THR A 353 29.34 -20.02 -0.66
C THR A 353 29.63 -18.95 -1.70
N GLN A 354 30.95 -18.72 -1.89
CA GLN A 354 31.58 -17.85 -2.87
C GLN A 354 31.15 -16.44 -2.80
N MET A 355 30.73 -16.01 -1.60
CA MET A 355 30.29 -14.64 -1.38
C MET A 355 31.41 -13.65 -1.64
N LEU A 356 32.65 -13.99 -1.20
CA LEU A 356 33.83 -13.14 -1.43
C LEU A 356 35.00 -13.94 -1.97
N GLU A 357 34.69 -14.90 -2.84
CA GLU A 357 35.60 -15.91 -3.41
C GLU A 357 36.96 -15.40 -3.90
N SER A 358 36.99 -14.28 -4.64
CA SER A 358 38.24 -13.72 -5.18
C SER A 358 39.21 -13.40 -4.08
N MET A 359 38.70 -13.17 -2.86
CA MET A 359 39.50 -12.81 -1.69
C MET A 359 40.36 -13.96 -1.12
N ILE A 360 40.21 -15.20 -1.66
CA ILE A 360 41.11 -16.31 -1.31
C ILE A 360 42.52 -15.91 -1.80
N LYS A 361 42.59 -15.25 -2.99
CA LYS A 361 43.82 -14.81 -3.64
C LYS A 361 44.03 -13.29 -3.64
N LYS A 362 42.95 -12.47 -3.47
CA LYS A 362 43.11 -11.00 -3.48
C LYS A 362 42.68 -10.30 -2.18
N PRO A 363 43.35 -9.18 -1.76
CA PRO A 363 42.95 -8.49 -0.51
C PRO A 363 41.68 -7.63 -0.63
N ARG A 364 41.09 -7.57 -1.85
CA ARG A 364 39.91 -6.76 -2.15
C ARG A 364 38.94 -7.59 -2.98
N PRO A 365 37.62 -7.48 -2.70
CA PRO A 365 36.67 -8.31 -3.46
C PRO A 365 36.33 -7.71 -4.82
N THR A 366 35.65 -8.49 -5.66
CA THR A 366 35.16 -7.99 -6.93
C THR A 366 33.83 -7.24 -6.62
N ARG A 367 33.36 -6.41 -7.56
CA ARG A 367 32.11 -5.65 -7.41
C ARG A 367 30.93 -6.59 -7.35
N ALA A 368 30.99 -7.71 -8.09
CA ALA A 368 29.93 -8.72 -8.02
C ALA A 368 29.80 -9.32 -6.61
N GLU A 369 30.91 -9.48 -5.91
CA GLU A 369 31.00 -10.02 -4.55
C GLU A 369 30.45 -9.05 -3.50
N GLY A 370 30.81 -7.76 -3.62
CA GLY A 370 30.29 -6.72 -2.75
C GLY A 370 28.78 -6.70 -2.85
N SER A 371 28.28 -6.74 -4.08
CA SER A 371 26.88 -6.79 -4.44
C SER A 371 26.13 -7.96 -3.78
N ASP A 372 26.64 -9.20 -3.95
CA ASP A 372 26.11 -10.45 -3.40
C ASP A 372 25.94 -10.39 -1.91
N VAL A 373 26.98 -9.91 -1.20
CA VAL A 373 26.90 -9.78 0.25
C VAL A 373 25.75 -8.83 0.61
N ALA A 374 25.71 -7.62 -0.03
CA ALA A 374 24.71 -6.60 0.27
C ALA A 374 23.31 -7.09 0.01
N ASN A 375 23.13 -7.79 -1.09
CA ASN A 375 21.87 -8.34 -1.54
C ASN A 375 21.38 -9.49 -0.67
N ALA A 376 22.29 -10.32 -0.09
CA ALA A 376 21.91 -11.40 0.85
C ALA A 376 21.33 -10.74 2.10
N VAL A 377 21.96 -9.64 2.56
CA VAL A 377 21.49 -8.88 3.70
C VAL A 377 20.10 -8.22 3.37
N LEU A 378 19.99 -7.53 2.19
CA LEU A 378 18.75 -6.91 1.75
C LEU A 378 17.61 -7.94 1.60
N ASP A 379 17.92 -9.16 1.09
CA ASP A 379 16.94 -10.25 0.95
C ASP A 379 16.29 -10.64 2.30
N GLY A 380 17.03 -10.50 3.41
CA GLY A 380 16.63 -10.89 4.76
C GLY A 380 17.44 -12.03 5.41
N ALA A 381 18.62 -12.39 4.85
CA ALA A 381 19.46 -13.45 5.43
C ALA A 381 19.95 -13.13 6.86
N ASP A 382 19.70 -14.05 7.82
CA ASP A 382 20.12 -13.82 9.21
C ASP A 382 21.62 -13.78 9.40
N CYS A 383 22.31 -14.59 8.57
CA CYS A 383 23.74 -14.83 8.59
C CYS A 383 24.26 -14.91 7.22
N ILE A 384 25.54 -14.58 7.09
CA ILE A 384 26.31 -14.69 5.85
C ILE A 384 27.54 -15.53 6.18
N MET A 385 28.09 -16.24 5.19
CA MET A 385 29.18 -17.18 5.49
C MET A 385 30.41 -17.05 4.62
N LEU A 386 31.59 -17.43 5.19
CA LEU A 386 32.88 -17.47 4.50
C LEU A 386 33.45 -18.89 4.57
N SER A 387 33.85 -19.44 3.41
CA SER A 387 34.40 -20.78 3.31
C SER A 387 35.92 -20.72 3.08
N GLY A 388 36.40 -20.91 1.85
CA GLY A 388 37.82 -20.86 1.52
C GLY A 388 38.46 -19.52 1.82
N GLU A 389 37.64 -18.44 1.83
CA GLU A 389 38.09 -17.07 2.12
C GLU A 389 38.73 -16.97 3.49
N THR A 390 38.23 -17.76 4.46
CA THR A 390 38.79 -17.78 5.82
C THR A 390 39.54 -19.06 6.12
N ALA A 391 39.09 -20.20 5.58
CA ALA A 391 39.69 -21.51 5.84
C ALA A 391 41.12 -21.64 5.28
N LYS A 392 41.35 -21.24 4.03
CA LYS A 392 42.63 -21.45 3.37
C LYS A 392 43.21 -20.26 2.59
N GLY A 393 42.47 -19.15 2.51
CA GLY A 393 42.89 -18.00 1.73
C GLY A 393 44.02 -17.18 2.30
N ASP A 394 44.58 -16.27 1.47
CA ASP A 394 45.70 -15.41 1.85
C ASP A 394 45.28 -14.19 2.65
N TYR A 395 43.97 -13.86 2.67
CA TYR A 395 43.46 -12.68 3.37
C TYR A 395 42.19 -13.00 4.19
N PRO A 396 42.31 -13.88 5.22
CA PRO A 396 41.13 -14.25 6.01
C PRO A 396 40.55 -13.13 6.87
N LEU A 397 41.40 -12.21 7.36
CA LEU A 397 40.92 -11.11 8.20
C LEU A 397 40.24 -10.03 7.37
N GLU A 398 40.75 -9.79 6.14
CA GLU A 398 40.20 -8.83 5.20
C GLU A 398 38.80 -9.28 4.74
N ALA A 399 38.60 -10.61 4.58
CA ALA A 399 37.30 -11.15 4.17
C ALA A 399 36.23 -10.93 5.28
N VAL A 400 36.61 -11.15 6.56
CA VAL A 400 35.75 -10.93 7.73
C VAL A 400 35.38 -9.47 7.80
N ARG A 401 36.38 -8.59 7.74
CA ARG A 401 36.20 -7.13 7.77
C ARG A 401 35.27 -6.62 6.69
N MET A 402 35.45 -7.09 5.43
CA MET A 402 34.60 -6.73 4.29
C MET A 402 33.13 -7.12 4.52
N GLN A 403 32.86 -8.38 4.97
CA GLN A 403 31.48 -8.83 5.27
C GLN A 403 30.88 -7.93 6.36
N HIS A 404 31.66 -7.58 7.40
CA HIS A 404 31.22 -6.66 8.45
C HIS A 404 30.81 -5.28 7.83
N LEU A 405 31.69 -4.69 6.98
CA LEU A 405 31.47 -3.38 6.35
C LEU A 405 30.25 -3.33 5.45
N ILE A 406 30.10 -4.32 4.54
CA ILE A 406 28.97 -4.39 3.64
C ILE A 406 27.63 -4.59 4.40
N ALA A 407 27.58 -5.59 5.30
CA ALA A 407 26.40 -5.97 6.10
C ALA A 407 25.76 -4.76 6.79
N ARG A 408 26.57 -3.97 7.49
CA ARG A 408 26.17 -2.78 8.26
C ARG A 408 25.63 -1.72 7.30
N GLU A 409 26.31 -1.52 6.15
CA GLU A 409 25.82 -0.60 5.12
C GLU A 409 24.47 -1.06 4.61
N ALA A 410 24.36 -2.37 4.27
CA ALA A 410 23.13 -2.95 3.75
C ALA A 410 21.99 -3.01 4.76
N GLU A 411 22.28 -3.05 6.06
CA GLU A 411 21.23 -3.11 7.07
C GLU A 411 20.47 -1.76 7.15
N ALA A 412 21.21 -0.65 6.98
CA ALA A 412 20.64 0.71 6.95
C ALA A 412 19.82 0.91 5.68
N ALA A 413 20.27 0.29 4.57
CA ALA A 413 19.60 0.36 3.26
C ALA A 413 18.26 -0.42 3.20
N ILE A 414 17.96 -1.28 4.17
CA ILE A 414 16.69 -2.05 4.20
C ILE A 414 15.46 -1.12 4.22
N TYR A 415 14.40 -1.50 3.53
CA TYR A 415 13.14 -0.76 3.49
C TYR A 415 12.22 -1.30 4.60
N HIS A 416 12.58 -0.95 5.86
CA HIS A 416 11.90 -1.33 7.12
C HIS A 416 10.40 -1.00 7.12
N LEU A 417 10.02 0.13 6.50
CA LEU A 417 8.61 0.54 6.39
C LEU A 417 7.76 -0.55 5.74
N GLN A 418 8.20 -1.09 4.57
CA GLN A 418 7.49 -2.19 3.91
C GLN A 418 7.71 -3.53 4.61
N LEU A 419 8.96 -3.82 5.00
CA LEU A 419 9.30 -5.08 5.66
C LEU A 419 8.49 -5.33 6.95
N PHE A 420 8.48 -4.36 7.86
CA PHE A 420 7.74 -4.45 9.13
C PHE A 420 6.20 -4.58 8.92
N GLU A 421 5.63 -3.83 7.95
CA GLU A 421 4.20 -3.90 7.61
C GLU A 421 3.82 -5.30 7.09
N GLU A 422 4.65 -5.86 6.20
CA GLU A 422 4.44 -7.18 5.63
C GLU A 422 4.63 -8.29 6.65
N LEU A 423 5.63 -8.15 7.55
CA LEU A 423 5.86 -9.13 8.62
C LEU A 423 4.68 -9.17 9.59
N ARG A 424 4.12 -8.00 9.94
CA ARG A 424 2.93 -7.86 10.82
C ARG A 424 1.69 -8.51 10.18
N ARG A 425 1.40 -8.14 8.90
CA ARG A 425 0.24 -8.62 8.16
C ARG A 425 0.28 -10.11 7.90
N LEU A 426 1.48 -10.67 7.66
CA LEU A 426 1.61 -12.09 7.34
C LEU A 426 1.68 -12.98 8.58
N ALA A 427 1.93 -12.40 9.75
CA ALA A 427 1.99 -13.16 10.99
C ALA A 427 0.58 -13.28 11.61
N PRO A 428 0.21 -14.48 12.13
CA PRO A 428 -1.14 -14.65 12.69
C PRO A 428 -1.41 -13.91 14.00
N ILE A 429 -2.70 -13.66 14.29
CA ILE A 429 -3.15 -13.08 15.55
C ILE A 429 -3.11 -14.26 16.52
N THR A 430 -2.37 -14.11 17.62
CA THR A 430 -2.21 -15.17 18.62
C THR A 430 -2.45 -14.65 20.05
N SER A 431 -2.84 -15.57 20.94
CA SER A 431 -3.13 -15.32 22.36
C SER A 431 -1.84 -15.34 23.17
N ASP A 432 -0.68 -15.58 22.51
CA ASP A 432 0.62 -15.66 23.15
C ASP A 432 1.08 -14.28 23.62
N PRO A 433 1.20 -14.08 24.95
CA PRO A 433 1.59 -12.75 25.47
C PRO A 433 2.95 -12.29 25.01
N THR A 434 3.90 -13.24 24.93
CA THR A 434 5.30 -13.02 24.56
C THR A 434 5.44 -12.46 23.13
N GLU A 435 4.63 -12.97 22.19
CA GLU A 435 4.66 -12.53 20.78
C GLU A 435 4.16 -11.07 20.63
N ALA A 436 3.06 -10.73 21.36
CA ALA A 436 2.45 -9.39 21.39
C ALA A 436 3.43 -8.34 21.97
N THR A 437 4.13 -8.69 23.06
CA THR A 437 5.16 -7.85 23.69
C THR A 437 6.29 -7.63 22.69
N ALA A 438 6.72 -8.72 21.99
CA ALA A 438 7.78 -8.69 20.99
C ALA A 438 7.46 -7.72 19.86
N VAL A 439 6.23 -7.72 19.34
CA VAL A 439 5.88 -6.83 18.25
C VAL A 439 5.68 -5.38 18.77
N GLY A 440 5.08 -5.21 19.96
CA GLY A 440 4.93 -3.91 20.62
C GLY A 440 6.29 -3.25 20.84
N ALA A 441 7.26 -4.04 21.29
CA ALA A 441 8.64 -3.59 21.51
C ALA A 441 9.27 -3.08 20.22
N VAL A 442 9.10 -3.82 19.10
CA VAL A 442 9.65 -3.45 17.77
C VAL A 442 8.98 -2.15 17.27
N GLU A 443 7.65 -2.06 17.45
CA GLU A 443 6.90 -0.87 17.11
C GLU A 443 7.45 0.35 17.87
N ALA A 444 7.63 0.20 19.21
CA ALA A 444 8.17 1.26 20.05
C ALA A 444 9.59 1.66 19.56
N SER A 445 10.44 0.66 19.19
CA SER A 445 11.82 0.91 18.76
C SER A 445 11.91 1.74 17.48
N PHE A 446 10.94 1.57 16.53
CA PHE A 446 10.87 2.37 15.31
C PHE A 446 10.41 3.81 15.63
N LYS A 447 9.40 3.95 16.51
CA LYS A 447 8.80 5.24 16.90
C LYS A 447 9.80 6.23 17.53
N CYS A 448 10.66 5.73 18.43
CA CYS A 448 11.67 6.57 19.08
C CYS A 448 13.09 6.37 18.51
N CYS A 449 13.25 5.58 17.39
CA CYS A 449 14.54 5.29 16.75
C CYS A 449 15.55 4.87 17.85
N SER A 450 15.13 3.88 18.69
CA SER A 450 15.88 3.42 19.87
C SER A 450 17.27 2.90 19.52
N GLY A 451 18.20 3.07 20.45
CA GLY A 451 19.58 2.65 20.26
C GLY A 451 19.72 1.14 20.35
N ALA A 452 18.75 0.46 21.01
CA ALA A 452 18.73 -0.99 21.21
C ALA A 452 17.40 -1.46 21.79
N ILE A 453 17.19 -2.78 21.79
CA ILE A 453 16.08 -3.48 22.44
C ILE A 453 16.82 -4.48 23.34
N ILE A 454 16.75 -4.27 24.64
CA ILE A 454 17.41 -5.11 25.62
C ILE A 454 16.42 -6.20 26.00
N VAL A 455 16.85 -7.48 25.87
CA VAL A 455 15.96 -8.61 26.15
C VAL A 455 16.60 -9.57 27.14
N LEU A 456 15.88 -9.89 28.24
CA LEU A 456 16.36 -10.89 29.21
C LEU A 456 15.84 -12.22 28.74
N THR A 457 16.75 -13.17 28.49
CA THR A 457 16.31 -14.47 27.97
C THR A 457 17.12 -15.61 28.53
N LYS A 458 16.47 -16.74 28.84
CA LYS A 458 17.13 -17.94 29.35
C LYS A 458 17.48 -18.88 28.21
N SER A 459 16.50 -19.18 27.34
CA SER A 459 16.63 -20.08 26.19
C SER A 459 16.96 -19.36 24.85
N GLY A 460 16.74 -18.05 24.80
CA GLY A 460 16.89 -17.26 23.59
C GLY A 460 15.57 -16.87 22.95
N ARG A 461 14.48 -17.69 23.16
CA ARG A 461 13.15 -17.47 22.54
C ARG A 461 12.64 -16.04 22.50
N SER A 462 12.74 -15.31 23.63
CA SER A 462 12.23 -13.95 23.70
C SER A 462 12.94 -13.03 22.75
N ALA A 463 14.29 -13.14 22.64
CA ALA A 463 15.07 -12.33 21.71
C ALA A 463 14.82 -12.80 20.28
N HIS A 464 14.57 -14.12 20.07
CA HIS A 464 14.24 -14.69 18.75
C HIS A 464 12.93 -14.11 18.24
N GLN A 465 11.91 -14.02 19.14
CA GLN A 465 10.58 -13.46 18.82
C GLN A 465 10.66 -11.99 18.36
N VAL A 466 11.64 -11.22 18.88
CA VAL A 466 11.89 -9.82 18.52
C VAL A 466 12.59 -9.75 17.14
N ALA A 467 13.61 -10.60 16.89
CA ALA A 467 14.40 -10.63 15.64
C ALA A 467 13.52 -10.91 14.43
N ARG A 468 12.52 -11.76 14.59
CA ARG A 468 11.48 -12.14 13.61
C ARG A 468 10.81 -10.91 12.95
N TYR A 469 10.62 -9.83 13.75
CA TYR A 469 9.97 -8.58 13.31
C TYR A 469 10.93 -7.58 12.69
N ARG A 470 12.20 -7.96 12.63
CA ARG A 470 13.29 -7.24 11.95
C ARG A 470 13.45 -5.75 12.30
N PRO A 471 13.65 -5.38 13.60
CA PRO A 471 13.88 -3.96 13.93
C PRO A 471 15.22 -3.45 13.42
N ARG A 472 15.33 -2.15 13.24
CA ARG A 472 16.55 -1.47 12.85
C ARG A 472 17.55 -1.47 14.05
N ALA A 473 17.05 -1.24 15.28
CA ALA A 473 17.86 -1.22 16.51
C ALA A 473 18.41 -2.60 16.83
N PRO A 474 19.68 -2.71 17.30
CA PRO A 474 20.23 -4.03 17.67
C PRO A 474 19.53 -4.60 18.91
N ILE A 475 19.47 -5.92 19.00
CA ILE A 475 18.81 -6.60 20.13
C ILE A 475 19.88 -7.10 21.07
N ILE A 476 20.02 -6.48 22.23
CA ILE A 476 21.05 -6.91 23.18
C ILE A 476 20.42 -8.01 24.04
N ALA A 477 20.78 -9.26 23.75
CA ALA A 477 20.18 -10.37 24.50
C ALA A 477 21.03 -10.74 25.72
N VAL A 478 20.50 -10.45 26.92
CA VAL A 478 21.22 -10.76 28.15
C VAL A 478 20.77 -12.13 28.64
N THR A 479 21.75 -13.03 28.83
CA THR A 479 21.54 -14.39 29.33
C THR A 479 22.69 -14.82 30.27
N ARG A 480 22.39 -15.82 31.13
CA ARG A 480 23.40 -16.41 32.02
C ARG A 480 23.87 -17.75 31.43
N ASN A 481 23.10 -18.25 30.43
CA ASN A 481 23.33 -19.49 29.70
C ASN A 481 24.33 -19.27 28.56
N PRO A 482 25.52 -19.90 28.65
CA PRO A 482 26.54 -19.71 27.61
C PRO A 482 26.13 -20.27 26.25
N GLN A 483 25.39 -21.41 26.25
CA GLN A 483 24.92 -22.01 25.01
C GLN A 483 23.94 -21.08 24.27
N THR A 484 22.93 -20.53 25.00
CA THR A 484 21.96 -19.56 24.48
C THR A 484 22.72 -18.40 23.82
N ALA A 485 23.68 -17.79 24.56
CA ALA A 485 24.54 -16.68 24.10
C ALA A 485 25.24 -17.02 22.79
N ARG A 486 25.77 -18.22 22.65
CA ARG A 486 26.43 -18.67 21.42
C ARG A 486 25.43 -18.87 20.28
N GLN A 487 24.33 -19.60 20.56
CA GLN A 487 23.29 -19.94 19.58
C GLN A 487 22.48 -18.73 19.06
N ALA A 488 22.41 -17.62 19.83
CA ALA A 488 21.69 -16.39 19.47
C ALA A 488 22.29 -15.70 18.26
N HIS A 489 23.58 -15.94 17.97
CA HIS A 489 24.26 -15.44 16.77
C HIS A 489 23.56 -15.84 15.44
N LEU A 490 22.75 -16.89 15.46
CA LEU A 490 22.00 -17.32 14.27
C LEU A 490 20.92 -16.35 13.80
N TYR A 491 20.43 -15.46 14.69
CA TYR A 491 19.36 -14.51 14.43
C TYR A 491 19.86 -13.12 14.14
N ARG A 492 19.31 -12.52 13.09
CA ARG A 492 19.60 -11.17 12.65
C ARG A 492 19.31 -10.20 13.79
N GLY A 493 20.27 -9.34 14.10
CA GLY A 493 20.12 -8.28 15.09
C GLY A 493 20.52 -8.61 16.50
N ILE A 494 20.53 -9.92 16.84
CA ILE A 494 20.86 -10.33 18.19
C ILE A 494 22.36 -10.17 18.46
N PHE A 495 22.64 -9.35 19.46
CA PHE A 495 23.95 -9.04 19.98
C PHE A 495 23.96 -9.72 21.36
N PRO A 496 24.38 -11.00 21.45
CA PRO A 496 24.32 -11.69 22.75
C PRO A 496 25.40 -11.28 23.74
N VAL A 497 25.00 -11.17 25.00
CA VAL A 497 25.87 -10.84 26.12
C VAL A 497 25.68 -11.87 27.22
N LEU A 498 26.82 -12.36 27.75
CA LEU A 498 26.83 -13.38 28.79
C LEU A 498 27.12 -12.75 30.15
N CYS A 499 26.09 -12.73 30.98
CA CYS A 499 26.11 -12.21 32.34
C CYS A 499 26.78 -13.23 33.27
N LYS A 500 27.86 -12.81 33.94
CA LYS A 500 28.62 -13.68 34.85
C LYS A 500 28.30 -13.38 36.33
N ASP A 501 27.65 -12.23 36.61
CA ASP A 501 27.23 -11.77 37.95
C ASP A 501 26.37 -12.83 38.65
N PRO A 502 26.61 -13.08 39.96
CA PRO A 502 25.81 -14.12 40.65
C PRO A 502 24.36 -13.72 40.85
N VAL A 503 23.51 -14.71 41.04
CA VAL A 503 22.08 -14.53 41.26
C VAL A 503 21.85 -13.89 42.64
N GLN A 504 21.20 -12.72 42.65
CA GLN A 504 20.83 -11.92 43.84
C GLN A 504 19.61 -12.56 44.51
N GLU A 505 19.44 -12.36 45.84
CA GLU A 505 18.32 -12.91 46.64
C GLU A 505 16.98 -12.36 46.16
N ALA A 506 16.91 -11.04 45.91
CA ALA A 506 15.72 -10.36 45.43
C ALA A 506 15.73 -10.39 43.90
N TRP A 507 14.78 -11.15 43.30
CA TRP A 507 14.64 -11.38 41.86
C TRP A 507 14.58 -10.10 41.04
N ALA A 508 13.80 -9.09 41.51
CA ALA A 508 13.69 -7.78 40.87
C ALA A 508 15.06 -7.08 40.78
N GLU A 509 15.92 -7.25 41.81
CA GLU A 509 17.27 -6.66 41.81
C GLU A 509 18.17 -7.43 40.82
N ASP A 510 17.98 -8.75 40.70
CA ASP A 510 18.70 -9.59 39.74
C ASP A 510 18.37 -9.18 38.28
N VAL A 511 17.07 -8.86 38.01
CA VAL A 511 16.54 -8.39 36.74
C VAL A 511 17.23 -7.05 36.38
N ASP A 512 17.17 -6.06 37.29
CA ASP A 512 17.76 -4.73 37.08
C ASP A 512 19.28 -4.76 36.87
N LEU A 513 19.95 -5.78 37.45
CA LEU A 513 21.38 -5.98 37.36
C LEU A 513 21.78 -6.38 35.91
N ARG A 514 20.94 -7.23 35.27
CA ARG A 514 21.16 -7.70 33.90
C ARG A 514 20.85 -6.60 32.87
N VAL A 515 19.82 -5.81 33.15
CA VAL A 515 19.44 -4.65 32.35
C VAL A 515 20.61 -3.66 32.39
N ASN A 516 21.16 -3.36 33.60
CA ASN A 516 22.29 -2.44 33.74
C ASN A 516 23.56 -2.95 33.09
N PHE A 517 23.73 -4.27 33.08
CA PHE A 517 24.83 -4.95 32.41
C PHE A 517 24.75 -4.69 30.89
N ALA A 518 23.53 -4.73 30.31
CA ALA A 518 23.29 -4.45 28.90
C ALA A 518 23.47 -2.97 28.59
N MET A 519 23.13 -2.08 29.54
CA MET A 519 23.36 -0.63 29.41
C MET A 519 24.86 -0.37 29.31
N ASN A 520 25.64 -1.09 30.12
CA ASN A 520 27.09 -0.98 30.18
C ASN A 520 27.75 -1.44 28.90
N VAL A 521 27.26 -2.56 28.34
CA VAL A 521 27.77 -3.12 27.09
C VAL A 521 27.55 -2.15 25.93
N GLY A 522 26.30 -1.73 25.73
CA GLY A 522 25.90 -0.82 24.67
C GLY A 522 26.68 0.47 24.62
N LYS A 523 26.96 1.07 25.80
CA LYS A 523 27.72 2.32 25.95
C LYS A 523 29.17 2.06 25.59
N ALA A 524 29.74 0.97 26.12
CA ALA A 524 31.12 0.59 25.89
C ALA A 524 31.39 0.27 24.43
N ARG A 525 30.39 -0.29 23.71
CA ARG A 525 30.55 -0.65 22.30
C ARG A 525 30.07 0.44 21.35
N GLY A 526 29.53 1.53 21.93
CA GLY A 526 29.05 2.69 21.20
C GLY A 526 27.73 2.55 20.47
N PHE A 527 26.87 1.61 20.89
CA PHE A 527 25.55 1.44 20.29
C PHE A 527 24.64 2.60 20.69
N PHE A 528 24.94 3.22 21.87
CA PHE A 528 24.21 4.34 22.47
C PHE A 528 25.05 5.01 23.57
N LYS A 529 24.56 6.14 24.09
CA LYS A 529 25.20 6.93 25.16
C LYS A 529 24.13 7.42 26.16
N LYS A 530 24.55 7.91 27.35
CA LYS A 530 23.67 8.44 28.41
C LYS A 530 22.57 9.36 27.86
N GLY A 531 21.33 9.07 28.25
CA GLY A 531 20.17 9.88 27.83
C GLY A 531 19.39 9.33 26.67
N ASP A 532 20.05 8.52 25.79
CA ASP A 532 19.43 7.86 24.63
C ASP A 532 18.30 6.97 25.10
N VAL A 533 17.34 6.66 24.23
CA VAL A 533 16.25 5.80 24.67
C VAL A 533 16.47 4.38 24.16
N VAL A 534 16.19 3.40 25.01
CA VAL A 534 16.26 1.98 24.67
C VAL A 534 14.95 1.29 25.09
N ILE A 535 14.68 0.13 24.49
CA ILE A 535 13.50 -0.68 24.81
C ILE A 535 14.01 -1.82 25.70
N VAL A 536 13.25 -2.21 26.75
CA VAL A 536 13.66 -3.28 27.69
C VAL A 536 12.53 -4.31 27.79
N LEU A 537 12.89 -5.56 27.52
CA LEU A 537 11.98 -6.70 27.58
C LEU A 537 12.30 -7.61 28.75
N THR A 538 11.33 -7.78 29.64
CA THR A 538 11.47 -8.64 30.83
C THR A 538 10.19 -9.43 31.02
N GLY A 539 10.21 -10.34 31.98
CA GLY A 539 9.06 -11.15 32.34
C GLY A 539 8.53 -10.76 33.71
N TRP A 540 7.39 -11.33 34.09
CA TRP A 540 6.72 -11.03 35.36
C TRP A 540 7.08 -12.00 36.53
N ARG A 541 7.82 -13.10 36.25
CA ARG A 541 8.27 -14.12 37.22
C ARG A 541 9.52 -14.89 36.68
N PRO A 542 10.34 -15.63 37.49
CA PRO A 542 11.51 -16.34 36.90
C PRO A 542 11.13 -17.50 36.00
N GLY A 543 12.10 -17.99 35.23
CA GLY A 543 11.93 -19.07 34.28
C GLY A 543 11.51 -18.58 32.92
N SER A 544 11.68 -19.45 31.89
CA SER A 544 11.33 -19.18 30.51
C SER A 544 9.81 -19.15 30.32
N GLY A 545 9.36 -18.36 29.33
CA GLY A 545 7.96 -18.27 28.89
C GLY A 545 7.08 -17.19 29.50
N PHE A 546 7.65 -16.30 30.33
CA PHE A 546 6.86 -15.25 30.98
C PHE A 546 7.18 -13.83 30.51
N THR A 547 7.86 -13.68 29.36
CA THR A 547 8.15 -12.33 28.85
C THR A 547 6.83 -11.63 28.56
N ASN A 548 6.57 -10.51 29.23
CA ASN A 548 5.30 -9.83 29.01
C ASN A 548 5.39 -8.33 29.23
N THR A 549 6.58 -7.85 29.60
CA THR A 549 6.81 -6.46 30.00
C THR A 549 7.76 -5.76 29.05
N MET A 550 7.31 -4.63 28.52
CA MET A 550 8.08 -3.77 27.63
C MET A 550 8.20 -2.39 28.27
N ARG A 551 9.44 -1.91 28.43
CA ARG A 551 9.67 -0.59 29.00
C ARG A 551 10.50 0.28 28.09
N VAL A 552 10.17 1.56 28.02
CA VAL A 552 10.91 2.54 27.23
C VAL A 552 11.72 3.32 28.26
N VAL A 553 13.04 3.06 28.36
CA VAL A 553 13.87 3.68 29.39
C VAL A 553 15.02 4.52 28.84
N PRO A 554 15.45 5.60 29.51
CA PRO A 554 16.62 6.34 29.00
C PRO A 554 17.89 5.65 29.48
N VAL A 555 19.00 5.85 28.75
CA VAL A 555 20.28 5.26 29.11
C VAL A 555 20.84 6.03 30.34
N PRO A 556 21.13 5.36 31.48
CA PRO A 556 21.70 6.06 32.64
C PRO A 556 23.12 6.61 32.35
N ILE B 38 -0.20 -20.22 -15.00
CA ILE B 38 0.28 -19.92 -13.64
C ILE B 38 1.64 -20.55 -13.34
N GLN B 39 1.89 -21.80 -13.81
CA GLN B 39 3.11 -22.56 -13.55
C GLN B 39 4.32 -22.11 -14.39
N THR B 40 4.17 -21.04 -15.20
CA THR B 40 5.28 -20.54 -16.02
C THR B 40 5.48 -19.06 -15.71
N GLN B 41 6.67 -18.54 -16.07
CA GLN B 41 7.02 -17.12 -15.99
C GLN B 41 6.88 -16.50 -14.57
N GLN B 42 6.90 -17.34 -13.50
CA GLN B 42 6.75 -16.88 -12.10
C GLN B 42 5.37 -16.18 -11.90
N LEU B 43 4.35 -16.64 -12.66
CA LEU B 43 3.01 -16.04 -12.61
C LEU B 43 2.31 -16.26 -11.26
N HIS B 44 2.67 -17.33 -10.50
CA HIS B 44 2.11 -17.51 -9.16
C HIS B 44 2.70 -16.43 -8.25
N ALA B 45 4.01 -16.16 -8.39
CA ALA B 45 4.73 -15.13 -7.61
C ALA B 45 4.24 -13.71 -7.99
N ALA B 46 3.85 -13.54 -9.26
CA ALA B 46 3.33 -12.28 -9.80
C ALA B 46 2.03 -11.84 -9.07
N MET B 47 1.20 -12.84 -8.65
CA MET B 47 -0.09 -12.65 -7.98
C MET B 47 -0.02 -12.33 -6.48
N ALA B 48 1.19 -12.32 -5.89
CA ALA B 48 1.30 -12.04 -4.46
C ALA B 48 0.94 -10.62 -4.11
N ASP B 49 0.21 -10.48 -2.99
CA ASP B 49 -0.23 -9.20 -2.47
C ASP B 49 0.87 -8.50 -1.67
N THR B 50 1.97 -9.22 -1.36
CA THR B 50 3.12 -8.62 -0.64
C THR B 50 4.43 -9.02 -1.31
N PHE B 51 5.48 -8.19 -1.12
CA PHE B 51 6.81 -8.50 -1.67
C PHE B 51 7.38 -9.77 -1.00
N LEU B 52 7.18 -9.92 0.32
CA LEU B 52 7.64 -11.07 1.12
C LEU B 52 7.09 -12.37 0.53
N GLU B 53 5.76 -12.45 0.36
CA GLU B 53 5.09 -13.57 -0.26
C GLU B 53 5.51 -13.73 -1.72
N HIS B 54 5.78 -12.62 -2.45
CA HIS B 54 6.23 -12.72 -3.85
C HIS B 54 7.55 -13.54 -3.91
N MET B 55 8.48 -13.20 -2.99
CA MET B 55 9.77 -13.88 -2.76
C MET B 55 9.53 -15.35 -2.32
N CYS B 56 8.59 -15.61 -1.38
CA CYS B 56 8.24 -16.98 -0.94
C CYS B 56 7.77 -17.86 -2.08
N ARG B 57 7.23 -17.25 -3.16
CA ARG B 57 6.67 -18.00 -4.29
C ARG B 57 7.59 -18.16 -5.49
N LEU B 58 8.79 -17.56 -5.45
CA LEU B 58 9.74 -17.69 -6.54
C LEU B 58 9.99 -19.19 -6.71
N ASP B 59 9.75 -19.69 -7.93
CA ASP B 59 9.77 -21.11 -8.24
C ASP B 59 10.81 -21.52 -9.29
N ILE B 60 11.80 -22.35 -8.90
CA ILE B 60 12.82 -22.91 -9.81
C ILE B 60 12.16 -23.84 -10.88
N ASP B 61 10.89 -24.28 -10.65
CA ASP B 61 10.21 -25.13 -11.62
C ASP B 61 9.21 -24.37 -12.51
N SER B 62 9.23 -23.04 -12.45
CA SER B 62 8.38 -22.17 -13.27
C SER B 62 9.25 -21.67 -14.42
N PRO B 63 9.18 -22.31 -15.59
CA PRO B 63 10.09 -21.93 -16.70
C PRO B 63 9.80 -20.57 -17.30
N PRO B 64 10.85 -19.79 -17.65
CA PRO B 64 10.62 -18.48 -18.28
C PRO B 64 10.21 -18.61 -19.75
N ILE B 65 9.69 -17.51 -20.34
CA ILE B 65 9.36 -17.44 -21.78
C ILE B 65 10.69 -17.33 -22.57
N THR B 66 10.59 -17.27 -23.90
CA THR B 66 11.75 -17.12 -24.78
C THR B 66 12.33 -15.70 -24.70
N ALA B 67 11.47 -14.66 -24.64
CA ALA B 67 11.94 -13.27 -24.63
C ALA B 67 12.84 -12.90 -23.46
N ARG B 68 14.01 -12.34 -23.78
CA ARG B 68 14.99 -11.82 -22.86
C ARG B 68 15.06 -10.31 -23.17
N ASN B 69 14.55 -9.50 -22.24
CA ASN B 69 14.37 -8.05 -22.30
C ASN B 69 15.63 -7.19 -22.03
N THR B 70 16.54 -7.64 -21.14
CA THR B 70 17.75 -6.91 -20.75
C THR B 70 18.83 -7.01 -21.86
N GLY B 71 19.26 -5.86 -22.36
CA GLY B 71 20.30 -5.76 -23.38
C GLY B 71 21.63 -6.23 -22.83
N ILE B 72 22.42 -6.94 -23.68
CA ILE B 72 23.74 -7.45 -23.29
C ILE B 72 24.83 -6.73 -24.09
N ILE B 73 25.75 -6.08 -23.37
CA ILE B 73 26.87 -5.34 -23.94
C ILE B 73 28.16 -6.11 -23.73
N CYS B 74 28.83 -6.49 -24.81
CA CYS B 74 30.10 -7.19 -24.70
C CYS B 74 31.27 -6.34 -25.18
N THR B 75 32.30 -6.26 -24.35
CA THR B 75 33.52 -5.57 -24.73
C THR B 75 34.29 -6.52 -25.64
N ILE B 76 34.70 -6.02 -26.81
CA ILE B 76 35.44 -6.79 -27.81
C ILE B 76 36.95 -6.69 -27.55
N GLY B 77 37.65 -7.78 -27.78
CA GLY B 77 39.08 -7.86 -27.55
C GLY B 77 39.69 -9.07 -28.22
N PRO B 78 40.94 -9.46 -27.86
CA PRO B 78 41.60 -10.59 -28.55
C PRO B 78 40.84 -11.90 -28.56
N ALA B 79 39.96 -12.12 -27.55
CA ALA B 79 39.17 -13.35 -27.42
C ALA B 79 37.87 -13.35 -28.24
N SER B 80 37.45 -12.18 -28.75
CA SER B 80 36.16 -12.06 -29.42
C SER B 80 36.14 -11.24 -30.71
N ARG B 81 37.31 -10.70 -31.14
CA ARG B 81 37.47 -9.83 -32.31
C ARG B 81 37.19 -10.44 -33.68
N SER B 82 37.46 -11.74 -33.87
CA SER B 82 37.27 -12.35 -35.19
C SER B 82 35.81 -12.42 -35.59
N VAL B 83 35.54 -12.52 -36.93
CA VAL B 83 34.22 -12.57 -37.54
C VAL B 83 33.47 -13.81 -37.08
N GLU B 84 34.09 -15.00 -37.20
CA GLU B 84 33.56 -16.29 -36.79
C GLU B 84 33.07 -16.25 -35.34
N THR B 85 33.90 -15.70 -34.42
CA THR B 85 33.59 -15.57 -33.00
C THR B 85 32.47 -14.55 -32.81
N LEU B 86 32.55 -13.40 -33.52
CA LEU B 86 31.50 -12.37 -33.43
C LEU B 86 30.15 -12.90 -33.87
N LYS B 87 30.13 -13.85 -34.82
CA LYS B 87 28.89 -14.49 -35.25
C LYS B 87 28.29 -15.34 -34.13
N GLU B 88 29.17 -16.03 -33.38
CA GLU B 88 28.75 -16.87 -32.28
C GLU B 88 28.29 -15.99 -31.09
N MET B 89 28.97 -14.82 -30.89
CA MET B 89 28.65 -13.82 -29.85
C MET B 89 27.22 -13.35 -30.06
N ILE B 90 26.87 -13.02 -31.32
CA ILE B 90 25.54 -12.58 -31.74
C ILE B 90 24.51 -13.68 -31.42
N LYS B 91 24.78 -14.93 -31.84
CA LYS B 91 23.89 -16.09 -31.61
C LYS B 91 23.67 -16.42 -30.12
N SER B 92 24.68 -16.18 -29.29
CA SER B 92 24.65 -16.37 -27.84
C SER B 92 23.89 -15.23 -27.10
N GLY B 93 23.70 -14.08 -27.77
CA GLY B 93 22.94 -12.96 -27.22
C GLY B 93 23.55 -11.58 -27.10
N MET B 94 24.74 -11.33 -27.68
CA MET B 94 25.30 -9.97 -27.66
C MET B 94 24.39 -8.99 -28.44
N ASN B 95 24.10 -7.80 -27.85
CA ASN B 95 23.28 -6.77 -28.52
C ASN B 95 24.12 -5.55 -28.86
N VAL B 96 25.12 -5.26 -28.05
CA VAL B 96 25.98 -4.09 -28.24
C VAL B 96 27.46 -4.53 -28.21
N ALA B 97 28.24 -4.15 -29.23
CA ALA B 97 29.67 -4.44 -29.20
C ALA B 97 30.32 -3.17 -28.65
N ARG B 98 31.08 -3.33 -27.56
CA ARG B 98 31.74 -2.21 -26.90
C ARG B 98 33.22 -2.17 -27.25
N LEU B 99 33.71 -0.99 -27.66
CA LEU B 99 35.12 -0.82 -28.00
C LEU B 99 35.75 0.08 -27.00
N ASN B 100 36.72 -0.47 -26.27
CA ASN B 100 37.43 0.26 -25.23
C ASN B 100 38.58 1.06 -25.84
N PHE B 101 38.46 2.40 -25.85
CA PHE B 101 39.48 3.26 -26.43
C PHE B 101 40.57 3.69 -25.45
N SER B 102 40.70 2.95 -24.32
CA SER B 102 41.75 3.13 -23.33
C SER B 102 43.09 2.74 -23.96
N HIS B 103 43.04 1.80 -24.92
CA HIS B 103 44.18 1.28 -25.67
C HIS B 103 43.74 0.97 -27.10
N GLY B 104 44.70 0.75 -27.99
CA GLY B 104 44.47 0.46 -29.40
C GLY B 104 44.42 1.70 -30.26
N THR B 105 44.80 1.54 -31.53
CA THR B 105 44.82 2.61 -32.52
C THR B 105 43.44 2.71 -33.18
N HIS B 106 43.26 3.76 -34.02
CA HIS B 106 42.05 3.92 -34.80
C HIS B 106 41.93 2.79 -35.80
N GLU B 107 43.04 2.42 -36.48
CA GLU B 107 43.13 1.33 -37.46
C GLU B 107 42.60 0.00 -36.90
N TYR B 108 43.03 -0.35 -35.66
CA TYR B 108 42.62 -1.53 -34.88
C TYR B 108 41.10 -1.47 -34.65
N HIS B 109 40.63 -0.36 -34.03
CA HIS B 109 39.22 -0.14 -33.73
C HIS B 109 38.32 -0.17 -34.99
N ALA B 110 38.79 0.43 -36.10
CA ALA B 110 38.06 0.42 -37.38
C ALA B 110 37.90 -1.01 -37.88
N GLU B 111 38.94 -1.83 -37.70
CA GLU B 111 38.91 -3.24 -38.10
C GLU B 111 37.95 -4.05 -37.20
N THR B 112 37.92 -3.74 -35.88
CA THR B 112 36.98 -4.39 -34.96
C THR B 112 35.55 -4.09 -35.43
N ILE B 113 35.26 -2.79 -35.72
CA ILE B 113 33.95 -2.32 -36.21
C ILE B 113 33.58 -3.01 -37.52
N LYS B 114 34.54 -3.10 -38.47
CA LYS B 114 34.34 -3.76 -39.75
C LYS B 114 33.95 -5.25 -39.52
N ASN B 115 34.63 -5.91 -38.54
CA ASN B 115 34.33 -7.29 -38.20
C ASN B 115 32.94 -7.49 -37.63
N VAL B 116 32.52 -6.57 -36.73
CA VAL B 116 31.19 -6.60 -36.10
C VAL B 116 30.11 -6.52 -37.18
N ARG B 117 30.25 -5.54 -38.11
CA ARG B 117 29.32 -5.38 -39.23
C ARG B 117 29.34 -6.58 -40.20
N THR B 118 30.51 -7.20 -40.40
CA THR B 118 30.57 -8.40 -41.26
C THR B 118 29.75 -9.56 -40.62
N ALA B 119 29.98 -9.82 -39.32
CA ALA B 119 29.26 -10.87 -38.58
C ALA B 119 27.77 -10.53 -38.51
N THR B 120 27.44 -9.24 -38.27
CA THR B 120 26.06 -8.78 -38.16
C THR B 120 25.29 -8.94 -39.46
N GLU B 121 25.86 -8.49 -40.61
CA GLU B 121 25.14 -8.57 -41.90
C GLU B 121 25.13 -9.97 -42.51
N SER B 122 25.89 -10.94 -41.93
CA SER B 122 25.82 -12.33 -42.41
C SER B 122 24.41 -12.91 -42.15
N PHE B 123 23.61 -12.25 -41.27
CA PHE B 123 22.24 -12.66 -40.91
C PHE B 123 21.13 -11.87 -41.60
N ALA B 124 21.51 -10.79 -42.35
CA ALA B 124 20.60 -9.87 -43.05
C ALA B 124 19.65 -10.49 -44.08
N SER B 125 20.03 -11.61 -44.72
CA SER B 125 19.25 -12.33 -45.75
C SER B 125 17.81 -12.68 -45.32
N ASP B 126 17.58 -12.88 -44.01
CA ASP B 126 16.27 -13.17 -43.42
C ASP B 126 15.93 -12.03 -42.46
N PRO B 127 15.14 -11.01 -42.92
CA PRO B 127 14.80 -9.88 -42.04
C PRO B 127 13.92 -10.22 -40.84
N ILE B 128 13.22 -11.35 -40.90
CA ILE B 128 12.37 -11.83 -39.80
C ILE B 128 13.25 -12.26 -38.60
N LEU B 129 14.43 -12.86 -38.87
CA LEU B 129 15.31 -13.31 -37.81
C LEU B 129 16.52 -12.41 -37.57
N TYR B 130 16.75 -11.41 -38.46
CA TYR B 130 17.87 -10.47 -38.32
C TYR B 130 17.82 -9.77 -36.98
N ARG B 131 18.92 -9.85 -36.24
CA ARG B 131 19.03 -9.19 -34.96
C ARG B 131 19.97 -8.03 -35.14
N PRO B 132 19.49 -6.77 -34.98
CA PRO B 132 20.40 -5.61 -35.08
C PRO B 132 21.52 -5.67 -34.04
N VAL B 133 22.69 -5.09 -34.32
CA VAL B 133 23.80 -5.10 -33.34
C VAL B 133 24.41 -3.71 -33.27
N ALA B 134 24.47 -3.09 -32.07
CA ALA B 134 25.00 -1.74 -31.92
C ALA B 134 26.50 -1.66 -31.67
N VAL B 135 27.10 -0.52 -32.01
CA VAL B 135 28.52 -0.28 -31.80
C VAL B 135 28.64 0.86 -30.83
N ALA B 136 29.30 0.60 -29.69
CA ALA B 136 29.55 1.57 -28.63
C ALA B 136 31.03 1.92 -28.58
N LEU B 137 31.35 3.22 -28.36
CA LEU B 137 32.71 3.74 -28.24
C LEU B 137 32.85 4.22 -26.82
N ASP B 138 33.70 3.56 -26.04
CA ASP B 138 33.96 3.90 -24.65
C ASP B 138 35.25 4.70 -24.66
N THR B 139 35.17 5.98 -24.32
CA THR B 139 36.31 6.88 -24.37
C THR B 139 37.38 6.53 -23.35
N LYS B 140 38.63 6.96 -23.57
CA LYS B 140 39.71 6.79 -22.60
C LYS B 140 39.36 7.71 -21.42
N GLY B 141 39.07 8.97 -21.74
CA GLY B 141 38.74 10.00 -20.78
C GLY B 141 39.99 10.58 -20.13
N PRO B 142 39.84 11.61 -19.28
CA PRO B 142 41.03 12.14 -18.59
C PRO B 142 41.56 11.15 -17.56
N GLU B 143 42.88 11.14 -17.37
CA GLU B 143 43.52 10.27 -16.40
C GLU B 143 44.76 10.90 -15.82
N ILE B 144 45.10 10.49 -14.59
CA ILE B 144 46.32 10.90 -13.88
C ILE B 144 47.24 9.69 -13.99
N ARG B 145 48.48 9.93 -14.42
CA ARG B 145 49.51 8.92 -14.57
C ARG B 145 50.81 9.38 -13.94
N THR B 146 51.49 8.45 -13.24
CA THR B 146 52.80 8.65 -12.61
C THR B 146 53.86 8.66 -13.72
N GLY B 147 55.12 8.92 -13.36
CA GLY B 147 56.21 8.93 -14.33
C GLY B 147 56.86 7.57 -14.53
N LEU B 148 57.98 7.58 -15.30
CA LEU B 148 58.79 6.39 -15.59
C LEU B 148 59.78 6.17 -14.45
N ILE B 149 59.86 4.94 -13.92
CA ILE B 149 60.79 4.56 -12.85
C ILE B 149 62.14 4.25 -13.50
N LYS B 150 63.20 5.01 -13.13
CA LYS B 150 64.58 4.93 -13.61
C LYS B 150 64.73 5.31 -15.09
N ALA B 155 60.07 -1.88 -14.68
CA ALA B 155 60.77 -1.28 -13.54
C ALA B 155 59.85 -1.16 -12.31
N GLU B 156 60.26 -1.79 -11.18
CA GLU B 156 59.48 -1.82 -9.92
C GLU B 156 60.25 -1.35 -8.69
N VAL B 157 59.52 -0.86 -7.66
CA VAL B 157 60.01 -0.36 -6.36
C VAL B 157 59.05 -0.80 -5.23
N GLU B 158 59.53 -0.90 -3.97
CA GLU B 158 58.69 -1.31 -2.84
C GLU B 158 58.42 -0.18 -1.83
N LEU B 159 57.14 -0.03 -1.43
CA LEU B 159 56.67 0.96 -0.46
C LEU B 159 56.11 0.21 0.76
N LYS B 160 56.21 0.79 1.98
CA LYS B 160 55.78 0.06 3.19
C LYS B 160 55.17 0.88 4.33
N LYS B 161 54.48 0.13 5.23
CA LYS B 161 53.81 0.46 6.49
C LYS B 161 53.31 1.91 6.64
N GLY B 162 54.19 2.82 7.08
CA GLY B 162 53.86 4.22 7.31
C GLY B 162 54.98 5.16 6.91
N ALA B 163 55.76 4.76 5.88
CA ALA B 163 56.90 5.48 5.31
C ALA B 163 56.52 6.82 4.66
N THR B 164 57.53 7.57 4.19
CA THR B 164 57.31 8.85 3.52
C THR B 164 57.60 8.75 2.02
N LEU B 165 56.85 9.55 1.25
CA LEU B 165 56.95 9.66 -0.21
C LEU B 165 56.45 11.05 -0.59
N LYS B 166 57.29 11.80 -1.33
CA LYS B 166 56.95 13.15 -1.76
C LYS B 166 56.38 13.14 -3.16
N ILE B 167 55.29 13.86 -3.37
CA ILE B 167 54.64 14.02 -4.66
C ILE B 167 55.10 15.35 -5.25
N THR B 168 55.85 15.27 -6.37
CA THR B 168 56.38 16.44 -7.09
C THR B 168 55.76 16.59 -8.48
N LEU B 169 55.76 17.83 -9.00
CA LEU B 169 55.21 18.14 -10.31
C LEU B 169 56.29 18.62 -11.30
N ASP B 170 57.55 18.74 -10.84
CA ASP B 170 58.69 19.17 -11.65
C ASP B 170 58.98 18.14 -12.73
N ASN B 171 58.68 18.49 -14.00
CA ASN B 171 58.83 17.64 -15.19
C ASN B 171 60.29 17.23 -15.50
N ALA B 172 61.19 17.37 -14.52
CA ALA B 172 62.60 16.95 -14.56
C ALA B 172 62.74 15.62 -13.79
N TYR B 173 61.78 15.37 -12.88
CA TYR B 173 61.70 14.16 -12.05
C TYR B 173 60.78 13.12 -12.72
N MET B 174 60.19 13.46 -13.89
CA MET B 174 59.28 12.60 -14.65
C MET B 174 59.90 11.28 -15.16
N GLU B 175 61.24 11.24 -15.31
CA GLU B 175 61.98 10.08 -15.78
C GLU B 175 62.69 9.35 -14.62
N LYS B 176 62.70 9.95 -13.41
CA LYS B 176 63.36 9.39 -12.23
C LYS B 176 62.40 9.18 -11.02
N CYS B 177 61.44 8.25 -11.17
CA CYS B 177 60.48 7.91 -10.11
C CYS B 177 61.10 6.89 -9.16
N ASP B 178 61.07 7.18 -7.85
CA ASP B 178 61.66 6.32 -6.82
C ASP B 178 60.82 6.24 -5.52
N GLU B 179 61.28 5.42 -4.54
CA GLU B 179 60.62 5.19 -3.24
C GLU B 179 60.45 6.45 -2.38
N ASN B 180 61.35 7.44 -2.54
CA ASN B 180 61.33 8.68 -1.75
C ASN B 180 60.59 9.84 -2.44
N ILE B 181 60.52 9.84 -3.80
CA ILE B 181 59.83 10.90 -4.55
C ILE B 181 59.11 10.37 -5.80
N LEU B 182 57.84 10.77 -5.98
CA LEU B 182 56.98 10.38 -7.11
C LEU B 182 56.42 11.58 -7.89
N TRP B 183 56.57 11.55 -9.22
CA TRP B 183 56.08 12.59 -10.12
C TRP B 183 54.72 12.22 -10.73
N LEU B 184 53.84 13.22 -10.94
CA LEU B 184 52.51 13.08 -11.53
C LEU B 184 52.30 14.06 -12.67
N ASP B 185 51.46 13.69 -13.66
CA ASP B 185 51.14 14.53 -14.82
C ASP B 185 49.99 15.54 -14.57
N TYR B 186 49.34 15.49 -13.37
CA TYR B 186 48.25 16.40 -13.00
C TYR B 186 48.78 17.59 -12.19
N LYS B 187 48.92 18.75 -12.87
CA LYS B 187 49.49 19.99 -12.31
C LYS B 187 48.61 20.68 -11.25
N ASN B 188 47.28 20.44 -11.28
CA ASN B 188 46.36 21.04 -10.30
C ASN B 188 46.03 20.11 -9.12
N ILE B 189 46.90 19.11 -8.86
CA ILE B 189 46.73 18.16 -7.77
C ILE B 189 46.70 18.85 -6.38
N CYS B 190 47.53 19.90 -6.19
CA CYS B 190 47.65 20.66 -4.94
C CYS B 190 46.40 21.48 -4.64
N LYS B 191 45.72 21.98 -5.69
CA LYS B 191 44.52 22.81 -5.57
C LYS B 191 43.28 22.01 -5.15
N VAL B 192 43.16 20.75 -5.64
CA VAL B 192 42.01 19.85 -5.41
C VAL B 192 42.16 18.95 -4.16
N VAL B 193 43.36 18.90 -3.57
CA VAL B 193 43.69 18.09 -2.40
C VAL B 193 44.00 19.01 -1.18
N GLU B 194 43.70 18.54 0.05
CA GLU B 194 43.90 19.27 1.32
C GLU B 194 44.58 18.40 2.40
N VAL B 195 44.80 18.97 3.62
CA VAL B 195 45.43 18.27 4.75
C VAL B 195 44.48 17.19 5.30
N GLY B 196 44.81 15.93 4.99
CA GLY B 196 44.04 14.75 5.36
C GLY B 196 43.42 14.03 4.18
N SER B 197 43.71 14.50 2.94
CA SER B 197 43.20 13.93 1.70
C SER B 197 44.01 12.72 1.28
N LYS B 198 43.33 11.71 0.74
CA LYS B 198 43.95 10.49 0.28
C LYS B 198 44.22 10.50 -1.23
N ILE B 199 45.30 9.80 -1.62
CA ILE B 199 45.73 9.60 -2.99
C ILE B 199 45.88 8.09 -3.15
N TYR B 200 45.22 7.52 -4.18
CA TYR B 200 45.25 6.08 -4.45
C TYR B 200 46.07 5.85 -5.71
N VAL B 201 47.07 4.96 -5.64
CA VAL B 201 47.96 4.68 -6.78
C VAL B 201 47.73 3.24 -7.29
N ASP B 202 47.93 3.04 -8.61
CA ASP B 202 47.80 1.79 -9.38
C ASP B 202 46.50 1.02 -9.06
N ASP B 203 45.37 1.55 -9.58
CA ASP B 203 44.01 1.02 -9.39
C ASP B 203 43.68 0.75 -7.90
N GLY B 204 44.11 1.67 -7.02
CA GLY B 204 43.87 1.61 -5.58
C GLY B 204 44.76 0.70 -4.77
N LEU B 205 45.76 0.04 -5.40
CA LEU B 205 46.72 -0.86 -4.74
C LEU B 205 47.48 -0.15 -3.62
N ILE B 206 47.95 1.07 -3.88
CA ILE B 206 48.70 1.90 -2.92
C ILE B 206 47.81 3.02 -2.37
N SER B 207 47.84 3.21 -1.04
CA SER B 207 47.10 4.29 -0.36
C SER B 207 48.09 5.29 0.26
N LEU B 208 47.81 6.60 0.17
CA LEU B 208 48.67 7.67 0.69
C LEU B 208 47.85 8.72 1.43
N GLN B 209 48.50 9.53 2.29
CA GLN B 209 47.84 10.60 3.04
C GLN B 209 48.66 11.90 3.04
N VAL B 210 47.98 13.05 2.79
CA VAL B 210 48.58 14.39 2.76
C VAL B 210 48.56 14.97 4.18
N ASP B 216 53.40 23.84 -4.62
CA ASP B 216 53.75 23.17 -5.87
C ASP B 216 54.16 21.70 -5.65
N PHE B 217 53.99 21.19 -4.41
CA PHE B 217 54.32 19.81 -4.02
C PHE B 217 53.43 19.36 -2.84
N LEU B 218 53.38 18.04 -2.59
CA LEU B 218 52.63 17.42 -1.50
C LEU B 218 53.48 16.32 -0.86
N VAL B 219 53.54 16.24 0.49
CA VAL B 219 54.28 15.16 1.15
C VAL B 219 53.30 14.16 1.75
N THR B 220 53.47 12.87 1.39
CA THR B 220 52.55 11.81 1.83
C THR B 220 53.14 10.81 2.80
N GLU B 221 52.26 10.26 3.65
CA GLU B 221 52.51 9.19 4.61
C GLU B 221 51.76 7.97 4.04
N VAL B 222 52.50 6.91 3.69
CA VAL B 222 51.98 5.67 3.11
C VAL B 222 50.99 5.00 4.08
N GLU B 223 49.75 4.71 3.59
CA GLU B 223 48.71 4.03 4.36
C GLU B 223 48.74 2.53 4.09
N ASN B 224 48.98 2.14 2.82
CA ASN B 224 49.09 0.74 2.37
C ASN B 224 50.09 0.68 1.24
N GLY B 225 51.20 -0.02 1.48
CA GLY B 225 52.29 -0.14 0.51
C GLY B 225 52.14 -1.23 -0.53
N GLY B 226 53.22 -1.46 -1.27
CA GLY B 226 53.30 -2.47 -2.32
C GLY B 226 54.22 -2.10 -3.46
N SER B 227 54.14 -2.90 -4.55
CA SER B 227 54.92 -2.74 -5.78
C SER B 227 54.55 -1.47 -6.55
N LEU B 228 55.34 -0.39 -6.32
CA LEU B 228 55.19 0.90 -6.98
C LEU B 228 55.78 0.78 -8.38
N GLY B 229 54.91 0.81 -9.39
CA GLY B 229 55.28 0.70 -10.79
C GLY B 229 55.48 2.03 -11.48
N SER B 230 55.79 1.98 -12.79
CA SER B 230 56.01 3.15 -13.65
C SER B 230 54.79 3.38 -14.56
N LYS B 231 54.39 4.68 -14.73
CA LYS B 231 53.26 5.13 -15.55
C LYS B 231 51.93 4.44 -15.12
N LYS B 232 51.63 4.54 -13.81
CA LYS B 232 50.45 3.96 -13.16
C LYS B 232 49.32 4.98 -12.89
N GLY B 233 48.08 4.50 -12.97
CA GLY B 233 46.87 5.29 -12.74
C GLY B 233 46.72 5.74 -11.30
N VAL B 234 46.34 7.01 -11.11
CA VAL B 234 46.14 7.63 -9.80
C VAL B 234 44.67 8.08 -9.65
N ASN B 235 44.09 7.86 -8.46
CA ASN B 235 42.72 8.26 -8.15
C ASN B 235 42.70 9.24 -6.99
N LEU B 236 41.81 10.25 -7.06
CA LEU B 236 41.64 11.27 -6.03
C LEU B 236 40.25 11.18 -5.35
N PRO B 237 40.08 10.32 -4.32
CA PRO B 237 38.76 10.22 -3.64
C PRO B 237 38.25 11.50 -3.00
N GLY B 238 36.99 11.84 -3.28
CA GLY B 238 36.33 13.02 -2.76
C GLY B 238 36.71 14.33 -3.46
N ALA B 239 37.83 14.35 -4.20
CA ALA B 239 38.29 15.55 -4.89
C ALA B 239 37.44 15.94 -6.11
N ALA B 240 37.16 17.24 -6.26
CA ALA B 240 36.45 17.81 -7.40
C ALA B 240 37.52 18.09 -8.48
N VAL B 241 38.02 16.99 -9.11
CA VAL B 241 39.07 16.98 -10.14
C VAL B 241 38.69 17.96 -11.27
N ASP B 242 39.58 18.91 -11.59
CA ASP B 242 39.32 19.92 -12.62
C ASP B 242 39.92 19.56 -14.00
N LEU B 243 40.23 18.27 -14.24
CA LEU B 243 40.75 17.75 -15.52
C LEU B 243 39.70 17.98 -16.62
N PRO B 244 40.11 18.19 -17.89
CA PRO B 244 39.11 18.40 -18.96
C PRO B 244 38.05 17.30 -19.05
N ALA B 245 36.83 17.67 -19.47
CA ALA B 245 35.74 16.72 -19.69
C ALA B 245 36.18 15.74 -20.78
N VAL B 246 36.79 16.28 -21.84
CA VAL B 246 37.27 15.53 -22.97
C VAL B 246 38.72 15.96 -23.28
N SER B 247 39.64 14.98 -23.21
CA SER B 247 41.07 15.18 -23.49
C SER B 247 41.30 15.27 -25.00
N GLU B 248 42.54 15.65 -25.41
CA GLU B 248 42.96 15.76 -26.80
C GLU B 248 42.75 14.46 -27.58
N LYS B 249 43.09 13.29 -26.98
CA LYS B 249 42.89 11.98 -27.61
C LYS B 249 41.40 11.68 -27.76
N ASP B 250 40.57 12.06 -26.77
CA ASP B 250 39.13 11.86 -26.81
C ASP B 250 38.48 12.60 -27.97
N ILE B 251 38.87 13.90 -28.21
CA ILE B 251 38.37 14.70 -29.35
C ILE B 251 38.58 13.91 -30.64
N GLN B 252 39.81 13.39 -30.85
CA GLN B 252 40.18 12.59 -32.02
C GLN B 252 39.34 11.30 -32.13
N ASP B 253 39.04 10.67 -30.99
CA ASP B 253 38.29 9.41 -30.90
C ASP B 253 36.80 9.61 -31.22
N LEU B 254 36.22 10.65 -30.63
CA LEU B 254 34.83 11.05 -30.82
C LEU B 254 34.58 11.44 -32.28
N LYS B 255 35.55 12.12 -32.93
CA LYS B 255 35.48 12.47 -34.36
C LYS B 255 35.56 11.18 -35.18
N PHE B 256 36.47 10.26 -34.80
CA PHE B 256 36.60 8.94 -35.45
C PHE B 256 35.26 8.15 -35.35
N GLY B 257 34.61 8.20 -34.17
CA GLY B 257 33.31 7.59 -33.92
C GLY B 257 32.20 8.08 -34.82
N VAL B 258 32.16 9.43 -35.07
CA VAL B 258 31.19 10.05 -35.99
C VAL B 258 31.43 9.49 -37.38
N GLU B 259 32.71 9.43 -37.81
CA GLU B 259 33.11 8.91 -39.13
C GLU B 259 32.76 7.44 -39.25
N GLN B 260 32.93 6.68 -38.16
CA GLN B 260 32.69 5.24 -38.18
C GLN B 260 31.21 4.87 -38.05
N ASP B 261 30.31 5.87 -37.92
CA ASP B 261 28.87 5.72 -37.77
C ASP B 261 28.52 4.86 -36.51
N VAL B 262 29.09 5.25 -35.35
CA VAL B 262 28.81 4.56 -34.09
C VAL B 262 27.45 5.02 -33.53
N ASP B 263 26.77 4.11 -32.81
CA ASP B 263 25.43 4.36 -32.29
C ASP B 263 25.44 5.09 -30.97
N MET B 264 26.49 4.87 -30.21
CA MET B 264 26.56 5.45 -28.88
C MET B 264 27.98 5.66 -28.37
N VAL B 265 28.11 6.57 -27.42
CA VAL B 265 29.38 6.85 -26.77
C VAL B 265 29.21 6.63 -25.28
N PHE B 266 30.16 5.91 -24.68
CA PHE B 266 30.21 5.70 -23.23
C PHE B 266 31.28 6.67 -22.79
N ALA B 267 30.86 7.85 -22.33
CA ALA B 267 31.75 8.95 -21.94
C ALA B 267 32.27 8.77 -20.53
N SER B 268 33.59 8.57 -20.43
CA SER B 268 34.29 8.32 -19.18
C SER B 268 34.40 9.53 -18.29
N PHE B 269 34.49 9.26 -16.98
CA PHE B 269 34.76 10.19 -15.91
C PHE B 269 33.86 11.47 -15.91
N ILE B 270 32.56 11.29 -16.17
CA ILE B 270 31.61 12.38 -16.16
C ILE B 270 31.36 12.79 -14.71
N ARG B 271 31.68 14.07 -14.38
CA ARG B 271 31.59 14.63 -13.02
C ARG B 271 30.51 15.67 -12.83
N LYS B 272 30.03 16.29 -13.92
CA LYS B 272 29.03 17.36 -13.90
C LYS B 272 28.29 17.50 -15.26
N ALA B 273 27.17 18.25 -15.29
CA ALA B 273 26.37 18.49 -16.50
C ALA B 273 27.22 19.07 -17.65
N SER B 274 28.12 20.04 -17.33
CA SER B 274 28.98 20.68 -18.35
C SER B 274 29.89 19.67 -19.10
N ASP B 275 30.30 18.59 -18.41
CA ASP B 275 31.11 17.51 -19.00
C ASP B 275 30.38 16.84 -20.13
N VAL B 276 29.07 16.55 -19.94
CA VAL B 276 28.19 15.95 -20.96
C VAL B 276 28.08 16.92 -22.16
N HIS B 277 27.81 18.21 -21.87
CA HIS B 277 27.69 19.29 -22.86
C HIS B 277 28.92 19.40 -23.75
N GLU B 278 30.13 19.20 -23.16
CA GLU B 278 31.38 19.18 -23.93
C GLU B 278 31.45 17.98 -24.87
N VAL B 279 30.99 16.79 -24.41
CA VAL B 279 30.94 15.58 -25.23
C VAL B 279 29.99 15.82 -26.40
N ARG B 280 28.78 16.37 -26.09
CA ARG B 280 27.74 16.69 -27.08
C ARG B 280 28.25 17.67 -28.14
N LYS B 281 28.99 18.71 -27.72
CA LYS B 281 29.55 19.73 -28.62
C LYS B 281 30.60 19.11 -29.56
N VAL B 282 31.46 18.21 -29.03
CA VAL B 282 32.47 17.53 -29.84
C VAL B 282 31.80 16.63 -30.90
N LEU B 283 30.67 15.96 -30.56
CA LEU B 283 29.94 15.14 -31.56
C LEU B 283 29.26 15.97 -32.67
N GLY B 284 28.95 17.24 -32.37
CA GLY B 284 28.36 18.20 -33.29
C GLY B 284 27.11 17.78 -34.04
N GLU B 285 26.86 18.42 -35.21
CA GLU B 285 25.71 18.14 -36.07
C GLU B 285 25.81 16.76 -36.70
N LYS B 286 27.03 16.38 -37.13
CA LYS B 286 27.26 15.09 -37.79
C LYS B 286 26.97 13.88 -36.86
N GLY B 287 27.16 14.08 -35.55
CA GLY B 287 26.89 13.07 -34.53
C GLY B 287 25.78 13.43 -33.56
N LYS B 288 24.81 14.29 -33.98
CA LYS B 288 23.69 14.72 -33.13
C LYS B 288 22.76 13.59 -32.67
N ASN B 289 22.69 12.50 -33.44
CA ASN B 289 21.82 11.35 -33.17
C ASN B 289 22.48 10.23 -32.38
N ILE B 290 23.80 10.35 -32.12
CA ILE B 290 24.60 9.38 -31.37
C ILE B 290 24.23 9.51 -29.91
N LYS B 291 23.83 8.40 -29.25
CA LYS B 291 23.47 8.44 -27.82
C LYS B 291 24.68 8.64 -26.95
N ILE B 292 24.54 9.46 -25.88
CA ILE B 292 25.59 9.69 -24.91
C ILE B 292 25.20 9.09 -23.57
N ILE B 293 25.98 8.08 -23.18
CA ILE B 293 25.86 7.39 -21.90
C ILE B 293 27.00 7.91 -21.02
N SER B 294 26.67 8.57 -19.90
CA SER B 294 27.66 9.13 -18.99
C SER B 294 28.09 8.09 -17.94
N LYS B 295 29.42 7.88 -17.84
CA LYS B 295 30.00 6.95 -16.89
C LYS B 295 30.27 7.67 -15.59
N ILE B 296 29.58 7.22 -14.51
CA ILE B 296 29.69 7.74 -13.15
C ILE B 296 30.73 6.85 -12.50
N GLU B 297 31.89 7.46 -12.17
CA GLU B 297 33.12 6.81 -11.72
C GLU B 297 33.70 7.30 -10.40
N ASN B 298 33.19 8.41 -9.87
CA ASN B 298 33.73 8.96 -8.63
C ASN B 298 32.62 9.59 -7.78
N HIS B 299 32.95 10.09 -6.59
CA HIS B 299 32.04 10.74 -5.64
C HIS B 299 31.33 11.93 -6.28
N GLU B 300 32.07 12.82 -6.99
CA GLU B 300 31.49 13.99 -7.63
C GLU B 300 30.36 13.62 -8.59
N GLY B 301 30.61 12.64 -9.48
CA GLY B 301 29.62 12.14 -10.41
C GLY B 301 28.36 11.66 -9.72
N VAL B 302 28.51 10.99 -8.54
CA VAL B 302 27.38 10.48 -7.73
C VAL B 302 26.61 11.65 -7.11
N ARG B 303 27.32 12.59 -6.47
CA ARG B 303 26.75 13.77 -5.82
C ARG B 303 26.05 14.74 -6.79
N ARG B 304 26.58 14.85 -8.01
CA ARG B 304 26.03 15.74 -9.03
C ARG B 304 25.21 14.93 -10.06
N PHE B 305 24.69 13.77 -9.62
CA PHE B 305 24.00 12.83 -10.49
C PHE B 305 22.78 13.39 -11.26
N ASP B 306 21.84 14.08 -10.55
CA ASP B 306 20.62 14.59 -11.20
C ASP B 306 20.88 15.47 -12.41
N GLU B 307 21.91 16.35 -12.34
CA GLU B 307 22.24 17.23 -13.47
C GLU B 307 22.89 16.49 -14.61
N ILE B 308 23.62 15.41 -14.32
CA ILE B 308 24.26 14.56 -15.33
C ILE B 308 23.17 13.78 -16.07
N LEU B 309 22.22 13.17 -15.31
CA LEU B 309 21.10 12.42 -15.87
C LEU B 309 20.26 13.28 -16.87
N GLU B 310 19.90 14.51 -16.47
CA GLU B 310 19.16 15.45 -17.32
C GLU B 310 19.94 15.78 -18.60
N ALA B 311 21.24 16.03 -18.49
CA ALA B 311 22.09 16.34 -19.63
C ALA B 311 22.39 15.11 -20.53
N SER B 312 22.27 13.86 -19.99
CA SER B 312 22.63 12.66 -20.76
C SER B 312 21.48 11.90 -21.45
N ASP B 313 21.85 10.99 -22.36
CA ASP B 313 20.91 10.06 -23.00
C ASP B 313 20.74 8.79 -22.15
N GLY B 314 21.72 8.52 -21.27
CA GLY B 314 21.73 7.39 -20.36
C GLY B 314 22.91 7.39 -19.41
N ILE B 315 22.99 6.36 -18.57
CA ILE B 315 24.03 6.24 -17.55
C ILE B 315 24.69 4.86 -17.52
N MET B 316 25.99 4.84 -17.18
CA MET B 316 26.69 3.61 -16.89
C MET B 316 27.16 3.70 -15.45
N VAL B 317 26.77 2.70 -14.65
CA VAL B 317 27.23 2.52 -13.27
C VAL B 317 28.58 1.80 -13.47
N ALA B 318 29.66 2.59 -13.61
CA ALA B 318 31.02 2.09 -13.85
C ALA B 318 31.62 1.73 -12.51
N ARG B 319 31.15 0.60 -11.95
CA ARG B 319 31.50 0.07 -10.61
C ARG B 319 33.00 -0.13 -10.35
N GLY B 320 33.77 -0.47 -11.38
CA GLY B 320 35.22 -0.66 -11.27
C GLY B 320 35.92 0.55 -10.71
N ASP B 321 35.90 1.65 -11.48
CA ASP B 321 36.49 2.94 -11.10
C ASP B 321 35.82 3.48 -9.84
N LEU B 322 34.48 3.34 -9.76
CA LEU B 322 33.71 3.84 -8.63
C LEU B 322 34.13 3.18 -7.30
N GLY B 323 34.40 1.87 -7.33
CA GLY B 323 34.85 1.12 -6.16
C GLY B 323 36.24 1.49 -5.69
N ILE B 324 37.04 2.15 -6.55
CA ILE B 324 38.39 2.61 -6.19
C ILE B 324 38.18 3.97 -5.54
N GLU B 325 37.32 4.81 -6.14
CA GLU B 325 37.01 6.17 -5.69
C GLU B 325 36.19 6.26 -4.40
N ILE B 326 35.23 5.34 -4.18
CA ILE B 326 34.42 5.33 -2.95
C ILE B 326 34.65 4.01 -2.21
N PRO B 327 34.46 3.90 -0.87
CA PRO B 327 34.62 2.58 -0.21
C PRO B 327 33.76 1.54 -0.93
N ALA B 328 34.37 0.38 -1.24
CA ALA B 328 33.72 -0.71 -1.98
C ALA B 328 32.41 -1.20 -1.34
N GLU B 329 32.29 -1.11 -0.01
CA GLU B 329 31.08 -1.55 0.67
C GLU B 329 29.87 -0.61 0.39
N LYS B 330 30.12 0.54 -0.29
CA LYS B 330 29.08 1.53 -0.62
C LYS B 330 28.65 1.51 -2.08
N VAL B 331 29.31 0.71 -2.93
CA VAL B 331 29.02 0.69 -4.36
C VAL B 331 27.55 0.35 -4.61
N PHE B 332 27.04 -0.69 -3.94
CA PHE B 332 25.67 -1.19 -4.05
C PHE B 332 24.63 -0.09 -3.82
N LEU B 333 24.96 0.89 -2.97
CA LEU B 333 24.10 2.04 -2.69
C LEU B 333 24.03 2.93 -3.93
N ALA B 334 25.20 3.35 -4.45
CA ALA B 334 25.33 4.21 -5.64
C ALA B 334 24.67 3.54 -6.82
N GLN B 335 24.82 2.19 -6.93
CA GLN B 335 24.20 1.41 -7.99
C GLN B 335 22.67 1.50 -7.90
N LYS B 336 22.09 1.15 -6.74
CA LYS B 336 20.63 1.13 -6.51
C LYS B 336 19.98 2.54 -6.62
N MET B 337 20.73 3.59 -6.24
CA MET B 337 20.29 4.97 -6.36
C MET B 337 20.22 5.35 -7.85
N MET B 338 21.29 5.09 -8.62
CA MET B 338 21.34 5.45 -10.04
C MET B 338 20.32 4.71 -10.88
N ILE B 339 20.09 3.42 -10.60
CA ILE B 339 19.12 2.59 -11.33
C ILE B 339 17.70 3.11 -11.04
N GLY B 340 17.41 3.36 -9.77
CA GLY B 340 16.14 3.92 -9.32
C GLY B 340 15.84 5.24 -10.01
N ARG B 341 16.82 6.17 -9.99
CA ARG B 341 16.63 7.50 -10.61
C ARG B 341 16.54 7.44 -12.12
N CYS B 342 17.21 6.47 -12.75
CA CYS B 342 17.12 6.31 -14.21
C CYS B 342 15.77 5.77 -14.60
N ASN B 343 15.22 4.84 -13.80
CA ASN B 343 13.90 4.24 -14.01
C ASN B 343 12.84 5.35 -13.88
N ARG B 344 12.99 6.21 -12.86
CA ARG B 344 12.19 7.39 -12.55
C ARG B 344 12.17 8.40 -13.71
N ALA B 345 13.32 8.65 -14.39
CA ALA B 345 13.43 9.55 -15.55
C ALA B 345 13.14 8.87 -16.88
N GLY B 346 12.97 7.54 -16.89
CA GLY B 346 12.78 6.82 -18.13
C GLY B 346 14.03 6.80 -19.00
N LYS B 347 15.22 6.91 -18.37
CA LYS B 347 16.50 6.89 -19.08
C LYS B 347 17.28 5.57 -18.90
N PRO B 348 17.86 5.03 -19.99
CA PRO B 348 18.59 3.74 -19.86
C PRO B 348 19.79 3.78 -18.90
N VAL B 349 19.88 2.73 -18.09
CA VAL B 349 20.94 2.53 -17.11
C VAL B 349 21.67 1.18 -17.38
N ILE B 350 23.01 1.23 -17.44
CA ILE B 350 23.89 0.09 -17.68
C ILE B 350 24.63 -0.22 -16.37
N CYS B 351 24.61 -1.51 -15.97
CA CYS B 351 25.36 -2.00 -14.81
C CYS B 351 26.59 -2.72 -15.37
N ALA B 352 27.74 -2.23 -14.96
CA ALA B 352 29.01 -2.68 -15.48
C ALA B 352 29.99 -3.11 -14.43
N THR B 353 31.01 -3.86 -14.89
CA THR B 353 32.24 -4.33 -14.24
C THR B 353 32.11 -5.58 -13.36
N GLN B 354 32.92 -6.61 -13.67
CA GLN B 354 33.13 -7.87 -12.92
C GLN B 354 31.84 -8.66 -12.63
N MET B 355 30.83 -8.50 -13.48
CA MET B 355 29.54 -9.20 -13.32
C MET B 355 29.69 -10.72 -13.30
N LEU B 356 30.59 -11.27 -14.17
CA LEU B 356 30.91 -12.69 -14.26
C LEU B 356 32.42 -12.85 -14.36
N GLU B 357 33.19 -12.04 -13.58
CA GLU B 357 34.65 -11.95 -13.59
C GLU B 357 35.40 -13.29 -13.62
N SER B 358 35.02 -14.25 -12.74
CA SER B 358 35.73 -15.55 -12.68
C SER B 358 35.64 -16.33 -14.00
N MET B 359 34.71 -15.94 -14.91
CA MET B 359 34.53 -16.61 -16.20
C MET B 359 35.63 -16.26 -17.21
N ILE B 360 36.57 -15.40 -16.82
CA ILE B 360 37.76 -15.11 -17.64
C ILE B 360 38.63 -16.42 -17.67
N LYS B 361 38.65 -17.15 -16.54
CA LYS B 361 39.43 -18.37 -16.35
C LYS B 361 38.60 -19.66 -16.27
N LYS B 362 37.31 -19.56 -15.88
CA LYS B 362 36.44 -20.72 -15.64
C LYS B 362 35.22 -20.82 -16.56
N PRO B 363 34.72 -22.03 -16.88
CA PRO B 363 33.56 -22.12 -17.80
C PRO B 363 32.19 -21.92 -17.12
N ARG B 364 32.17 -21.78 -15.80
CA ARG B 364 30.96 -21.56 -15.00
C ARG B 364 31.25 -20.41 -14.02
N PRO B 365 30.28 -19.53 -13.70
CA PRO B 365 30.56 -18.44 -12.76
C PRO B 365 30.44 -18.88 -11.30
N THR B 366 30.86 -18.00 -10.36
CA THR B 366 30.70 -18.22 -8.91
C THR B 366 29.26 -17.91 -8.54
N ARG B 367 28.85 -18.29 -7.35
CA ARG B 367 27.47 -18.02 -6.89
C ARG B 367 27.18 -16.52 -6.71
N ALA B 368 28.19 -15.73 -6.31
CA ALA B 368 28.09 -14.28 -6.13
C ALA B 368 27.84 -13.56 -7.46
N GLU B 369 28.43 -14.10 -8.54
CA GLU B 369 28.28 -13.59 -9.91
C GLU B 369 26.89 -13.86 -10.46
N GLY B 370 26.39 -15.07 -10.26
CA GLY B 370 25.06 -15.46 -10.70
C GLY B 370 24.04 -14.53 -10.07
N SER B 371 24.24 -14.29 -8.76
CA SER B 371 23.46 -13.39 -7.91
C SER B 371 23.53 -11.92 -8.40
N ASP B 372 24.75 -11.38 -8.63
CA ASP B 372 24.98 -10.02 -9.09
C ASP B 372 24.24 -9.70 -10.40
N VAL B 373 24.29 -10.58 -11.39
CA VAL B 373 23.55 -10.41 -12.64
C VAL B 373 22.02 -10.35 -12.39
N ALA B 374 21.48 -11.27 -11.57
CA ALA B 374 20.05 -11.35 -11.26
C ALA B 374 19.57 -10.10 -10.55
N ASN B 375 20.33 -9.64 -9.54
CA ASN B 375 20.03 -8.47 -8.73
C ASN B 375 20.18 -7.15 -9.50
N ALA B 376 21.00 -7.08 -10.55
CA ALA B 376 21.09 -5.86 -11.40
C ALA B 376 19.80 -5.78 -12.23
N VAL B 377 19.27 -6.94 -12.68
CA VAL B 377 18.03 -7.02 -13.46
C VAL B 377 16.87 -6.66 -12.53
N LEU B 378 16.81 -7.32 -11.34
CA LEU B 378 15.83 -7.07 -10.29
C LEU B 378 15.83 -5.57 -9.85
N ASP B 379 17.01 -4.92 -9.72
CA ASP B 379 17.13 -3.48 -9.40
C ASP B 379 16.34 -2.62 -10.43
N GLY B 380 16.44 -3.00 -11.71
CA GLY B 380 15.80 -2.35 -12.84
C GLY B 380 16.75 -1.86 -13.92
N ALA B 381 17.99 -2.44 -14.00
CA ALA B 381 18.98 -2.07 -15.04
C ALA B 381 18.48 -2.48 -16.42
N ASP B 382 18.60 -1.56 -17.40
CA ASP B 382 18.21 -1.80 -18.80
C ASP B 382 19.17 -2.73 -19.50
N CYS B 383 20.48 -2.57 -19.21
CA CYS B 383 21.55 -3.36 -19.79
C CYS B 383 22.49 -3.88 -18.74
N ILE B 384 23.16 -4.99 -19.07
CA ILE B 384 24.23 -5.62 -18.29
C ILE B 384 25.42 -5.74 -19.23
N MET B 385 26.62 -5.50 -18.68
CA MET B 385 27.87 -5.49 -19.43
C MET B 385 28.85 -6.61 -19.05
N LEU B 386 29.67 -7.00 -20.06
CA LEU B 386 30.81 -7.90 -19.96
C LEU B 386 32.06 -7.16 -20.48
N SER B 387 33.14 -7.16 -19.70
CA SER B 387 34.41 -6.52 -20.02
C SER B 387 35.48 -7.58 -20.31
N GLY B 388 36.39 -7.86 -19.37
CA GLY B 388 37.39 -8.92 -19.54
C GLY B 388 36.83 -10.26 -19.98
N GLU B 389 35.59 -10.58 -19.52
CA GLU B 389 34.88 -11.85 -19.81
C GLU B 389 34.69 -12.12 -21.29
N THR B 390 34.53 -11.06 -22.10
CA THR B 390 34.38 -11.23 -23.54
C THR B 390 35.60 -10.69 -24.28
N ALA B 391 36.28 -9.70 -23.69
CA ALA B 391 37.46 -9.10 -24.30
C ALA B 391 38.71 -9.98 -24.26
N LYS B 392 39.12 -10.48 -23.07
CA LYS B 392 40.39 -11.22 -22.89
C LYS B 392 40.27 -12.69 -22.43
N GLY B 393 39.15 -13.06 -21.82
CA GLY B 393 38.91 -14.38 -21.23
C GLY B 393 38.91 -15.59 -22.14
N ASP B 394 38.90 -16.77 -21.50
CA ASP B 394 38.92 -18.07 -22.15
C ASP B 394 37.54 -18.58 -22.54
N TYR B 395 36.46 -18.03 -21.94
CA TYR B 395 35.11 -18.51 -22.26
C TYR B 395 34.17 -17.33 -22.59
N PRO B 396 34.46 -16.56 -23.69
CA PRO B 396 33.60 -15.40 -24.01
C PRO B 396 32.16 -15.77 -24.30
N LEU B 397 31.96 -16.83 -25.11
CA LEU B 397 30.64 -17.29 -25.50
C LEU B 397 29.82 -17.78 -24.31
N GLU B 398 30.47 -18.47 -23.36
CA GLU B 398 29.79 -18.98 -22.16
C GLU B 398 29.34 -17.83 -21.26
N ALA B 399 30.16 -16.77 -21.13
CA ALA B 399 29.82 -15.60 -20.32
C ALA B 399 28.56 -14.89 -20.88
N VAL B 400 28.46 -14.75 -22.21
CA VAL B 400 27.31 -14.12 -22.90
C VAL B 400 26.06 -14.95 -22.67
N ARG B 401 26.19 -16.30 -22.83
CA ARG B 401 25.10 -17.26 -22.63
C ARG B 401 24.54 -17.25 -21.23
N MET B 402 25.42 -17.11 -20.21
CA MET B 402 25.05 -17.09 -18.79
C MET B 402 24.24 -15.81 -18.44
N GLN B 403 24.70 -14.63 -18.93
CA GLN B 403 24.00 -13.35 -18.79
C GLN B 403 22.59 -13.43 -19.36
N HIS B 404 22.44 -14.07 -20.52
CA HIS B 404 21.16 -14.29 -21.19
C HIS B 404 20.25 -15.16 -20.33
N LEU B 405 20.76 -16.28 -19.79
CA LEU B 405 19.97 -17.20 -18.97
C LEU B 405 19.52 -16.59 -17.69
N ILE B 406 20.42 -15.87 -16.98
CA ILE B 406 20.11 -15.21 -15.70
C ILE B 406 19.12 -14.07 -15.93
N ALA B 407 19.39 -13.21 -16.93
CA ALA B 407 18.54 -12.06 -17.24
C ALA B 407 17.11 -12.52 -17.54
N ARG B 408 16.96 -13.59 -18.29
CA ARG B 408 15.67 -14.15 -18.61
C ARG B 408 14.92 -14.67 -17.37
N GLU B 409 15.59 -15.38 -16.42
CA GLU B 409 14.95 -15.85 -15.18
C GLU B 409 14.61 -14.63 -14.30
N ALA B 410 15.56 -13.66 -14.19
CA ALA B 410 15.33 -12.47 -13.35
C ALA B 410 14.13 -11.63 -13.80
N GLU B 411 13.92 -11.49 -15.13
CA GLU B 411 12.80 -10.74 -15.69
C GLU B 411 11.44 -11.33 -15.33
N ALA B 412 11.34 -12.67 -15.25
CA ALA B 412 10.07 -13.29 -14.86
C ALA B 412 9.86 -13.10 -13.36
N ALA B 413 10.96 -12.97 -12.61
CA ALA B 413 10.96 -12.79 -11.15
C ALA B 413 10.60 -11.37 -10.68
N ILE B 414 10.61 -10.32 -11.58
CA ILE B 414 10.27 -8.95 -11.18
C ILE B 414 8.86 -8.89 -10.55
N TYR B 415 8.70 -8.07 -9.51
CA TYR B 415 7.39 -7.91 -8.89
C TYR B 415 6.72 -6.72 -9.63
N HIS B 416 6.25 -7.01 -10.87
CA HIS B 416 5.63 -6.05 -11.80
C HIS B 416 4.47 -5.35 -11.14
N LEU B 417 3.71 -6.08 -10.27
CA LEU B 417 2.54 -5.52 -9.60
C LEU B 417 2.92 -4.25 -8.84
N GLN B 418 3.93 -4.33 -7.95
CA GLN B 418 4.43 -3.15 -7.23
C GLN B 418 5.14 -2.14 -8.18
N LEU B 419 6.02 -2.62 -9.03
CA LEU B 419 6.80 -1.78 -9.92
C LEU B 419 5.95 -0.87 -10.79
N PHE B 420 4.91 -1.44 -11.42
CA PHE B 420 4.03 -0.70 -12.29
C PHE B 420 3.23 0.37 -11.52
N GLU B 421 2.69 0.05 -10.32
CA GLU B 421 1.99 1.04 -9.48
C GLU B 421 2.95 2.18 -9.09
N GLU B 422 4.20 1.83 -8.72
CA GLU B 422 5.16 2.87 -8.32
C GLU B 422 5.58 3.76 -9.50
N LEU B 423 5.78 3.17 -10.70
CA LEU B 423 6.12 3.94 -11.92
C LEU B 423 5.02 4.92 -12.27
N ARG B 424 3.76 4.46 -12.25
CA ARG B 424 2.55 5.26 -12.47
C ARG B 424 2.51 6.44 -11.47
N ARG B 425 2.52 6.15 -10.15
CA ARG B 425 2.48 7.14 -9.06
C ARG B 425 3.56 8.20 -9.13
N LEU B 426 4.77 7.84 -9.63
CA LEU B 426 5.86 8.80 -9.60
C LEU B 426 6.02 9.63 -10.87
N ALA B 427 5.41 9.20 -12.00
CA ALA B 427 5.52 9.92 -13.27
C ALA B 427 4.54 11.13 -13.35
N PRO B 428 5.02 12.28 -13.87
CA PRO B 428 4.16 13.47 -13.97
C PRO B 428 2.99 13.36 -14.94
N ILE B 429 1.86 13.99 -14.58
CA ILE B 429 0.66 14.07 -15.41
C ILE B 429 0.96 15.20 -16.41
N THR B 430 1.01 14.85 -17.70
CA THR B 430 1.32 15.78 -18.79
C THR B 430 0.26 15.71 -19.86
N SER B 431 0.34 16.64 -20.80
CA SER B 431 -0.60 16.73 -21.91
C SER B 431 -0.16 15.83 -23.07
N ASP B 432 1.07 15.32 -23.04
CA ASP B 432 1.66 14.50 -24.11
C ASP B 432 0.79 13.29 -24.48
N PRO B 433 0.25 13.28 -25.73
CA PRO B 433 -0.58 12.14 -26.16
C PRO B 433 0.14 10.80 -26.22
N THR B 434 1.45 10.81 -26.61
CA THR B 434 2.24 9.58 -26.72
CA THR B 434 2.28 9.62 -26.71
C THR B 434 2.45 8.95 -25.34
N GLU B 435 2.75 9.77 -24.30
CA GLU B 435 2.95 9.33 -22.91
C GLU B 435 1.72 8.61 -22.36
N ALA B 436 0.50 9.17 -22.59
CA ALA B 436 -0.77 8.61 -22.16
C ALA B 436 -1.06 7.31 -22.90
N THR B 437 -0.70 7.26 -24.20
CA THR B 437 -0.87 6.09 -25.05
C THR B 437 0.02 4.95 -24.55
N ALA B 438 1.28 5.27 -24.23
CA ALA B 438 2.27 4.31 -23.77
C ALA B 438 1.85 3.64 -22.44
N VAL B 439 1.38 4.44 -21.45
CA VAL B 439 0.95 3.91 -20.16
C VAL B 439 -0.35 3.11 -20.32
N GLY B 440 -1.20 3.55 -21.25
CA GLY B 440 -2.42 2.85 -21.61
C GLY B 440 -2.11 1.46 -22.17
N ALA B 441 -1.11 1.35 -23.06
CA ALA B 441 -0.71 0.07 -23.69
C ALA B 441 -0.17 -0.93 -22.70
N VAL B 442 0.68 -0.46 -21.76
CA VAL B 442 1.26 -1.27 -20.69
C VAL B 442 0.13 -1.83 -19.80
N GLU B 443 -0.84 -0.97 -19.42
CA GLU B 443 -1.98 -1.37 -18.62
CA GLU B 443 -2.00 -1.37 -18.65
C GLU B 443 -2.78 -2.45 -19.36
N ALA B 444 -3.03 -2.23 -20.65
CA ALA B 444 -3.75 -3.21 -21.46
C ALA B 444 -2.95 -4.52 -21.54
N SER B 445 -1.59 -4.45 -21.66
CA SER B 445 -0.79 -5.66 -21.76
C SER B 445 -0.84 -6.49 -20.48
N PHE B 446 -0.90 -5.86 -19.30
CA PHE B 446 -1.01 -6.55 -18.02
C PHE B 446 -2.39 -7.17 -17.88
N LYS B 447 -3.44 -6.41 -18.22
CA LYS B 447 -4.83 -6.83 -18.19
C LYS B 447 -5.15 -8.13 -18.99
N CYS B 448 -4.70 -8.21 -20.27
CA CYS B 448 -4.96 -9.35 -21.14
C CYS B 448 -3.77 -10.29 -21.27
N CYS B 449 -2.69 -10.07 -20.49
CA CYS B 449 -1.43 -10.85 -20.50
C CYS B 449 -0.89 -11.06 -21.94
N SER B 450 -0.84 -9.95 -22.72
CA SER B 450 -0.47 -9.95 -24.14
C SER B 450 0.91 -10.56 -24.43
N GLY B 451 1.08 -11.11 -25.62
CA GLY B 451 2.34 -11.71 -26.04
C GLY B 451 3.43 -10.71 -26.38
N ALA B 452 3.05 -9.44 -26.64
CA ALA B 452 3.97 -8.35 -26.98
C ALA B 452 3.24 -7.01 -27.11
N ILE B 453 4.01 -5.95 -27.18
CA ILE B 453 3.52 -4.59 -27.45
C ILE B 453 4.32 -4.20 -28.70
N ILE B 454 3.62 -4.17 -29.82
CA ILE B 454 4.16 -3.87 -31.14
C ILE B 454 4.11 -2.36 -31.26
N VAL B 455 5.28 -1.74 -31.41
CA VAL B 455 5.38 -0.29 -31.51
C VAL B 455 6.01 0.12 -32.83
N LEU B 456 5.32 0.99 -33.60
CA LEU B 456 5.85 1.55 -34.84
C LEU B 456 6.62 2.80 -34.43
N THR B 457 7.91 2.85 -34.75
CA THR B 457 8.71 3.99 -34.31
C THR B 457 9.81 4.37 -35.32
N LYS B 458 10.04 5.68 -35.50
CA LYS B 458 11.07 6.12 -36.45
C LYS B 458 12.37 6.40 -35.71
N SER B 459 12.27 7.16 -34.62
CA SER B 459 13.39 7.59 -33.80
C SER B 459 13.62 6.66 -32.62
N GLY B 460 12.60 5.86 -32.27
CA GLY B 460 12.64 4.96 -31.12
C GLY B 460 11.86 5.45 -29.92
N ARG B 461 11.63 6.79 -29.82
CA ARG B 461 10.99 7.47 -28.69
C ARG B 461 9.72 6.80 -28.22
N SER B 462 8.80 6.44 -29.13
CA SER B 462 7.52 5.79 -28.78
C SER B 462 7.70 4.47 -28.03
N ALA B 463 8.74 3.68 -28.40
CA ALA B 463 9.06 2.39 -27.74
C ALA B 463 9.73 2.65 -26.40
N HIS B 464 10.60 3.70 -26.32
CA HIS B 464 11.28 4.10 -25.10
C HIS B 464 10.23 4.45 -24.04
N GLN B 465 9.18 5.19 -24.44
CA GLN B 465 8.04 5.62 -23.60
C GLN B 465 7.24 4.43 -23.04
N VAL B 466 7.17 3.34 -23.80
CA VAL B 466 6.51 2.09 -23.36
C VAL B 466 7.42 1.43 -22.33
N ALA B 467 8.74 1.32 -22.67
CA ALA B 467 9.78 0.67 -21.83
C ALA B 467 9.90 1.24 -20.44
N ARG B 468 9.75 2.57 -20.28
CA ARG B 468 9.85 3.18 -18.93
C ARG B 468 8.72 2.71 -17.96
N TYR B 469 7.64 2.07 -18.49
CA TYR B 469 6.56 1.54 -17.64
C TYR B 469 6.73 0.07 -17.34
N ARG B 470 7.86 -0.48 -17.84
CA ARG B 470 8.31 -1.86 -17.58
C ARG B 470 7.23 -2.94 -17.75
N PRO B 471 6.63 -3.14 -18.95
CA PRO B 471 5.68 -4.25 -19.09
C PRO B 471 6.40 -5.60 -18.99
N ARG B 472 5.62 -6.68 -18.78
N ARG B 472 5.64 -6.67 -18.82
CA ARG B 472 6.12 -8.06 -18.71
CA ARG B 472 6.21 -8.01 -18.75
C ARG B 472 6.26 -8.58 -20.15
C ARG B 472 6.32 -8.48 -20.22
N ALA B 473 5.35 -8.12 -21.04
CA ALA B 473 5.33 -8.46 -22.48
C ALA B 473 6.52 -7.80 -23.21
N PRO B 474 7.19 -8.51 -24.16
CA PRO B 474 8.31 -7.90 -24.91
C PRO B 474 7.79 -6.79 -25.81
N ILE B 475 8.60 -5.75 -26.01
CA ILE B 475 8.19 -4.62 -26.84
C ILE B 475 8.86 -4.80 -28.18
N ILE B 476 8.08 -5.12 -29.22
CA ILE B 476 8.64 -5.26 -30.55
C ILE B 476 8.61 -3.88 -31.22
N ALA B 477 9.78 -3.22 -31.34
CA ALA B 477 9.83 -1.92 -32.01
C ALA B 477 10.13 -2.12 -33.50
N VAL B 478 9.13 -1.86 -34.36
CA VAL B 478 9.26 -1.96 -35.82
C VAL B 478 9.71 -0.57 -36.34
N THR B 479 10.89 -0.52 -36.94
CA THR B 479 11.47 0.69 -37.52
C THR B 479 12.09 0.41 -38.90
N ARG B 480 12.29 1.49 -39.68
CA ARG B 480 12.97 1.41 -40.96
C ARG B 480 14.34 2.06 -40.80
N ASN B 481 14.54 2.76 -39.68
CA ASN B 481 15.79 3.43 -39.36
C ASN B 481 16.76 2.42 -38.75
N PRO B 482 17.86 2.09 -39.50
CA PRO B 482 18.83 1.10 -39.00
C PRO B 482 19.54 1.54 -37.72
N GLN B 483 19.76 2.85 -37.53
CA GLN B 483 20.37 3.35 -36.29
C GLN B 483 19.42 3.21 -35.07
N THR B 484 18.13 3.50 -35.28
CA THR B 484 17.09 3.38 -34.22
C THR B 484 17.04 1.93 -33.70
N ALA B 485 17.04 0.96 -34.62
CA ALA B 485 16.99 -0.48 -34.36
C ALA B 485 18.18 -0.90 -33.49
N ARG B 486 19.37 -0.33 -33.76
CA ARG B 486 20.58 -0.60 -33.02
C ARG B 486 20.53 0.02 -31.62
N GLN B 487 20.12 1.30 -31.56
CA GLN B 487 20.03 2.08 -30.32
C GLN B 487 18.99 1.53 -29.35
N ALA B 488 17.90 0.95 -29.87
CA ALA B 488 16.76 0.38 -29.12
C ALA B 488 17.20 -0.69 -28.08
N HIS B 489 18.40 -1.31 -28.29
CA HIS B 489 18.97 -2.32 -27.38
C HIS B 489 19.28 -1.73 -25.99
N LEU B 490 19.40 -0.37 -25.91
CA LEU B 490 19.68 0.29 -24.64
C LEU B 490 18.52 0.23 -23.63
N TYR B 491 17.30 0.00 -24.10
CA TYR B 491 16.07 0.09 -23.33
C TYR B 491 15.51 -1.29 -23.03
N ARG B 492 15.23 -1.53 -21.72
CA ARG B 492 14.70 -2.80 -21.25
C ARG B 492 13.39 -3.15 -21.92
N GLY B 493 13.27 -4.38 -22.40
CA GLY B 493 12.05 -4.88 -23.00
C GLY B 493 11.97 -4.74 -24.50
N ILE B 494 12.75 -3.82 -25.07
CA ILE B 494 12.68 -3.56 -26.50
C ILE B 494 13.44 -4.62 -27.29
N PHE B 495 12.70 -5.26 -28.21
CA PHE B 495 13.17 -6.23 -29.19
C PHE B 495 13.09 -5.50 -30.58
N PRO B 496 14.20 -4.86 -31.02
CA PRO B 496 14.16 -4.08 -32.28
C PRO B 496 14.18 -4.94 -33.54
N VAL B 497 13.34 -4.61 -34.52
CA VAL B 497 13.28 -5.32 -35.79
C VAL B 497 13.31 -4.32 -36.94
N LEU B 498 14.29 -4.47 -37.82
CA LEU B 498 14.48 -3.58 -38.95
C LEU B 498 13.62 -3.99 -40.17
N CYS B 499 12.63 -3.16 -40.53
CA CYS B 499 11.78 -3.41 -41.70
C CYS B 499 12.57 -2.98 -42.94
N LYS B 500 12.71 -3.91 -43.91
CA LYS B 500 13.42 -3.65 -45.16
C LYS B 500 12.46 -3.47 -46.34
N ASP B 501 11.17 -3.86 -46.16
CA ASP B 501 10.09 -3.75 -47.14
C ASP B 501 9.93 -2.33 -47.68
N PRO B 502 9.69 -2.17 -49.01
CA PRO B 502 9.55 -0.81 -49.56
C PRO B 502 8.28 -0.12 -49.08
N VAL B 503 8.37 1.21 -48.95
CA VAL B 503 7.29 2.06 -48.51
C VAL B 503 6.14 1.94 -49.51
N GLN B 504 4.92 1.64 -49.02
CA GLN B 504 3.75 1.56 -49.88
C GLN B 504 3.21 2.99 -50.03
N GLU B 505 2.50 3.28 -51.15
CA GLU B 505 1.95 4.64 -51.39
C GLU B 505 0.75 4.95 -50.48
N ALA B 506 -0.07 3.94 -50.16
CA ALA B 506 -1.19 4.14 -49.24
C ALA B 506 -0.61 3.89 -47.84
N TRP B 507 -0.42 4.98 -47.09
CA TRP B 507 0.18 4.99 -45.75
C TRP B 507 -0.42 3.96 -44.78
N ALA B 508 -1.76 3.82 -44.78
CA ALA B 508 -2.49 2.88 -43.92
C ALA B 508 -2.09 1.44 -44.24
N GLU B 509 -1.79 1.15 -45.52
CA GLU B 509 -1.33 -0.16 -45.98
C GLU B 509 0.11 -0.39 -45.53
N ASP B 510 0.95 0.67 -45.59
CA ASP B 510 2.36 0.65 -45.17
C ASP B 510 2.46 0.34 -43.64
N VAL B 511 1.54 0.92 -42.85
CA VAL B 511 1.40 0.76 -41.41
C VAL B 511 1.08 -0.71 -41.13
N ASP B 512 0.07 -1.27 -41.84
CA ASP B 512 -0.39 -2.66 -41.76
C ASP B 512 0.70 -3.65 -42.11
N LEU B 513 1.50 -3.32 -43.10
CA LEU B 513 2.61 -4.14 -43.56
C LEU B 513 3.63 -4.29 -42.43
N ARG B 514 3.97 -3.17 -41.73
CA ARG B 514 4.95 -3.14 -40.63
C ARG B 514 4.45 -3.86 -39.37
N VAL B 515 3.14 -3.82 -39.09
CA VAL B 515 2.49 -4.52 -37.98
C VAL B 515 2.55 -6.03 -38.27
N ASN B 516 2.20 -6.43 -39.51
CA ASN B 516 2.23 -7.81 -39.96
C ASN B 516 3.64 -8.37 -39.92
N PHE B 517 4.64 -7.56 -40.26
CA PHE B 517 6.03 -7.96 -40.12
C PHE B 517 6.32 -8.33 -38.66
N ALA B 518 5.92 -7.45 -37.69
CA ALA B 518 6.13 -7.69 -36.26
C ALA B 518 5.49 -9.00 -35.81
N MET B 519 4.27 -9.29 -36.31
CA MET B 519 3.50 -10.51 -36.05
C MET B 519 4.30 -11.73 -36.50
N ASN B 520 4.95 -11.62 -37.69
CA ASN B 520 5.77 -12.69 -38.27
C ASN B 520 7.01 -12.95 -37.44
N VAL B 521 7.70 -11.88 -36.97
CA VAL B 521 8.87 -12.00 -36.08
C VAL B 521 8.44 -12.65 -34.74
N GLY B 522 7.27 -12.31 -34.25
CA GLY B 522 6.73 -12.88 -33.01
C GLY B 522 6.45 -14.37 -33.13
N LYS B 523 5.75 -14.77 -34.23
CA LYS B 523 5.42 -16.18 -34.50
C LYS B 523 6.69 -17.06 -34.72
N ALA B 524 7.66 -16.54 -35.48
CA ALA B 524 8.92 -17.21 -35.81
C ALA B 524 9.81 -17.44 -34.61
N ARG B 525 9.86 -16.47 -33.68
CA ARG B 525 10.70 -16.56 -32.49
C ARG B 525 9.92 -17.18 -31.30
N GLY B 526 8.66 -17.54 -31.55
CA GLY B 526 7.78 -18.19 -30.58
C GLY B 526 7.40 -17.31 -29.42
N PHE B 527 7.24 -15.98 -29.66
CA PHE B 527 6.83 -15.00 -28.64
C PHE B 527 5.35 -15.16 -28.36
N PHE B 528 4.58 -15.52 -29.40
CA PHE B 528 3.13 -15.72 -29.37
C PHE B 528 2.79 -16.54 -30.62
N LYS B 529 1.51 -16.89 -30.80
CA LYS B 529 1.03 -17.65 -31.97
C LYS B 529 -0.33 -17.15 -32.40
N LYS B 530 -0.82 -17.61 -33.56
CA LYS B 530 -2.13 -17.28 -34.14
C LYS B 530 -3.21 -17.40 -33.07
N GLY B 531 -4.04 -16.37 -32.94
CA GLY B 531 -5.12 -16.35 -31.98
C GLY B 531 -4.83 -15.65 -30.67
N ASP B 532 -3.54 -15.48 -30.32
CA ASP B 532 -3.11 -14.76 -29.11
C ASP B 532 -3.39 -13.27 -29.25
N VAL B 533 -3.48 -12.56 -28.14
CA VAL B 533 -3.75 -11.12 -28.10
C VAL B 533 -2.42 -10.35 -27.98
N VAL B 534 -2.28 -9.25 -28.71
CA VAL B 534 -1.11 -8.38 -28.64
C VAL B 534 -1.58 -6.93 -28.60
N ILE B 535 -0.70 -6.05 -28.13
CA ILE B 535 -0.99 -4.63 -28.12
C ILE B 535 -0.24 -4.05 -29.31
N VAL B 536 -0.88 -3.14 -30.07
CA VAL B 536 -0.28 -2.48 -31.23
C VAL B 536 -0.40 -0.96 -31.05
N LEU B 537 0.77 -0.29 -31.13
CA LEU B 537 0.88 1.16 -31.04
C LEU B 537 1.28 1.75 -32.39
N THR B 538 0.51 2.74 -32.85
CA THR B 538 0.72 3.49 -34.10
C THR B 538 0.35 4.97 -33.85
N GLY B 539 0.52 5.81 -34.87
CA GLY B 539 0.24 7.25 -34.82
C GLY B 539 -0.82 7.71 -35.82
N TRP B 540 -1.26 8.95 -35.68
CA TRP B 540 -2.34 9.47 -36.52
C TRP B 540 -1.89 10.04 -37.89
N ARG B 541 -0.56 10.12 -38.14
CA ARG B 541 0.00 10.59 -39.40
C ARG B 541 1.48 10.17 -39.53
N PRO B 542 2.08 10.19 -40.76
CA PRO B 542 3.52 9.88 -40.91
C PRO B 542 4.41 10.85 -40.15
N GLY B 543 5.66 10.47 -39.90
CA GLY B 543 6.63 11.28 -39.15
C GLY B 543 6.58 11.02 -37.65
N SER B 544 7.64 11.39 -36.91
CA SER B 544 7.72 11.17 -35.46
C SER B 544 6.86 12.17 -34.68
N GLY B 545 6.49 11.77 -33.47
CA GLY B 545 5.75 12.60 -32.51
C GLY B 545 4.26 12.43 -32.51
N PHE B 546 3.72 11.52 -33.32
CA PHE B 546 2.24 11.41 -33.41
C PHE B 546 1.64 10.10 -32.85
N THR B 547 2.42 9.24 -32.14
CA THR B 547 1.88 7.97 -31.59
C THR B 547 0.72 8.27 -30.66
N ASN B 548 -0.46 7.75 -30.97
CA ASN B 548 -1.59 8.08 -30.10
C ASN B 548 -2.66 7.02 -30.20
N THR B 549 -2.37 5.95 -30.94
CA THR B 549 -3.33 4.89 -31.20
C THR B 549 -2.89 3.56 -30.58
N MET B 550 -3.70 3.06 -29.66
CA MET B 550 -3.46 1.79 -28.99
C MET B 550 -4.55 0.79 -29.42
N ARG B 551 -4.15 -0.33 -30.01
CA ARG B 551 -5.13 -1.36 -30.37
C ARG B 551 -4.80 -2.71 -29.73
N VAL B 552 -5.84 -3.48 -29.39
CA VAL B 552 -5.73 -4.83 -28.85
C VAL B 552 -6.10 -5.71 -30.03
N VAL B 553 -5.11 -6.41 -30.58
CA VAL B 553 -5.27 -7.12 -31.84
C VAL B 553 -4.96 -8.64 -31.74
N PRO B 554 -5.81 -9.51 -32.37
CA PRO B 554 -5.48 -10.94 -32.37
C PRO B 554 -4.35 -11.22 -33.36
N VAL B 555 -3.50 -12.20 -33.07
CA VAL B 555 -2.38 -12.58 -33.92
C VAL B 555 -2.96 -13.35 -35.16
N PRO B 556 -2.67 -12.92 -36.42
CA PRO B 556 -3.23 -13.61 -37.60
C PRO B 556 -2.59 -14.98 -37.96
N GLN C 39 -15.84 -13.61 12.38
CA GLN C 39 -17.21 -13.98 12.74
C GLN C 39 -17.92 -12.90 13.58
N THR C 40 -17.15 -12.18 14.43
CA THR C 40 -17.62 -11.11 15.30
C THR C 40 -16.83 -9.85 15.01
N GLN C 41 -17.41 -8.68 15.39
CA GLN C 41 -16.88 -7.32 15.28
C GLN C 41 -16.16 -7.02 13.94
N GLN C 42 -16.75 -7.51 12.82
CA GLN C 42 -16.25 -7.33 11.42
C GLN C 42 -14.78 -7.73 11.25
N LEU C 43 -14.35 -8.80 11.95
CA LEU C 43 -12.96 -9.25 11.87
C LEU C 43 -12.63 -9.86 10.51
N HIS C 44 -13.63 -10.42 9.81
CA HIS C 44 -13.39 -10.95 8.47
C HIS C 44 -13.12 -9.77 7.53
N ALA C 45 -13.90 -8.66 7.66
CA ALA C 45 -13.65 -7.42 6.88
C ALA C 45 -12.33 -6.78 7.32
N ALA C 46 -11.92 -6.97 8.60
CA ALA C 46 -10.67 -6.44 9.16
C ALA C 46 -9.43 -6.98 8.39
N MET C 47 -9.48 -8.25 7.94
CA MET C 47 -8.40 -8.93 7.24
C MET C 47 -8.15 -8.44 5.81
N ALA C 48 -9.16 -7.82 5.17
CA ALA C 48 -9.06 -7.34 3.78
C ALA C 48 -7.78 -6.56 3.45
N ASP C 49 -7.16 -6.91 2.33
CA ASP C 49 -5.92 -6.35 1.75
C ASP C 49 -6.19 -5.02 1.01
N THR C 50 -7.47 -4.78 0.64
CA THR C 50 -7.91 -3.56 -0.02
C THR C 50 -9.14 -3.03 0.70
N PHE C 51 -9.37 -1.68 0.59
CA PHE C 51 -10.53 -1.03 1.19
C PHE C 51 -11.82 -1.53 0.50
N LEU C 52 -11.77 -1.68 -0.84
CA LEU C 52 -12.89 -2.21 -1.63
C LEU C 52 -13.35 -3.56 -1.09
N GLU C 53 -12.39 -4.51 -0.86
CA GLU C 53 -12.74 -5.83 -0.31
CA GLU C 53 -12.68 -5.84 -0.29
C GLU C 53 -13.22 -5.69 1.14
N HIS C 54 -12.69 -4.68 1.87
CA HIS C 54 -13.09 -4.41 3.26
C HIS C 54 -14.62 -4.13 3.29
N MET C 55 -15.09 -3.25 2.38
CA MET C 55 -16.50 -2.94 2.20
C MET C 55 -17.32 -4.22 1.80
N CYS C 56 -16.84 -4.98 0.79
CA CYS C 56 -17.47 -6.23 0.31
C CYS C 56 -17.73 -7.20 1.45
N ARG C 57 -16.81 -7.26 2.44
CA ARG C 57 -16.92 -8.19 3.57
C ARG C 57 -17.73 -7.69 4.75
N LEU C 58 -18.30 -6.44 4.68
CA LEU C 58 -19.09 -5.95 5.82
C LEU C 58 -20.30 -6.83 6.00
N ASP C 59 -20.45 -7.35 7.22
CA ASP C 59 -21.44 -8.36 7.57
C ASP C 59 -22.44 -7.96 8.67
N ILE C 60 -23.73 -7.92 8.27
CA ILE C 60 -24.84 -7.61 9.17
C ILE C 60 -25.02 -8.74 10.19
N ASP C 61 -24.35 -9.89 9.98
CA ASP C 61 -24.41 -11.03 10.91
C ASP C 61 -23.14 -11.16 11.74
N SER C 62 -22.25 -10.15 11.66
CA SER C 62 -21.03 -10.10 12.46
C SER C 62 -21.33 -9.10 13.59
N PRO C 63 -21.73 -9.60 14.79
CA PRO C 63 -22.15 -8.67 15.85
C PRO C 63 -20.99 -7.92 16.53
N PRO C 64 -21.22 -6.61 16.88
CA PRO C 64 -20.14 -5.84 17.55
C PRO C 64 -19.86 -6.28 18.99
N ILE C 65 -18.75 -5.79 19.57
CA ILE C 65 -18.38 -6.03 20.99
C ILE C 65 -19.37 -5.26 21.89
N THR C 66 -19.28 -5.43 23.22
CA THR C 66 -20.17 -4.66 24.09
C THR C 66 -19.75 -3.17 24.11
N ALA C 67 -18.42 -2.90 24.13
CA ALA C 67 -17.86 -1.54 24.24
C ALA C 67 -18.16 -0.60 23.07
N ARG C 68 -18.60 0.62 23.40
CA ARG C 68 -18.87 1.69 22.45
C ARG C 68 -17.88 2.82 22.76
N ASN C 69 -17.01 3.10 21.80
CA ASN C 69 -15.87 4.02 21.87
C ASN C 69 -16.16 5.49 21.59
N THR C 70 -17.23 5.80 20.86
CA THR C 70 -17.54 7.17 20.45
C THR C 70 -18.35 7.89 21.53
N GLY C 71 -17.85 9.03 21.98
CA GLY C 71 -18.49 9.85 23.00
C GLY C 71 -19.82 10.41 22.53
N ILE C 72 -20.89 10.23 23.34
CA ILE C 72 -22.21 10.79 23.02
C ILE C 72 -22.46 12.08 23.83
N ILE C 73 -22.57 13.24 23.12
CA ILE C 73 -22.85 14.55 23.71
C ILE C 73 -24.34 14.89 23.53
N CYS C 74 -25.05 15.18 24.66
CA CYS C 74 -26.49 15.51 24.65
C CYS C 74 -26.79 16.90 25.14
N THR C 75 -27.55 17.65 24.34
CA THR C 75 -28.02 18.98 24.78
C THR C 75 -29.16 18.79 25.78
N ILE C 76 -29.02 19.40 26.96
CA ILE C 76 -30.03 19.34 28.01
C ILE C 76 -31.02 20.48 27.79
N GLY C 77 -32.30 20.17 27.95
CA GLY C 77 -33.41 21.11 27.81
C GLY C 77 -34.63 20.66 28.57
N PRO C 78 -35.84 21.21 28.27
CA PRO C 78 -37.07 20.77 28.99
C PRO C 78 -37.33 19.27 28.91
N ALA C 79 -37.01 18.64 27.76
CA ALA C 79 -37.23 17.21 27.57
C ALA C 79 -36.31 16.33 28.43
N SER C 80 -35.12 16.83 28.77
CA SER C 80 -34.06 16.06 29.42
C SER C 80 -33.48 16.69 30.69
N ARG C 81 -34.22 17.55 31.38
CA ARG C 81 -33.69 18.25 32.55
C ARG C 81 -33.90 17.58 33.90
N SER C 82 -35.00 16.82 34.06
CA SER C 82 -35.25 16.20 35.36
C SER C 82 -34.15 15.21 35.73
N VAL C 83 -33.80 15.15 37.04
CA VAL C 83 -32.82 14.21 37.62
C VAL C 83 -33.18 12.79 37.16
N GLU C 84 -34.50 12.45 37.20
CA GLU C 84 -35.10 11.19 36.77
C GLU C 84 -34.81 10.92 35.27
N THR C 85 -35.00 11.94 34.40
CA THR C 85 -34.70 11.75 32.96
C THR C 85 -33.19 11.64 32.75
N LEU C 86 -32.41 12.47 33.47
CA LEU C 86 -30.95 12.50 33.42
C LEU C 86 -30.35 11.18 33.83
N LYS C 87 -30.98 10.48 34.80
CA LYS C 87 -30.56 9.15 35.26
C LYS C 87 -30.66 8.18 34.09
N GLU C 88 -31.80 8.23 33.37
CA GLU C 88 -32.08 7.37 32.22
C GLU C 88 -31.20 7.73 31.02
N MET C 89 -30.81 9.03 30.86
CA MET C 89 -29.92 9.52 29.79
C MET C 89 -28.52 8.86 29.95
N ILE C 90 -28.06 8.75 31.21
CA ILE C 90 -26.78 8.17 31.60
C ILE C 90 -26.81 6.65 31.38
N LYS C 91 -27.96 5.99 31.62
CA LYS C 91 -28.07 4.56 31.37
C LYS C 91 -28.08 4.29 29.86
N SER C 92 -28.70 5.21 29.09
CA SER C 92 -28.77 5.14 27.61
C SER C 92 -27.42 5.39 26.91
N GLY C 93 -26.47 6.01 27.60
CA GLY C 93 -25.15 6.24 27.04
C GLY C 93 -24.65 7.66 26.89
N MET C 94 -25.36 8.66 27.48
CA MET C 94 -24.92 10.05 27.43
C MET C 94 -23.62 10.15 28.20
N ASN C 95 -22.65 10.89 27.66
CA ASN C 95 -21.33 11.02 28.29
C ASN C 95 -21.07 12.46 28.67
N VAL C 96 -21.53 13.40 27.82
CA VAL C 96 -21.39 14.84 28.03
C VAL C 96 -22.78 15.51 27.95
N ALA C 97 -23.11 16.30 28.98
CA ALA C 97 -24.33 17.11 29.11
C ALA C 97 -24.00 18.51 28.59
N ARG C 98 -24.55 18.86 27.43
CA ARG C 98 -24.30 20.15 26.79
C ARG C 98 -25.38 21.15 27.19
N LEU C 99 -24.97 22.37 27.56
CA LEU C 99 -25.86 23.48 27.97
C LEU C 99 -25.67 24.59 27.00
N ASN C 100 -26.75 25.00 26.35
CA ASN C 100 -26.73 26.06 25.36
C ASN C 100 -27.02 27.37 26.07
N PHE C 101 -26.01 28.24 26.11
CA PHE C 101 -26.13 29.56 26.76
C PHE C 101 -26.72 30.64 25.82
N SER C 102 -27.39 30.22 24.75
CA SER C 102 -28.08 31.16 23.86
C SER C 102 -29.40 31.61 24.53
N HIS C 103 -29.90 30.80 25.50
CA HIS C 103 -31.14 31.03 26.24
C HIS C 103 -30.88 30.70 27.71
N GLY C 104 -31.76 31.18 28.57
CA GLY C 104 -31.70 30.93 30.00
C GLY C 104 -30.77 31.85 30.76
N THR C 105 -30.98 31.91 32.07
CA THR C 105 -30.20 32.74 33.00
C THR C 105 -29.19 31.83 33.69
N HIS C 106 -28.19 32.44 34.35
CA HIS C 106 -27.18 31.71 35.13
C HIS C 106 -27.86 30.85 36.19
N GLU C 107 -28.89 31.40 36.87
CA GLU C 107 -29.66 30.72 37.93
C GLU C 107 -30.27 29.44 37.36
N TYR C 108 -30.84 29.52 36.14
CA TYR C 108 -31.42 28.37 35.46
C TYR C 108 -30.34 27.31 35.13
N HIS C 109 -29.22 27.74 34.53
CA HIS C 109 -28.12 26.85 34.14
C HIS C 109 -27.47 26.19 35.36
N ALA C 110 -27.35 26.94 36.50
CA ALA C 110 -26.77 26.39 37.73
C ALA C 110 -27.62 25.22 38.25
N GLU C 111 -28.95 25.30 38.11
CA GLU C 111 -29.89 24.22 38.50
C GLU C 111 -29.77 23.04 37.53
N THR C 112 -29.47 23.32 36.23
CA THR C 112 -29.27 22.25 35.26
C THR C 112 -28.05 21.40 35.68
N ILE C 113 -26.91 22.10 35.88
CA ILE C 113 -25.62 21.55 36.30
C ILE C 113 -25.78 20.74 37.59
N LYS C 114 -26.64 21.23 38.52
CA LYS C 114 -26.94 20.57 39.78
C LYS C 114 -27.69 19.28 39.50
N ASN C 115 -28.65 19.30 38.57
CA ASN C 115 -29.41 18.08 38.22
C ASN C 115 -28.53 17.02 37.56
N VAL C 116 -27.63 17.47 36.66
CA VAL C 116 -26.65 16.60 35.98
C VAL C 116 -25.82 15.93 37.06
N ARG C 117 -25.29 16.72 38.03
CA ARG C 117 -24.46 16.21 39.12
C ARG C 117 -25.22 15.30 40.08
N THR C 118 -26.49 15.63 40.40
CA THR C 118 -27.32 14.78 41.26
C THR C 118 -27.53 13.39 40.58
N ALA C 119 -27.96 13.40 39.30
CA ALA C 119 -28.15 12.18 38.49
C ALA C 119 -26.85 11.36 38.33
N THR C 120 -25.71 12.01 38.04
CA THR C 120 -24.39 11.37 37.89
C THR C 120 -23.98 10.74 39.22
N GLU C 121 -24.13 11.50 40.32
CA GLU C 121 -23.71 11.04 41.64
C GLU C 121 -24.64 10.02 42.26
N SER C 122 -25.82 9.76 41.65
CA SER C 122 -26.70 8.72 42.16
C SER C 122 -26.06 7.32 41.95
N PHE C 123 -25.19 7.20 40.93
CA PHE C 123 -24.52 5.96 40.58
C PHE C 123 -23.18 5.74 41.31
N ALA C 124 -22.71 6.75 42.09
CA ALA C 124 -21.44 6.67 42.84
C ALA C 124 -21.38 5.56 43.95
N SER C 125 -22.56 5.04 44.39
CA SER C 125 -22.66 3.98 45.42
C SER C 125 -21.88 2.74 45.01
N ASP C 126 -21.89 2.40 43.70
CA ASP C 126 -21.12 1.29 43.14
C ASP C 126 -20.05 1.90 42.22
N PRO C 127 -18.75 1.89 42.64
CA PRO C 127 -17.69 2.52 41.82
C PRO C 127 -17.35 1.74 40.54
N ILE C 128 -17.65 0.42 40.53
CA ILE C 128 -17.43 -0.47 39.38
C ILE C 128 -18.38 -0.03 38.21
N LEU C 129 -19.65 0.33 38.54
CA LEU C 129 -20.68 0.71 37.56
C LEU C 129 -20.85 2.22 37.34
N TYR C 130 -20.22 3.04 38.19
CA TYR C 130 -20.30 4.50 38.10
C TYR C 130 -19.73 4.99 36.77
N ARG C 131 -20.43 5.94 36.15
CA ARG C 131 -19.96 6.49 34.90
C ARG C 131 -19.73 7.98 35.03
N PRO C 132 -18.48 8.46 34.91
CA PRO C 132 -18.28 9.93 34.92
C PRO C 132 -19.10 10.62 33.83
N VAL C 133 -19.64 11.81 34.10
CA VAL C 133 -20.41 12.55 33.11
C VAL C 133 -19.83 13.95 33.05
N ALA C 134 -19.46 14.41 31.86
CA ALA C 134 -18.90 15.75 31.73
C ALA C 134 -19.98 16.83 31.53
N VAL C 135 -19.60 18.08 31.77
CA VAL C 135 -20.47 19.24 31.60
C VAL C 135 -19.84 20.20 30.61
N ALA C 136 -20.55 20.50 29.51
CA ALA C 136 -20.11 21.43 28.49
C ALA C 136 -20.97 22.69 28.39
N LEU C 137 -20.32 23.86 28.42
CA LEU C 137 -20.96 25.17 28.28
C LEU C 137 -20.78 25.62 26.84
N ASP C 138 -21.90 25.85 26.13
CA ASP C 138 -21.87 26.30 24.74
C ASP C 138 -22.24 27.79 24.68
N THR C 139 -21.27 28.65 24.31
CA THR C 139 -21.47 30.11 24.28
C THR C 139 -22.49 30.54 23.26
N LYS C 140 -23.11 31.71 23.47
CA LYS C 140 -24.06 32.31 22.53
C LYS C 140 -23.26 32.85 21.31
N GLY C 141 -22.15 33.52 21.60
CA GLY C 141 -21.29 34.12 20.59
C GLY C 141 -22.00 35.24 19.86
N PRO C 142 -21.51 35.64 18.68
CA PRO C 142 -22.15 36.74 17.94
C PRO C 142 -23.46 36.36 17.21
N GLU C 143 -24.48 35.88 17.95
CA GLU C 143 -25.80 35.58 17.37
C GLU C 143 -26.54 36.84 16.88
N ILE C 144 -27.41 36.67 15.89
CA ILE C 144 -28.30 37.69 15.33
C ILE C 144 -29.68 37.06 15.47
N ARG C 145 -30.57 37.71 16.22
CA ARG C 145 -31.91 37.19 16.49
C ARG C 145 -33.01 38.19 16.17
N THR C 146 -34.18 37.66 15.73
CA THR C 146 -35.36 38.47 15.45
C THR C 146 -36.11 38.74 16.77
N GLY C 147 -37.18 39.53 16.70
CA GLY C 147 -37.99 39.87 17.86
C GLY C 147 -39.21 39.00 18.03
N LEU C 148 -40.19 39.48 18.79
CA LEU C 148 -41.44 38.76 19.06
C LEU C 148 -42.50 39.02 18.00
N ILE C 149 -43.19 37.96 17.59
CA ILE C 149 -44.32 38.06 16.65
C ILE C 149 -45.54 38.52 17.47
N LYS C 150 -46.02 39.74 17.19
CA LYS C 150 -47.18 40.38 17.84
C LYS C 150 -47.17 40.19 19.38
N GLY C 151 -46.07 40.56 20.01
CA GLY C 151 -45.86 40.46 21.45
C GLY C 151 -45.89 39.08 22.09
N SER C 152 -46.03 38.00 21.30
CA SER C 152 -46.09 36.61 21.78
C SER C 152 -44.86 35.80 21.41
N GLY C 153 -44.46 34.92 22.31
CA GLY C 153 -43.33 34.00 22.10
C GLY C 153 -43.67 32.79 21.25
N THR C 154 -44.97 32.49 21.06
CA THR C 154 -45.41 31.33 20.29
C THR C 154 -46.11 31.70 18.98
N ALA C 155 -46.56 32.97 18.83
CA ALA C 155 -47.24 33.44 17.61
C ALA C 155 -46.37 33.33 16.34
N GLU C 156 -47.02 33.03 15.23
CA GLU C 156 -46.37 32.86 13.92
C GLU C 156 -47.14 33.63 12.85
N VAL C 157 -46.42 34.05 11.80
CA VAL C 157 -47.03 34.71 10.61
C VAL C 157 -46.62 33.94 9.37
N GLU C 158 -47.51 33.91 8.38
CA GLU C 158 -47.21 33.28 7.13
C GLU C 158 -46.51 34.27 6.20
N LEU C 159 -45.29 33.92 5.79
CA LEU C 159 -44.52 34.72 4.84
C LEU C 159 -44.70 34.02 3.52
N LYS C 160 -45.29 34.71 2.53
CA LYS C 160 -45.52 34.14 1.21
C LYS C 160 -44.46 34.62 0.21
N LYS C 161 -44.02 33.69 -0.69
CA LYS C 161 -43.04 33.93 -1.75
C LYS C 161 -43.52 35.08 -2.65
N GLY C 162 -42.65 36.07 -2.84
CA GLY C 162 -42.94 37.26 -3.65
C GLY C 162 -43.24 38.52 -2.86
N ALA C 163 -43.76 38.35 -1.62
CA ALA C 163 -44.13 39.47 -0.73
C ALA C 163 -42.95 40.30 -0.25
N THR C 164 -43.24 41.54 0.16
CA THR C 164 -42.26 42.48 0.71
C THR C 164 -42.26 42.32 2.22
N LEU C 165 -41.07 42.42 2.82
CA LEU C 165 -40.88 42.36 4.26
C LEU C 165 -39.89 43.45 4.62
N LYS C 166 -40.27 44.28 5.60
CA LYS C 166 -39.44 45.40 6.02
C LYS C 166 -38.69 45.03 7.31
N ILE C 167 -37.36 45.10 7.26
CA ILE C 167 -36.54 44.83 8.43
C ILE C 167 -36.23 46.18 9.08
N THR C 168 -36.48 46.32 10.39
CA THR C 168 -36.21 47.55 11.13
C THR C 168 -35.29 47.32 12.31
N LEU C 169 -34.50 48.34 12.65
CA LEU C 169 -33.61 48.28 13.81
C LEU C 169 -34.23 49.02 14.99
N ASP C 170 -35.37 49.70 14.72
CA ASP C 170 -36.14 50.48 15.67
C ASP C 170 -36.76 49.63 16.76
N ASN C 171 -36.22 49.77 17.98
CA ASN C 171 -36.65 49.06 19.19
C ASN C 171 -38.12 49.31 19.58
N ALA C 172 -38.85 50.16 18.83
CA ALA C 172 -40.28 50.36 19.06
C ALA C 172 -41.02 49.11 18.55
N TYR C 173 -40.41 48.39 17.57
CA TYR C 173 -40.93 47.19 16.93
C TYR C 173 -40.32 45.87 17.42
N MET C 174 -39.42 45.91 18.43
CA MET C 174 -38.77 44.71 18.94
C MET C 174 -39.75 43.65 19.45
N GLU C 175 -40.92 44.07 19.93
CA GLU C 175 -41.93 43.12 20.37
C GLU C 175 -43.19 43.20 19.49
N LYS C 176 -43.06 43.84 18.29
CA LYS C 176 -44.16 43.96 17.33
C LYS C 176 -43.81 43.46 15.92
N CYS C 177 -43.22 42.24 15.82
CA CYS C 177 -42.92 41.65 14.52
C CYS C 177 -44.17 41.00 13.94
N ASP C 178 -44.31 41.04 12.59
CA ASP C 178 -45.42 40.45 11.85
C ASP C 178 -45.00 40.15 10.40
N GLU C 179 -45.97 39.84 9.50
CA GLU C 179 -45.73 39.56 8.09
C GLU C 179 -45.19 40.77 7.26
N ASN C 180 -45.28 42.00 7.82
CA ASN C 180 -44.85 43.25 7.17
C ASN C 180 -43.59 43.84 7.78
N ILE C 181 -43.45 43.73 9.10
CA ILE C 181 -42.29 44.29 9.78
C ILE C 181 -41.56 43.25 10.62
N LEU C 182 -40.23 43.29 10.58
CA LEU C 182 -39.37 42.37 11.31
C LEU C 182 -38.19 43.10 11.93
N TRP C 183 -38.12 43.10 13.25
CA TRP C 183 -37.01 43.69 14.01
C TRP C 183 -35.96 42.61 14.30
N LEU C 184 -34.68 43.01 14.27
CA LEU C 184 -33.55 42.16 14.65
C LEU C 184 -32.59 42.96 15.49
N ASP C 185 -31.82 42.28 16.37
CA ASP C 185 -30.91 42.90 17.33
C ASP C 185 -29.53 43.35 16.77
N TYR C 186 -29.24 43.09 15.47
CA TYR C 186 -27.96 43.48 14.91
C TYR C 186 -27.99 44.91 14.30
N LYS C 187 -27.68 45.91 15.15
CA LYS C 187 -27.68 47.35 14.86
C LYS C 187 -26.88 47.77 13.62
N ASN C 188 -25.75 47.11 13.32
CA ASN C 188 -24.94 47.48 12.15
C ASN C 188 -25.24 46.61 10.92
N ILE C 189 -26.49 46.09 10.77
CA ILE C 189 -26.90 45.25 9.63
C ILE C 189 -26.85 46.00 8.30
N CYS C 190 -27.34 47.26 8.27
CA CYS C 190 -27.37 48.06 7.05
C CYS C 190 -25.99 48.34 6.47
N LYS C 191 -25.02 48.62 7.35
CA LYS C 191 -23.62 48.92 7.02
C LYS C 191 -22.86 47.76 6.35
N VAL C 192 -23.12 46.51 6.78
CA VAL C 192 -22.41 45.31 6.30
C VAL C 192 -23.14 44.57 5.13
N VAL C 193 -24.38 44.93 4.80
CA VAL C 193 -25.10 44.31 3.69
C VAL C 193 -25.32 45.33 2.56
N GLU C 194 -25.74 44.86 1.38
CA GLU C 194 -26.01 45.71 0.20
C GLU C 194 -27.31 45.27 -0.49
N VAL C 195 -27.68 45.96 -1.59
CA VAL C 195 -28.86 45.60 -2.39
C VAL C 195 -28.49 44.31 -3.14
N GLY C 196 -29.41 43.36 -3.16
CA GLY C 196 -29.20 42.06 -3.81
C GLY C 196 -28.79 40.98 -2.85
N SER C 197 -28.25 41.39 -1.67
CA SER C 197 -27.81 40.50 -0.60
C SER C 197 -28.93 39.60 -0.09
N LYS C 198 -28.55 38.39 0.36
CA LYS C 198 -29.50 37.43 0.87
C LYS C 198 -29.40 37.29 2.39
N ILE C 199 -30.57 37.28 3.06
CA ILE C 199 -30.69 37.16 4.52
C ILE C 199 -31.50 35.91 4.83
N TYR C 200 -30.96 35.04 5.71
CA TYR C 200 -31.65 33.81 6.09
C TYR C 200 -32.17 33.91 7.50
N VAL C 201 -33.39 33.40 7.72
CA VAL C 201 -34.10 33.41 9.00
C VAL C 201 -34.56 32.01 9.35
N ASP C 202 -34.43 31.63 10.65
CA ASP C 202 -34.83 30.35 11.26
C ASP C 202 -34.18 29.12 10.63
N ASP C 203 -32.91 28.83 11.00
CA ASP C 203 -32.09 27.71 10.49
C ASP C 203 -32.01 27.71 8.96
N GLY C 204 -32.07 28.92 8.38
CA GLY C 204 -31.99 29.16 6.94
C GLY C 204 -33.17 28.65 6.14
N LEU C 205 -34.33 28.46 6.79
CA LEU C 205 -35.55 27.99 6.11
C LEU C 205 -36.26 29.14 5.36
N ILE C 206 -36.19 30.36 5.92
CA ILE C 206 -36.76 31.52 5.26
C ILE C 206 -35.60 32.35 4.68
N SER C 207 -35.70 32.72 3.40
CA SER C 207 -34.69 33.52 2.72
C SER C 207 -35.30 34.80 2.17
N LEU C 208 -34.62 35.91 2.43
CA LEU C 208 -35.05 37.24 1.99
C LEU C 208 -33.97 37.85 1.11
N GLN C 209 -34.40 38.64 0.11
CA GLN C 209 -33.48 39.33 -0.79
C GLN C 209 -33.65 40.84 -0.59
N VAL C 210 -32.55 41.53 -0.22
CA VAL C 210 -32.53 42.97 0.00
C VAL C 210 -32.80 43.72 -1.34
N LYS C 211 -33.88 44.53 -1.36
CA LYS C 211 -34.27 45.34 -2.52
C LYS C 211 -33.83 46.79 -2.28
N GLN C 212 -34.22 47.37 -1.12
CA GLN C 212 -33.85 48.74 -0.74
C GLN C 212 -33.08 48.74 0.57
N LYS C 213 -32.00 49.53 0.63
CA LYS C 213 -31.17 49.72 1.82
C LYS C 213 -31.51 51.13 2.38
N GLY C 214 -31.53 51.26 3.71
CA GLY C 214 -31.83 52.52 4.38
C GLY C 214 -30.89 52.84 5.52
N ALA C 215 -31.27 53.82 6.35
CA ALA C 215 -30.48 54.27 7.51
C ALA C 215 -30.58 53.27 8.67
N ASP C 216 -31.82 52.88 9.04
CA ASP C 216 -32.11 51.93 10.11
C ASP C 216 -33.19 50.93 9.66
N PHE C 217 -33.25 50.66 8.33
CA PHE C 217 -34.19 49.71 7.75
C PHE C 217 -33.71 49.06 6.44
N LEU C 218 -34.39 47.96 6.03
CA LEU C 218 -34.13 47.19 4.82
C LEU C 218 -35.46 46.70 4.23
N VAL C 219 -35.75 47.04 2.96
CA VAL C 219 -36.95 46.57 2.28
C VAL C 219 -36.47 45.32 1.55
N THR C 220 -37.08 44.17 1.85
CA THR C 220 -36.67 42.90 1.27
C THR C 220 -37.83 42.20 0.58
N GLU C 221 -37.51 41.16 -0.20
CA GLU C 221 -38.49 40.31 -0.89
C GLU C 221 -38.36 38.85 -0.44
N VAL C 222 -39.49 38.19 -0.20
CA VAL C 222 -39.55 36.80 0.25
C VAL C 222 -39.23 35.82 -0.91
N GLU C 223 -38.08 35.17 -0.81
CA GLU C 223 -37.63 34.21 -1.78
C GLU C 223 -38.16 32.84 -1.30
N ASN C 224 -37.77 32.40 -0.09
CA ASN C 224 -38.30 31.15 0.47
C ASN C 224 -39.20 31.51 1.62
N GLY C 225 -40.49 31.20 1.45
CA GLY C 225 -41.52 31.48 2.43
C GLY C 225 -41.67 30.40 3.49
N GLY C 226 -42.69 30.58 4.34
CA GLY C 226 -43.03 29.68 5.43
C GLY C 226 -43.54 30.40 6.65
N SER C 227 -43.57 29.70 7.79
CA SER C 227 -44.02 30.24 9.07
C SER C 227 -42.90 30.99 9.80
N LEU C 228 -43.08 32.29 9.99
CA LEU C 228 -42.13 33.11 10.73
C LEU C 228 -42.59 33.20 12.17
N GLY C 229 -41.73 32.76 13.09
CA GLY C 229 -41.96 32.76 14.53
C GLY C 229 -41.12 33.77 15.26
N SER C 230 -41.16 33.76 16.60
CA SER C 230 -40.42 34.70 17.46
C SER C 230 -38.98 34.30 17.79
N LYS C 231 -38.11 35.31 17.93
CA LYS C 231 -36.70 35.19 18.35
C LYS C 231 -35.90 34.14 17.56
N LYS C 232 -36.05 34.12 16.22
CA LYS C 232 -35.36 33.18 15.35
C LYS C 232 -33.98 33.72 14.94
N GLY C 233 -33.03 32.80 14.79
CA GLY C 233 -31.67 33.10 14.36
C GLY C 233 -31.60 33.60 12.92
N VAL C 234 -30.69 34.55 12.67
CA VAL C 234 -30.49 35.17 11.36
C VAL C 234 -29.05 34.93 10.83
N ASN C 235 -28.93 34.68 9.51
CA ASN C 235 -27.64 34.49 8.86
C ASN C 235 -27.46 35.45 7.71
N LEU C 236 -26.25 35.96 7.54
CA LEU C 236 -25.92 36.87 6.43
C LEU C 236 -24.67 36.26 5.76
N PRO C 237 -24.85 35.19 4.94
CA PRO C 237 -23.70 34.47 4.35
C PRO C 237 -22.60 35.30 3.68
N GLY C 238 -22.96 36.28 2.86
CA GLY C 238 -21.97 37.11 2.18
C GLY C 238 -21.40 38.25 3.00
N ALA C 239 -22.17 38.75 4.00
CA ALA C 239 -21.83 39.89 4.83
C ALA C 239 -20.62 39.72 5.74
N ALA C 240 -19.90 40.83 5.97
CA ALA C 240 -18.75 40.86 6.85
C ALA C 240 -19.24 41.30 8.23
N VAL C 241 -19.89 40.37 8.96
CA VAL C 241 -20.46 40.60 10.30
C VAL C 241 -19.34 41.02 11.25
N ASP C 242 -19.47 42.23 11.81
CA ASP C 242 -18.50 42.88 12.68
C ASP C 242 -18.71 42.65 14.17
N LEU C 243 -19.68 41.80 14.53
CA LEU C 243 -20.00 41.51 15.93
C LEU C 243 -18.78 40.92 16.67
N PRO C 244 -18.57 41.22 17.97
CA PRO C 244 -17.40 40.67 18.66
C PRO C 244 -17.48 39.15 18.82
N ALA C 245 -16.30 38.52 18.80
CA ALA C 245 -16.12 37.08 18.97
C ALA C 245 -16.52 36.70 20.38
N VAL C 246 -16.08 37.51 21.36
CA VAL C 246 -16.39 37.31 22.78
C VAL C 246 -17.07 38.60 23.28
N SER C 247 -18.39 38.54 23.48
CA SER C 247 -19.17 39.69 23.93
C SER C 247 -19.15 39.73 25.45
N GLU C 248 -19.70 40.83 26.04
CA GLU C 248 -19.78 41.02 27.48
C GLU C 248 -20.57 39.92 28.15
N LYS C 249 -21.69 39.50 27.51
CA LYS C 249 -22.52 38.39 27.97
C LYS C 249 -21.67 37.09 27.96
N ASP C 250 -20.88 36.86 26.85
CA ASP C 250 -20.00 35.68 26.74
C ASP C 250 -19.00 35.67 27.86
N ILE C 251 -18.36 36.84 28.14
CA ILE C 251 -17.42 37.00 29.25
C ILE C 251 -18.09 36.56 30.56
N GLN C 252 -19.31 37.06 30.85
CA GLN C 252 -20.02 36.68 32.08
C GLN C 252 -20.22 35.18 32.15
N ASP C 253 -20.72 34.60 31.06
CA ASP C 253 -20.99 33.15 30.94
C ASP C 253 -19.70 32.35 31.13
N LEU C 254 -18.60 32.76 30.49
CA LEU C 254 -17.29 32.12 30.64
C LEU C 254 -16.82 32.14 32.08
N LYS C 255 -16.94 33.32 32.77
CA LYS C 255 -16.59 33.46 34.20
C LYS C 255 -17.47 32.55 35.07
N PHE C 256 -18.77 32.44 34.73
CA PHE C 256 -19.74 31.56 35.41
C PHE C 256 -19.33 30.08 35.20
N GLY C 257 -18.76 29.79 34.02
CA GLY C 257 -18.25 28.46 33.69
C GLY C 257 -17.17 28.03 34.65
N VAL C 258 -16.22 28.93 34.92
CA VAL C 258 -15.13 28.67 35.87
C VAL C 258 -15.71 28.40 37.27
N GLU C 259 -16.67 29.28 37.70
CA GLU C 259 -17.35 29.18 39.01
C GLU C 259 -18.11 27.89 39.17
N GLN C 260 -18.71 27.38 38.08
CA GLN C 260 -19.50 26.15 38.09
C GLN C 260 -18.67 24.88 37.86
N ASP C 261 -17.34 25.04 37.64
CA ASP C 261 -16.39 23.95 37.44
C ASP C 261 -16.80 23.09 36.24
N VAL C 262 -16.92 23.74 35.08
CA VAL C 262 -17.30 23.05 33.83
C VAL C 262 -16.05 22.36 33.29
N ASP C 263 -16.24 21.27 32.51
CA ASP C 263 -15.12 20.51 31.97
C ASP C 263 -14.59 21.10 30.72
N MET C 264 -15.47 21.67 29.90
CA MET C 264 -15.11 22.22 28.61
C MET C 264 -16.08 23.33 28.20
N VAL C 265 -15.67 24.14 27.23
CA VAL C 265 -16.44 25.21 26.62
C VAL C 265 -16.52 24.90 25.10
N PHE C 266 -17.72 25.12 24.48
CA PHE C 266 -17.93 24.99 23.03
C PHE C 266 -18.09 26.43 22.58
N ALA C 267 -17.03 27.01 21.98
CA ALA C 267 -17.04 28.42 21.60
C ALA C 267 -17.62 28.66 20.23
N SER C 268 -18.76 29.34 20.20
CA SER C 268 -19.48 29.65 18.97
C SER C 268 -18.83 30.66 18.08
N PHE C 269 -19.01 30.44 16.75
CA PHE C 269 -18.57 31.27 15.63
C PHE C 269 -17.07 31.70 15.64
N ILE C 270 -16.18 30.81 16.12
CA ILE C 270 -14.72 31.07 16.11
C ILE C 270 -14.25 31.24 14.66
N ARG C 271 -13.72 32.44 14.33
CA ARG C 271 -13.27 32.81 12.98
C ARG C 271 -11.75 32.79 12.84
N LYS C 272 -11.00 32.89 13.96
CA LYS C 272 -9.55 32.98 13.94
C LYS C 272 -8.91 32.59 15.25
N ALA C 273 -7.56 32.48 15.24
CA ALA C 273 -6.76 32.12 16.42
C ALA C 273 -6.98 33.14 17.56
N SER C 274 -6.95 34.44 17.23
CA SER C 274 -7.15 35.54 18.20
C SER C 274 -8.48 35.42 18.99
N ASP C 275 -9.55 34.83 18.38
CA ASP C 275 -10.83 34.60 19.06
C ASP C 275 -10.68 33.51 20.13
N VAL C 276 -9.85 32.46 19.85
CA VAL C 276 -9.62 31.37 20.81
C VAL C 276 -8.75 31.89 21.95
N HIS C 277 -7.74 32.75 21.62
CA HIS C 277 -6.87 33.37 22.60
C HIS C 277 -7.72 34.28 23.50
N GLU C 278 -8.78 34.91 22.95
CA GLU C 278 -9.71 35.75 23.71
C GLU C 278 -10.49 34.92 24.73
N VAL C 279 -11.02 33.73 24.34
CA VAL C 279 -11.75 32.80 25.22
C VAL C 279 -10.82 32.28 26.33
N ARG C 280 -9.58 31.94 25.95
CA ARG C 280 -8.51 31.42 26.81
C ARG C 280 -8.13 32.42 27.90
N LYS C 281 -7.95 33.71 27.49
CA LYS C 281 -7.64 34.86 28.35
C LYS C 281 -8.76 35.02 29.40
N VAL C 282 -10.05 35.04 28.96
CA VAL C 282 -11.20 35.19 29.86
C VAL C 282 -11.23 34.07 30.88
N LEU C 283 -11.02 32.81 30.45
CA LEU C 283 -11.01 31.68 31.39
C LEU C 283 -9.89 31.84 32.41
N GLY C 284 -8.75 32.37 31.94
CA GLY C 284 -7.55 32.65 32.73
C GLY C 284 -6.99 31.49 33.52
N GLU C 285 -6.07 31.82 34.46
CA GLU C 285 -5.42 30.85 35.34
C GLU C 285 -6.41 29.94 36.06
N LYS C 286 -7.54 30.48 36.53
CA LYS C 286 -8.55 29.70 37.25
C LYS C 286 -9.22 28.62 36.40
N GLY C 287 -9.44 28.92 35.12
CA GLY C 287 -10.02 27.98 34.15
C GLY C 287 -9.03 27.50 33.12
N LYS C 288 -7.72 27.45 33.47
CA LYS C 288 -6.64 27.03 32.56
C LYS C 288 -6.76 25.58 32.05
N ASN C 289 -7.33 24.68 32.88
CA ASN C 289 -7.52 23.27 32.61
C ASN C 289 -8.91 22.97 31.97
N ILE C 290 -9.68 24.04 31.63
CA ILE C 290 -10.98 23.86 30.97
C ILE C 290 -10.71 23.75 29.47
N LYS C 291 -11.12 22.63 28.84
CA LYS C 291 -10.88 22.43 27.40
C LYS C 291 -11.70 23.36 26.52
N ILE C 292 -11.03 24.11 25.61
CA ILE C 292 -11.71 24.96 24.63
C ILE C 292 -11.90 24.17 23.28
N ILE C 293 -13.15 23.98 22.88
CA ILE C 293 -13.58 23.32 21.66
C ILE C 293 -14.09 24.43 20.76
N SER C 294 -13.32 24.81 19.70
CA SER C 294 -13.78 25.87 18.81
C SER C 294 -14.83 25.32 17.83
N LYS C 295 -15.98 26.01 17.73
CA LYS C 295 -17.07 25.63 16.86
C LYS C 295 -16.84 26.28 15.50
N ILE C 296 -16.77 25.43 14.46
CA ILE C 296 -16.56 25.93 13.10
C ILE C 296 -17.89 25.95 12.42
N GLU C 297 -18.34 27.15 12.13
CA GLU C 297 -19.65 27.34 11.55
C GLU C 297 -19.70 28.46 10.55
N ASN C 298 -18.56 28.82 9.95
CA ASN C 298 -18.57 29.86 8.89
C ASN C 298 -17.39 29.70 7.95
N HIS C 299 -17.40 30.43 6.84
CA HIS C 299 -16.37 30.39 5.79
C HIS C 299 -14.97 30.67 6.32
N GLU C 300 -14.79 31.80 7.02
CA GLU C 300 -13.52 32.24 7.60
C GLU C 300 -12.97 31.21 8.57
N GLY C 301 -13.86 30.60 9.36
CA GLY C 301 -13.49 29.53 10.30
C GLY C 301 -12.84 28.35 9.59
N VAL C 302 -13.34 27.99 8.41
CA VAL C 302 -12.83 26.90 7.57
C VAL C 302 -11.49 27.30 6.96
N ARG C 303 -11.42 28.53 6.38
CA ARG C 303 -10.22 29.08 5.74
C ARG C 303 -9.07 29.24 6.72
N ARG C 304 -9.36 29.58 7.98
CA ARG C 304 -8.38 29.77 9.04
C ARG C 304 -8.31 28.57 9.99
N PHE C 305 -8.92 27.43 9.62
CA PHE C 305 -8.96 26.22 10.46
C PHE C 305 -7.62 25.81 11.11
N ASP C 306 -6.50 25.82 10.35
CA ASP C 306 -5.21 25.40 10.91
C ASP C 306 -4.80 26.23 12.13
N GLU C 307 -4.85 27.58 12.01
CA GLU C 307 -4.50 28.46 13.13
C GLU C 307 -5.48 28.29 14.28
N ILE C 308 -6.77 28.05 13.95
CA ILE C 308 -7.81 27.81 14.95
C ILE C 308 -7.52 26.54 15.72
N LEU C 309 -7.24 25.43 15.02
CA LEU C 309 -6.92 24.12 15.61
C LEU C 309 -5.66 24.13 16.50
N GLU C 310 -4.61 24.88 16.08
CA GLU C 310 -3.39 25.00 16.88
C GLU C 310 -3.69 25.67 18.23
N ALA C 311 -4.51 26.72 18.22
CA ALA C 311 -4.91 27.47 19.42
C ALA C 311 -5.86 26.70 20.36
N SER C 312 -6.69 25.78 19.82
CA SER C 312 -7.73 25.07 20.57
C SER C 312 -7.33 23.73 21.17
N ASP C 313 -8.18 23.19 22.05
CA ASP C 313 -7.98 21.86 22.60
C ASP C 313 -8.78 20.83 21.76
N GLY C 314 -9.64 21.33 20.86
CA GLY C 314 -10.50 20.50 20.02
C GLY C 314 -11.45 21.28 19.15
N ILE C 315 -12.16 20.57 18.25
CA ILE C 315 -13.07 21.18 17.27
C ILE C 315 -14.46 20.56 17.28
N MET C 316 -15.46 21.39 16.96
CA MET C 316 -16.84 20.98 16.72
C MET C 316 -17.14 21.31 15.29
N VAL C 317 -17.53 20.30 14.52
CA VAL C 317 -17.96 20.56 13.15
C VAL C 317 -19.44 20.99 13.36
N ALA C 318 -19.67 22.33 13.41
CA ALA C 318 -20.97 22.95 13.69
C ALA C 318 -21.75 23.11 12.41
N ARG C 319 -22.24 21.97 11.89
CA ARG C 319 -22.91 21.83 10.59
C ARG C 319 -24.17 22.69 10.37
N GLY C 320 -24.92 23.00 11.43
CA GLY C 320 -26.14 23.83 11.36
C GLY C 320 -25.89 25.17 10.69
N ASP C 321 -25.09 26.02 11.34
CA ASP C 321 -24.77 27.34 10.78
C ASP C 321 -23.83 27.26 9.60
N LEU C 322 -22.90 26.28 9.58
CA LEU C 322 -21.97 26.07 8.47
C LEU C 322 -22.72 25.79 7.16
N GLY C 323 -23.77 24.98 7.26
CA GLY C 323 -24.66 24.68 6.12
C GLY C 323 -25.48 25.82 5.57
N ILE C 324 -25.51 26.97 6.30
CA ILE C 324 -26.23 28.18 5.90
C ILE C 324 -25.18 29.19 5.43
N GLU C 325 -24.06 29.28 6.16
CA GLU C 325 -22.96 30.20 5.86
C GLU C 325 -22.24 29.87 4.57
N ILE C 326 -22.16 28.57 4.22
CA ILE C 326 -21.55 28.07 2.98
C ILE C 326 -22.62 27.18 2.28
N PRO C 327 -22.54 26.91 0.95
CA PRO C 327 -23.54 26.01 0.32
C PRO C 327 -23.59 24.63 0.97
N ALA C 328 -24.82 24.16 1.26
CA ALA C 328 -25.13 22.92 1.98
C ALA C 328 -24.48 21.68 1.40
N GLU C 329 -24.27 21.68 0.06
CA GLU C 329 -23.60 20.59 -0.67
C GLU C 329 -22.07 20.54 -0.38
N LYS C 330 -21.50 21.58 0.29
CA LYS C 330 -20.06 21.60 0.63
C LYS C 330 -19.76 21.21 2.08
N VAL C 331 -20.78 21.08 2.94
CA VAL C 331 -20.58 20.77 4.36
C VAL C 331 -19.82 19.46 4.60
N PHE C 332 -20.10 18.39 3.84
CA PHE C 332 -19.38 17.08 3.99
C PHE C 332 -17.87 17.22 3.73
N LEU C 333 -17.51 18.09 2.78
CA LEU C 333 -16.12 18.38 2.44
C LEU C 333 -15.44 18.97 3.67
N ALA C 334 -16.05 20.03 4.25
CA ALA C 334 -15.57 20.73 5.42
C ALA C 334 -15.48 19.78 6.58
N GLN C 335 -16.51 18.94 6.76
CA GLN C 335 -16.57 17.93 7.83
C GLN C 335 -15.42 16.96 7.72
N LYS C 336 -15.22 16.36 6.54
CA LYS C 336 -14.15 15.37 6.36
C LYS C 336 -12.77 15.99 6.48
N MET C 337 -12.62 17.24 6.03
CA MET C 337 -11.35 17.97 6.16
C MET C 337 -11.01 18.20 7.66
N MET C 338 -12.02 18.61 8.45
CA MET C 338 -11.85 18.90 9.87
C MET C 338 -11.64 17.66 10.69
N ILE C 339 -12.37 16.57 10.39
CA ILE C 339 -12.15 15.29 11.11
C ILE C 339 -10.73 14.77 10.82
N GLY C 340 -10.29 14.84 9.57
CA GLY C 340 -8.98 14.37 9.16
C GLY C 340 -7.82 15.09 9.84
N ARG C 341 -7.88 16.43 9.84
CA ARG C 341 -6.88 17.31 10.46
C ARG C 341 -6.84 17.18 11.97
N CYS C 342 -8.00 16.91 12.60
CA CYS C 342 -8.02 16.70 14.07
C CYS C 342 -7.41 15.34 14.42
N ASN C 343 -7.71 14.30 13.62
CA ASN C 343 -7.15 12.95 13.79
C ASN C 343 -5.63 13.01 13.59
N ARG C 344 -5.20 13.80 12.60
CA ARG C 344 -3.79 14.02 12.28
C ARG C 344 -3.09 14.81 13.43
N ALA C 345 -3.80 15.75 14.09
CA ALA C 345 -3.25 16.54 15.20
C ALA C 345 -3.42 15.88 16.56
N GLY C 346 -4.18 14.78 16.63
CA GLY C 346 -4.48 14.09 17.88
C GLY C 346 -5.43 14.87 18.80
N LYS C 347 -6.15 15.89 18.24
CA LYS C 347 -7.10 16.72 18.99
C LYS C 347 -8.54 16.27 18.80
N PRO C 348 -9.37 16.23 19.88
CA PRO C 348 -10.76 15.77 19.73
C PRO C 348 -11.58 16.52 18.70
N VAL C 349 -12.49 15.78 18.04
CA VAL C 349 -13.38 16.35 17.06
C VAL C 349 -14.82 15.82 17.30
N ILE C 350 -15.78 16.75 17.30
CA ILE C 350 -17.20 16.45 17.51
C ILE C 350 -17.95 16.72 16.21
N CYS C 351 -18.81 15.76 15.79
CA CYS C 351 -19.71 15.97 14.66
C CYS C 351 -21.04 16.33 15.25
N ALA C 352 -21.61 17.48 14.82
CA ALA C 352 -22.84 18.00 15.38
C ALA C 352 -23.91 18.43 14.40
N THR C 353 -25.15 18.54 14.95
CA THR C 353 -26.39 19.08 14.38
C THR C 353 -27.09 18.16 13.38
N GLN C 354 -28.39 17.89 13.64
CA GLN C 354 -29.36 17.17 12.80
C GLN C 354 -28.95 15.76 12.45
N MET C 355 -28.12 15.15 13.30
CA MET C 355 -27.69 13.77 13.13
C MET C 355 -28.87 12.79 13.15
N LEU C 356 -29.88 13.00 14.03
CA LEU C 356 -31.11 12.17 14.09
C LEU C 356 -32.38 13.04 14.19
N GLU C 357 -32.37 14.22 13.54
CA GLU C 357 -33.40 15.25 13.55
C GLU C 357 -34.86 14.76 13.57
N SER C 358 -35.23 13.82 12.70
CA SER C 358 -36.62 13.31 12.65
C SER C 358 -37.05 12.65 13.97
N MET C 359 -36.09 12.36 14.88
CA MET C 359 -36.40 11.71 16.15
C MET C 359 -36.99 12.71 17.17
N ILE C 360 -37.01 14.00 16.83
CA ILE C 360 -37.67 15.04 17.61
C ILE C 360 -39.17 14.71 17.66
N LYS C 361 -39.74 14.28 16.51
CA LYS C 361 -41.16 13.95 16.38
C LYS C 361 -41.46 12.46 16.17
N LYS C 362 -40.42 11.61 15.88
CA LYS C 362 -40.65 10.15 15.64
C LYS C 362 -39.77 9.20 16.50
N PRO C 363 -40.26 7.98 16.87
CA PRO C 363 -39.44 7.08 17.73
C PRO C 363 -38.30 6.36 17.01
N ARG C 364 -38.23 6.50 15.67
CA ARG C 364 -37.20 5.88 14.84
C ARG C 364 -36.64 6.87 13.79
N PRO C 365 -35.34 6.78 13.41
CA PRO C 365 -34.80 7.78 12.47
C PRO C 365 -34.96 7.38 11.00
N THR C 366 -34.64 8.32 10.10
CA THR C 366 -34.68 8.02 8.67
C THR C 366 -33.43 7.20 8.31
N ARG C 367 -33.33 6.76 7.06
CA ARG C 367 -32.16 5.99 6.63
C ARG C 367 -30.93 6.88 6.50
N ALA C 368 -31.13 8.15 6.07
CA ALA C 368 -30.10 9.16 5.90
C ALA C 368 -29.45 9.47 7.26
N GLU C 369 -30.28 9.56 8.32
CA GLU C 369 -29.87 9.82 9.70
C GLU C 369 -29.02 8.68 10.27
N GLY C 370 -29.40 7.42 9.95
CA GLY C 370 -28.68 6.22 10.37
C GLY C 370 -27.31 6.17 9.70
N SER C 371 -27.30 6.51 8.41
CA SER C 371 -26.13 6.61 7.55
C SER C 371 -25.14 7.70 8.05
N ASP C 372 -25.69 8.88 8.42
CA ASP C 372 -24.91 10.02 8.92
C ASP C 372 -24.09 9.72 10.19
N VAL C 373 -24.74 9.05 11.15
CA VAL C 373 -24.11 8.68 12.41
C VAL C 373 -23.01 7.65 12.13
N ALA C 374 -23.32 6.69 11.27
CA ALA C 374 -22.37 5.66 10.86
C ALA C 374 -21.14 6.31 10.20
N ASN C 375 -21.36 7.21 9.21
CA ASN C 375 -20.30 7.88 8.48
C ASN C 375 -19.46 8.88 9.29
N ALA C 376 -20.01 9.55 10.36
CA ALA C 376 -19.20 10.45 11.20
C ALA C 376 -18.17 9.62 11.96
N VAL C 377 -18.59 8.44 12.49
CA VAL C 377 -17.74 7.47 13.19
C VAL C 377 -16.68 6.94 12.21
N LEU C 378 -17.11 6.50 11.01
CA LEU C 378 -16.19 6.02 9.98
C LEU C 378 -15.20 7.10 9.56
N ASP C 379 -15.64 8.38 9.54
CA ASP C 379 -14.77 9.51 9.18
C ASP C 379 -13.65 9.69 10.20
N GLY C 380 -13.92 9.35 11.47
CA GLY C 380 -12.97 9.43 12.58
C GLY C 380 -13.36 10.37 13.73
N ALA C 381 -14.64 10.85 13.78
CA ALA C 381 -15.13 11.74 14.85
C ALA C 381 -14.98 11.10 16.21
N ASP C 382 -14.39 11.83 17.17
CA ASP C 382 -14.25 11.35 18.54
C ASP C 382 -15.60 11.31 19.22
N CYS C 383 -16.43 12.32 18.97
CA CYS C 383 -17.77 12.48 19.54
C CYS C 383 -18.84 12.76 18.49
N ILE C 384 -20.06 12.34 18.81
CA ILE C 384 -21.27 12.62 18.05
C ILE C 384 -22.20 13.40 18.99
N MET C 385 -22.98 14.34 18.45
CA MET C 385 -23.84 15.18 19.26
C MET C 385 -25.32 15.09 18.90
N LEU C 386 -26.16 15.38 19.90
CA LEU C 386 -27.61 15.54 19.82
C LEU C 386 -28.00 16.91 20.38
N SER C 387 -28.74 17.70 19.58
CA SER C 387 -29.21 19.03 19.91
C SER C 387 -30.72 18.94 20.24
N GLY C 388 -31.60 19.27 19.28
CA GLY C 388 -33.05 19.21 19.42
C GLY C 388 -33.61 17.87 19.88
N GLU C 389 -32.97 16.75 19.42
CA GLU C 389 -33.38 15.37 19.71
C GLU C 389 -33.41 15.05 21.21
N THR C 390 -32.50 15.68 21.98
CA THR C 390 -32.45 15.49 23.43
C THR C 390 -32.98 16.71 24.17
N ALA C 391 -32.77 17.93 23.61
CA ALA C 391 -33.22 19.18 24.24
C ALA C 391 -34.75 19.39 24.29
N LYS C 392 -35.49 19.10 23.20
CA LYS C 392 -36.92 19.39 23.19
C LYS C 392 -37.81 18.33 22.52
N GLY C 393 -37.20 17.31 21.92
CA GLY C 393 -37.94 16.24 21.25
C GLY C 393 -38.73 15.33 22.17
N ASP C 394 -39.57 14.48 21.56
CA ASP C 394 -40.49 13.53 22.21
C ASP C 394 -39.86 12.20 22.56
N TYR C 395 -38.69 11.89 21.95
CA TYR C 395 -38.02 10.61 22.16
C TYR C 395 -36.53 10.85 22.48
N PRO C 396 -36.16 11.49 23.63
CA PRO C 396 -34.73 11.72 23.92
C PRO C 396 -33.95 10.45 24.20
N LEU C 397 -34.46 9.56 25.09
CA LEU C 397 -33.79 8.31 25.42
C LEU C 397 -33.60 7.44 24.20
N GLU C 398 -34.61 7.41 23.31
CA GLU C 398 -34.54 6.63 22.08
C GLU C 398 -33.41 7.12 21.19
N ALA C 399 -33.25 8.45 21.03
CA ALA C 399 -32.23 9.06 20.17
C ALA C 399 -30.82 8.73 20.69
N VAL C 400 -30.60 8.78 22.03
CA VAL C 400 -29.32 8.41 22.68
C VAL C 400 -29.01 6.92 22.43
N ARG C 401 -29.99 6.04 22.65
CA ARG C 401 -29.84 4.59 22.46
C ARG C 401 -29.43 4.28 21.03
N MET C 402 -30.06 4.96 20.06
CA MET C 402 -29.83 4.82 18.63
C MET C 402 -28.42 5.26 18.28
N GLN C 403 -27.95 6.40 18.82
CA GLN C 403 -26.57 6.86 18.62
C GLN C 403 -25.57 5.82 19.16
N HIS C 404 -25.90 5.19 20.30
CA HIS C 404 -25.09 4.14 20.93
C HIS C 404 -25.01 2.92 20.01
N LEU C 405 -26.17 2.40 19.56
CA LEU C 405 -26.25 1.23 18.65
C LEU C 405 -25.48 1.45 17.33
N ILE C 406 -25.65 2.61 16.65
CA ILE C 406 -24.97 2.91 15.38
C ILE C 406 -23.43 3.02 15.55
N ALA C 407 -22.96 3.83 16.55
CA ALA C 407 -21.52 4.04 16.82
C ALA C 407 -20.79 2.74 16.97
N ARG C 408 -21.34 1.84 17.79
CA ARG C 408 -20.80 0.52 18.09
C ARG C 408 -20.64 -0.30 16.80
N GLU C 409 -21.69 -0.33 15.92
CA GLU C 409 -21.64 -1.00 14.61
C GLU C 409 -20.54 -0.43 13.72
N ALA C 410 -20.48 0.91 13.64
CA ALA C 410 -19.54 1.67 12.81
C ALA C 410 -18.09 1.54 13.27
N GLU C 411 -17.86 1.43 14.58
CA GLU C 411 -16.52 1.26 15.16
C GLU C 411 -15.93 -0.10 14.73
N ALA C 412 -16.78 -1.15 14.69
CA ALA C 412 -16.31 -2.45 14.23
C ALA C 412 -16.02 -2.41 12.73
N ALA C 413 -16.71 -1.52 12.00
CA ALA C 413 -16.58 -1.38 10.55
C ALA C 413 -15.38 -0.58 10.12
N ILE C 414 -14.67 0.09 11.04
CA ILE C 414 -13.49 0.86 10.66
C ILE C 414 -12.41 -0.05 10.02
N TYR C 415 -11.72 0.48 8.99
CA TYR C 415 -10.65 -0.25 8.33
C TYR C 415 -9.35 0.11 9.11
N HIS C 416 -9.20 -0.50 10.30
CA HIS C 416 -8.06 -0.27 11.23
C HIS C 416 -6.70 -0.51 10.60
N LEU C 417 -6.62 -1.47 9.69
CA LEU C 417 -5.41 -1.86 8.96
C LEU C 417 -4.80 -0.66 8.23
N GLN C 418 -5.63 0.08 7.48
CA GLN C 418 -5.14 1.26 6.75
C GLN C 418 -4.95 2.47 7.70
N LEU C 419 -5.94 2.69 8.58
CA LEU C 419 -5.97 3.79 9.55
C LEU C 419 -4.74 3.79 10.45
N PHE C 420 -4.40 2.64 11.08
CA PHE C 420 -3.25 2.54 11.97
C PHE C 420 -1.94 2.75 11.25
N GLU C 421 -1.83 2.19 10.03
CA GLU C 421 -0.66 2.32 9.17
C GLU C 421 -0.45 3.78 8.76
N GLU C 422 -1.54 4.50 8.43
CA GLU C 422 -1.46 5.92 8.05
C GLU C 422 -1.17 6.86 9.24
N LEU C 423 -1.73 6.53 10.42
CA LEU C 423 -1.53 7.32 11.64
C LEU C 423 -0.08 7.21 12.08
N ARG C 424 0.50 6.03 11.94
CA ARG C 424 1.90 5.79 12.30
C ARG C 424 2.85 6.52 11.35
N ARG C 425 2.57 6.42 10.04
CA ARG C 425 3.35 7.05 8.97
C ARG C 425 3.32 8.57 9.05
N LEU C 426 2.15 9.16 9.34
CA LEU C 426 2.00 10.60 9.43
C LEU C 426 2.45 11.16 10.78
N ALA C 427 2.68 10.28 11.78
CA ALA C 427 3.16 10.67 13.11
C ALA C 427 4.70 10.83 13.13
N PRO C 428 5.22 11.96 13.67
CA PRO C 428 6.69 12.14 13.70
C PRO C 428 7.42 11.17 14.63
N ILE C 429 8.73 10.94 14.37
CA ILE C 429 9.59 10.11 15.20
C ILE C 429 9.95 10.99 16.40
N THR C 430 9.66 10.50 17.60
CA THR C 430 9.87 11.27 18.82
C THR C 430 10.99 10.77 19.69
N SER C 431 11.31 11.56 20.71
CA SER C 431 12.28 11.25 21.74
C SER C 431 11.44 11.02 23.00
N ASP C 432 10.10 11.16 22.87
CA ASP C 432 9.18 11.00 23.98
C ASP C 432 8.90 9.54 24.30
N PRO C 433 9.41 9.03 25.45
CA PRO C 433 9.18 7.62 25.81
C PRO C 433 7.71 7.23 25.90
N THR C 434 6.84 8.18 26.30
CA THR C 434 5.40 7.95 26.47
C THR C 434 4.69 7.71 25.14
N GLU C 435 5.09 8.43 24.07
CA GLU C 435 4.52 8.27 22.73
C GLU C 435 4.93 6.90 22.19
N ALA C 436 6.20 6.52 22.41
CA ALA C 436 6.71 5.23 22.01
C ALA C 436 5.97 4.08 22.73
N THR C 437 5.69 4.22 24.05
CA THR C 437 4.95 3.24 24.85
C THR C 437 3.48 3.10 24.38
N ALA C 438 2.84 4.24 24.02
CA ALA C 438 1.45 4.26 23.53
C ALA C 438 1.25 3.52 22.19
N VAL C 439 2.14 3.75 21.16
CA VAL C 439 2.03 3.07 19.86
CA VAL C 439 2.04 3.05 19.85
C VAL C 439 2.35 1.57 20.03
N GLY C 440 3.35 1.28 20.87
CA GLY C 440 3.75 -0.08 21.20
C GLY C 440 2.55 -0.84 21.74
N ALA C 441 1.79 -0.21 22.67
CA ALA C 441 0.59 -0.76 23.30
C ALA C 441 -0.54 -0.99 22.33
N VAL C 442 -0.77 -0.05 21.38
CA VAL C 442 -1.77 -0.17 20.34
C VAL C 442 -1.39 -1.34 19.40
N GLU C 443 -0.10 -1.39 18.97
CA GLU C 443 0.42 -2.48 18.14
C GLU C 443 0.16 -3.83 18.85
N ALA C 444 0.59 -3.94 20.12
CA ALA C 444 0.35 -5.12 20.93
C ALA C 444 -1.15 -5.47 21.06
N SER C 445 -2.06 -4.44 21.11
CA SER C 445 -3.49 -4.72 21.22
C SER C 445 -4.04 -5.34 19.92
N PHE C 446 -3.51 -4.94 18.77
CA PHE C 446 -3.90 -5.49 17.47
C PHE C 446 -3.40 -6.89 17.32
N LYS C 447 -2.15 -7.15 17.68
CA LYS C 447 -1.54 -8.48 17.59
C LYS C 447 -2.26 -9.56 18.41
N CYS C 448 -2.75 -9.22 19.62
CA CYS C 448 -3.42 -10.24 20.43
C CYS C 448 -4.94 -10.04 20.50
N CYS C 449 -5.49 -9.04 19.77
CA CYS C 449 -6.93 -8.72 19.74
C CYS C 449 -7.44 -8.62 21.19
N SER C 450 -6.77 -7.78 22.00
CA SER C 450 -7.05 -7.66 23.42
C SER C 450 -8.42 -7.12 23.74
N GLY C 451 -8.93 -7.52 24.91
CA GLY C 451 -10.23 -7.04 25.39
C GLY C 451 -10.26 -5.57 25.73
N ALA C 452 -9.07 -4.99 26.07
CA ALA C 452 -8.88 -3.57 26.42
C ALA C 452 -7.42 -3.16 26.55
N ILE C 453 -7.17 -1.83 26.54
CA ILE C 453 -5.88 -1.20 26.85
C ILE C 453 -6.14 -0.43 28.15
N ILE C 454 -5.76 -1.01 29.29
CA ILE C 454 -5.90 -0.37 30.61
C ILE C 454 -4.75 0.65 30.79
N VAL C 455 -5.08 1.94 30.99
CA VAL C 455 -4.08 2.99 31.19
C VAL C 455 -4.25 3.69 32.57
N LEU C 456 -3.15 3.82 33.39
CA LEU C 456 -3.23 4.58 34.65
C LEU C 456 -2.79 5.98 34.28
N THR C 457 -3.63 6.99 34.59
CA THR C 457 -3.39 8.36 34.18
C THR C 457 -3.85 9.37 35.21
N LYS C 458 -3.05 10.43 35.42
CA LYS C 458 -3.37 11.51 36.36
C LYS C 458 -4.07 12.64 35.60
N SER C 459 -3.41 13.18 34.55
CA SER C 459 -3.91 14.27 33.70
C SER C 459 -4.70 13.80 32.49
N GLY C 460 -4.60 12.51 32.16
CA GLY C 460 -5.29 11.92 31.01
C GLY C 460 -4.44 11.87 29.76
N ARG C 461 -3.27 12.56 29.75
CA ARG C 461 -2.38 12.64 28.57
C ARG C 461 -2.01 11.25 28.03
N SER C 462 -1.59 10.33 28.94
CA SER C 462 -1.21 8.96 28.56
C SER C 462 -2.31 8.19 27.84
N ALA C 463 -3.56 8.37 28.26
CA ALA C 463 -4.70 7.73 27.63
C ALA C 463 -5.00 8.44 26.27
N HIS C 464 -4.85 9.79 26.22
CA HIS C 464 -5.08 10.55 24.99
C HIS C 464 -4.08 10.11 23.88
N GLN C 465 -2.83 9.85 24.28
CA GLN C 465 -1.78 9.41 23.37
C GLN C 465 -2.09 8.04 22.79
N VAL C 466 -2.71 7.13 23.58
CA VAL C 466 -3.15 5.82 23.11
C VAL C 466 -4.31 6.00 22.11
N ALA C 467 -5.30 6.87 22.44
CA ALA C 467 -6.49 7.14 21.61
C ALA C 467 -6.16 7.77 20.27
N ARG C 468 -5.05 8.55 20.17
CA ARG C 468 -4.72 9.16 18.88
C ARG C 468 -4.29 8.10 17.81
N TYR C 469 -3.98 6.86 18.24
CA TYR C 469 -3.58 5.80 17.30
C TYR C 469 -4.72 4.88 16.93
N ARG C 470 -5.95 5.19 17.42
CA ARG C 470 -7.20 4.50 17.08
C ARG C 470 -7.20 2.98 17.25
N PRO C 471 -6.93 2.45 18.45
CA PRO C 471 -6.98 0.98 18.58
C PRO C 471 -8.41 0.48 18.47
N ARG C 472 -8.61 -0.79 18.16
CA ARG C 472 -9.94 -1.40 18.10
CA ARG C 472 -9.93 -1.40 18.10
C ARG C 472 -10.39 -1.59 19.56
N ALA C 473 -9.45 -2.05 20.42
CA ALA C 473 -9.72 -2.32 21.86
C ALA C 473 -10.14 -1.05 22.65
N PRO C 474 -11.15 -1.16 23.54
CA PRO C 474 -11.52 0.01 24.36
C PRO C 474 -10.39 0.37 25.34
N ILE C 475 -10.19 1.66 25.55
CA ILE C 475 -9.15 2.20 26.43
C ILE C 475 -9.72 2.50 27.80
N ILE C 476 -9.48 1.64 28.78
CA ILE C 476 -9.99 1.88 30.13
C ILE C 476 -9.00 2.78 30.85
N ALA C 477 -9.32 4.08 30.96
CA ALA C 477 -8.44 5.02 31.64
C ALA C 477 -8.80 5.15 33.13
N VAL C 478 -7.92 4.59 33.97
CA VAL C 478 -8.04 4.62 35.42
C VAL C 478 -7.36 5.88 35.95
N THR C 479 -8.15 6.69 36.66
CA THR C 479 -7.72 7.94 37.28
C THR C 479 -8.40 8.15 38.66
N ARG C 480 -7.77 9.02 39.49
CA ARG C 480 -8.31 9.43 40.78
C ARG C 480 -8.76 10.88 40.65
N ASN C 481 -8.32 11.55 39.57
CA ASN C 481 -8.70 12.92 39.25
C ASN C 481 -10.08 12.94 38.57
N PRO C 482 -11.12 13.57 39.21
CA PRO C 482 -12.47 13.60 38.60
C PRO C 482 -12.60 14.44 37.32
N GLN C 483 -11.89 15.58 37.25
CA GLN C 483 -11.94 16.40 36.05
C GLN C 483 -11.38 15.58 34.84
N THR C 484 -10.23 14.88 35.03
CA THR C 484 -9.58 14.00 34.07
C THR C 484 -10.60 12.97 33.55
N ALA C 485 -11.26 12.24 34.45
CA ALA C 485 -12.29 11.28 34.10
C ALA C 485 -13.42 11.90 33.22
N ARG C 486 -13.88 13.11 33.55
CA ARG C 486 -14.95 13.74 32.77
C ARG C 486 -14.48 14.14 31.38
N GLN C 487 -13.30 14.75 31.30
CA GLN C 487 -12.72 15.22 30.05
C GLN C 487 -12.25 14.11 29.10
N ALA C 488 -12.05 12.88 29.61
CA ALA C 488 -11.62 11.71 28.84
C ALA C 488 -12.70 11.28 27.81
N HIS C 489 -13.97 11.71 28.00
CA HIS C 489 -15.08 11.44 27.08
C HIS C 489 -14.91 12.12 25.73
N LEU C 490 -14.00 13.10 25.62
CA LEU C 490 -13.73 13.79 24.35
C LEU C 490 -12.88 12.97 23.38
N TYR C 491 -12.27 11.86 23.84
CA TYR C 491 -11.39 11.07 23.00
C TYR C 491 -11.94 9.72 22.66
N ARG C 492 -12.03 9.43 21.36
CA ARG C 492 -12.49 8.13 20.84
C ARG C 492 -11.81 6.97 21.58
N GLY C 493 -12.62 6.02 22.01
CA GLY C 493 -12.13 4.83 22.66
C GLY C 493 -11.86 4.90 24.14
N ILE C 494 -11.82 6.10 24.72
CA ILE C 494 -11.53 6.17 26.15
C ILE C 494 -12.79 5.94 26.98
N PHE C 495 -12.71 4.96 27.89
CA PHE C 495 -13.75 4.59 28.83
C PHE C 495 -13.22 4.96 30.24
N PRO C 496 -13.49 6.19 30.71
CA PRO C 496 -12.92 6.61 32.01
C PRO C 496 -13.54 5.96 33.23
N VAL C 497 -12.69 5.53 34.18
CA VAL C 497 -13.14 4.97 35.44
C VAL C 497 -12.51 5.74 36.60
N LEU C 498 -13.35 6.21 37.54
CA LEU C 498 -12.84 7.00 38.66
C LEU C 498 -12.60 6.11 39.86
N CYS C 499 -11.31 5.96 40.25
CA CYS C 499 -10.92 5.13 41.38
C CYS C 499 -11.21 5.89 42.68
N LYS C 500 -12.05 5.29 43.53
CA LYS C 500 -12.48 5.85 44.82
C LYS C 500 -11.45 5.53 45.91
N ASP C 501 -10.95 4.28 45.91
CA ASP C 501 -9.98 3.70 46.84
C ASP C 501 -8.85 4.65 47.21
N PRO C 502 -8.50 4.75 48.51
CA PRO C 502 -7.40 5.65 48.90
C PRO C 502 -6.04 5.08 48.46
N VAL C 503 -5.02 5.96 48.39
CA VAL C 503 -3.67 5.58 48.00
C VAL C 503 -3.09 4.53 48.93
N GLN C 504 -2.66 3.38 48.37
CA GLN C 504 -2.04 2.32 49.18
C GLN C 504 -0.64 2.77 49.55
N GLU C 505 -0.10 2.25 50.67
CA GLU C 505 1.22 2.67 51.15
C GLU C 505 2.34 2.34 50.18
N ALA C 506 2.40 1.09 49.72
CA ALA C 506 3.39 0.63 48.75
C ALA C 506 2.88 1.00 47.36
N TRP C 507 3.67 1.76 46.62
CA TRP C 507 3.30 2.22 45.27
C TRP C 507 2.93 1.11 44.27
N ALA C 508 3.69 -0.02 44.25
CA ALA C 508 3.41 -1.16 43.37
C ALA C 508 2.02 -1.74 43.68
N GLU C 509 1.64 -1.76 44.97
CA GLU C 509 0.33 -2.23 45.40
C GLU C 509 -0.76 -1.26 44.99
N ASP C 510 -0.44 0.03 44.92
CA ASP C 510 -1.41 1.06 44.54
C ASP C 510 -1.68 0.97 43.03
N VAL C 511 -0.64 0.64 42.26
CA VAL C 511 -0.71 0.41 40.81
C VAL C 511 -1.61 -0.83 40.59
N ASP C 512 -1.32 -1.96 41.29
CA ASP C 512 -2.07 -3.23 41.19
C ASP C 512 -3.54 -3.07 41.59
N LEU C 513 -3.83 -2.22 42.59
CA LEU C 513 -5.20 -1.97 43.03
C LEU C 513 -5.99 -1.32 41.89
N ARG C 514 -5.42 -0.31 41.23
CA ARG C 514 -6.04 0.38 40.10
C ARG C 514 -6.21 -0.52 38.84
N VAL C 515 -5.20 -1.36 38.54
CA VAL C 515 -5.26 -2.29 37.41
C VAL C 515 -6.40 -3.31 37.65
N ASN C 516 -6.50 -3.83 38.91
CA ASN C 516 -7.55 -4.77 39.33
C ASN C 516 -8.92 -4.15 39.25
N PHE C 517 -9.01 -2.86 39.58
CA PHE C 517 -10.25 -2.09 39.49
C PHE C 517 -10.74 -2.05 38.02
N ALA C 518 -9.80 -1.86 37.07
CA ALA C 518 -10.14 -1.84 35.65
C ALA C 518 -10.59 -3.24 35.16
N MET C 519 -9.90 -4.31 35.64
CA MET C 519 -10.26 -5.70 35.33
C MET C 519 -11.68 -5.95 35.81
N ASN C 520 -12.05 -5.35 36.95
CA ASN C 520 -13.36 -5.49 37.56
C ASN C 520 -14.42 -4.72 36.82
N VAL C 521 -14.11 -3.48 36.37
CA VAL C 521 -15.04 -2.68 35.55
C VAL C 521 -15.29 -3.40 34.17
N GLY C 522 -14.20 -3.78 33.50
CA GLY C 522 -14.25 -4.47 32.22
C GLY C 522 -14.99 -5.79 32.26
N LYS C 523 -14.88 -6.55 33.38
CA LYS C 523 -15.59 -7.83 33.54
C LYS C 523 -17.10 -7.62 33.81
N ALA C 524 -17.47 -6.62 34.65
CA ALA C 524 -18.86 -6.30 34.99
C ALA C 524 -19.66 -5.78 33.79
N ARG C 525 -18.99 -4.92 32.95
CA ARG C 525 -19.57 -4.33 31.73
C ARG C 525 -19.49 -5.28 30.55
N GLY C 526 -18.97 -6.48 30.77
CA GLY C 526 -18.86 -7.51 29.74
C GLY C 526 -17.95 -7.19 28.58
N PHE C 527 -16.86 -6.43 28.83
CA PHE C 527 -15.85 -6.07 27.81
C PHE C 527 -14.88 -7.23 27.60
N PHE C 528 -14.76 -8.11 28.61
CA PHE C 528 -13.92 -9.30 28.63
C PHE C 528 -14.30 -10.18 29.81
N LYS C 529 -13.73 -11.37 29.87
CA LYS C 529 -13.92 -12.35 30.95
C LYS C 529 -12.57 -12.89 31.40
N LYS C 530 -12.56 -13.73 32.45
CA LYS C 530 -11.36 -14.39 32.98
C LYS C 530 -10.64 -15.15 31.85
N GLY C 531 -9.32 -15.06 31.83
CA GLY C 531 -8.52 -15.73 30.82
C GLY C 531 -8.27 -14.91 29.57
N ASP C 532 -9.04 -13.82 29.36
CA ASP C 532 -8.81 -12.98 28.18
C ASP C 532 -7.50 -12.23 28.32
N VAL C 533 -7.00 -11.66 27.24
CA VAL C 533 -5.75 -10.92 27.32
C VAL C 533 -6.05 -9.41 27.20
N VAL C 534 -5.36 -8.59 28.00
CA VAL C 534 -5.48 -7.14 28.02
C VAL C 534 -4.11 -6.52 28.04
N ILE C 535 -4.00 -5.28 27.53
CA ILE C 535 -2.76 -4.51 27.54
C ILE C 535 -2.85 -3.59 28.75
N VAL C 536 -1.77 -3.47 29.55
CA VAL C 536 -1.71 -2.59 30.73
C VAL C 536 -0.57 -1.58 30.55
N LEU C 537 -0.89 -0.30 30.70
CA LEU C 537 0.05 0.81 30.60
C LEU C 537 0.17 1.53 31.93
N THR C 538 1.38 1.54 32.48
CA THR C 538 1.75 2.20 33.75
C THR C 538 3.09 2.93 33.54
N GLY C 539 3.53 3.61 34.60
CA GLY C 539 4.80 4.33 34.65
C GLY C 539 5.75 3.67 35.61
N TRP C 540 6.99 4.19 35.66
CA TRP C 540 8.04 3.61 36.50
C TRP C 540 8.16 4.24 37.93
N ARG C 541 7.36 5.29 38.21
CA ARG C 541 7.31 6.04 39.48
C ARG C 541 5.99 6.86 39.56
N PRO C 542 5.54 7.27 40.78
CA PRO C 542 4.29 8.06 40.88
C PRO C 542 4.38 9.43 40.21
N GLY C 543 3.22 10.00 39.90
CA GLY C 543 3.10 11.29 39.26
C GLY C 543 2.97 11.23 37.74
N SER C 544 2.54 12.35 37.14
CA SER C 544 2.33 12.50 35.71
C SER C 544 3.66 12.51 34.92
N GLY C 545 3.61 12.03 33.68
CA GLY C 545 4.70 12.06 32.70
C GLY C 545 5.70 10.92 32.68
N PHE C 546 5.45 9.85 33.43
CA PHE C 546 6.39 8.74 33.52
C PHE C 546 5.85 7.44 32.91
N THR C 547 4.77 7.52 32.07
CA THR C 547 4.23 6.31 31.42
C THR C 547 5.27 5.72 30.47
N ASN C 548 5.78 4.52 30.78
CA ASN C 548 6.81 3.89 29.98
C ASN C 548 6.75 2.36 30.08
N THR C 549 5.68 1.81 30.68
CA THR C 549 5.61 0.37 30.92
C THR C 549 4.38 -0.22 30.30
N MET C 550 4.59 -1.29 29.54
CA MET C 550 3.54 -1.98 28.82
C MET C 550 3.58 -3.43 29.21
N ARG C 551 2.48 -3.94 29.72
CA ARG C 551 2.38 -5.34 30.12
C ARG C 551 1.22 -6.06 29.43
N VAL C 552 1.48 -7.30 28.96
CA VAL C 552 0.46 -8.13 28.33
C VAL C 552 0.04 -9.10 29.41
N VAL C 553 -1.18 -8.90 29.99
CA VAL C 553 -1.62 -9.71 31.12
C VAL C 553 -2.97 -10.43 30.92
N PRO C 554 -3.10 -11.67 31.45
CA PRO C 554 -4.40 -12.37 31.39
C PRO C 554 -5.34 -11.74 32.42
N VAL C 555 -6.63 -11.68 32.09
CA VAL C 555 -7.68 -11.15 32.96
C VAL C 555 -7.91 -12.15 34.13
N PRO C 556 -7.83 -11.72 35.41
CA PRO C 556 -8.02 -12.67 36.53
C PRO C 556 -9.49 -13.07 36.79
N GLN D 39 -5.62 22.92 -7.76
CA GLN D 39 -6.66 23.66 -7.04
C GLN D 39 -8.04 23.02 -7.29
N THR D 40 -8.66 23.27 -8.48
CA THR D 40 -9.95 22.79 -9.00
C THR D 40 -10.24 21.32 -8.74
N GLN D 41 -11.53 20.94 -8.78
CA GLN D 41 -12.13 19.60 -8.61
C GLN D 41 -11.34 18.67 -7.65
N GLN D 42 -10.93 19.24 -6.51
CA GLN D 42 -10.19 18.57 -5.43
C GLN D 42 -8.93 17.89 -5.94
N LEU D 43 -8.25 18.53 -6.90
CA LEU D 43 -7.04 17.98 -7.52
C LEU D 43 -5.85 17.99 -6.58
N HIS D 44 -5.89 18.85 -5.54
CA HIS D 44 -4.84 18.86 -4.51
C HIS D 44 -5.03 17.63 -3.62
N ALA D 45 -6.29 17.29 -3.29
CA ALA D 45 -6.61 16.09 -2.50
C ALA D 45 -6.33 14.82 -3.29
N ALA D 46 -6.42 14.91 -4.64
CA ALA D 46 -6.23 13.81 -5.57
C ALA D 46 -4.80 13.23 -5.50
N MET D 47 -3.81 14.11 -5.27
CA MET D 47 -2.38 13.82 -5.18
C MET D 47 -1.91 13.24 -3.84
N ALA D 48 -2.76 13.26 -2.80
CA ALA D 48 -2.38 12.76 -1.47
C ALA D 48 -1.91 11.31 -1.50
N ASP D 49 -0.83 11.01 -0.76
CA ASP D 49 -0.25 9.67 -0.66
C ASP D 49 -1.05 8.78 0.32
N THR D 50 -1.90 9.39 1.16
CA THR D 50 -2.70 8.61 2.10
C THR D 50 -4.16 9.02 2.02
N PHE D 51 -5.04 8.14 2.53
CA PHE D 51 -6.46 8.48 2.59
C PHE D 51 -6.66 9.56 3.65
N LEU D 52 -5.90 9.48 4.77
CA LEU D 52 -5.98 10.49 5.83
C LEU D 52 -5.65 11.88 5.25
N GLU D 53 -4.50 12.02 4.58
CA GLU D 53 -4.12 13.28 3.97
C GLU D 53 -5.12 13.71 2.92
N HIS D 54 -5.71 12.74 2.19
CA HIS D 54 -6.73 13.01 1.18
C HIS D 54 -7.92 13.70 1.82
N MET D 55 -8.41 13.18 2.96
CA MET D 55 -9.47 13.82 3.76
C MET D 55 -9.05 15.25 4.20
N CYS D 56 -7.81 15.41 4.74
CA CYS D 56 -7.24 16.71 5.16
C CYS D 56 -7.25 17.78 4.09
N ARG D 57 -7.08 17.39 2.82
CA ARG D 57 -6.99 18.32 1.69
C ARG D 57 -8.30 18.69 1.01
N LEU D 58 -9.43 18.06 1.39
CA LEU D 58 -10.75 18.39 0.77
C LEU D 58 -11.06 19.86 1.05
N ASP D 59 -11.28 20.61 -0.03
CA ASP D 59 -11.43 22.06 0.04
C ASP D 59 -12.77 22.58 -0.51
N ILE D 60 -13.53 23.26 0.35
CA ILE D 60 -14.83 23.88 0.00
C ILE D 60 -14.64 24.99 -1.05
N ASP D 61 -13.41 25.48 -1.22
CA ASP D 61 -13.08 26.53 -2.21
C ASP D 61 -12.50 25.98 -3.49
N SER D 62 -12.40 24.62 -3.60
CA SER D 62 -11.96 23.93 -4.82
C SER D 62 -13.25 23.58 -5.58
N PRO D 63 -13.60 24.32 -6.66
CA PRO D 63 -14.89 24.07 -7.32
C PRO D 63 -14.96 22.80 -8.15
N PRO D 64 -16.13 22.13 -8.22
CA PRO D 64 -16.24 20.95 -9.09
C PRO D 64 -16.38 21.36 -10.56
N ILE D 65 -16.16 20.41 -11.46
CA ILE D 65 -16.38 20.59 -12.91
C ILE D 65 -17.91 20.51 -13.16
N THR D 66 -18.36 20.99 -14.34
CA THR D 66 -19.76 20.99 -14.79
C THR D 66 -20.43 19.60 -14.75
N ALA D 67 -19.71 18.54 -15.18
CA ALA D 67 -20.21 17.16 -15.31
C ALA D 67 -20.56 16.46 -14.01
N ARG D 68 -21.79 15.94 -13.93
CA ARG D 68 -22.25 15.17 -12.79
C ARG D 68 -22.42 13.74 -13.29
N ASN D 69 -21.61 12.82 -12.77
CA ASN D 69 -21.50 11.41 -13.17
C ASN D 69 -22.59 10.48 -12.62
N THR D 70 -23.10 10.76 -11.42
CA THR D 70 -24.10 9.93 -10.74
C THR D 70 -25.51 10.14 -11.30
N GLY D 71 -26.17 9.06 -11.71
CA GLY D 71 -27.53 9.11 -12.25
C GLY D 71 -28.55 9.49 -11.17
N ILE D 72 -29.59 10.28 -11.52
CA ILE D 72 -30.64 10.64 -10.55
C ILE D 72 -32.00 10.00 -10.97
N ILE D 73 -32.51 9.14 -10.10
CA ILE D 73 -33.78 8.44 -10.32
C ILE D 73 -34.86 9.14 -9.51
N CYS D 74 -35.88 9.70 -10.21
CA CYS D 74 -36.98 10.43 -9.61
C CYS D 74 -38.28 9.67 -9.70
N THR D 75 -38.90 9.37 -8.56
CA THR D 75 -40.19 8.71 -8.53
C THR D 75 -41.22 9.76 -8.92
N ILE D 76 -41.99 9.46 -9.96
CA ILE D 76 -43.01 10.38 -10.43
C ILE D 76 -44.32 10.09 -9.72
N GLY D 77 -45.08 11.14 -9.49
CA GLY D 77 -46.38 11.06 -8.83
C GLY D 77 -47.14 12.36 -8.97
N PRO D 78 -48.17 12.58 -8.11
CA PRO D 78 -48.96 13.83 -8.18
C PRO D 78 -48.21 15.15 -8.27
N ALA D 79 -47.08 15.29 -7.55
CA ALA D 79 -46.33 16.55 -7.51
C ALA D 79 -45.45 16.86 -8.73
N SER D 80 -45.21 15.86 -9.59
CA SER D 80 -44.28 15.99 -10.72
C SER D 80 -44.73 15.31 -12.04
N ARG D 81 -46.02 14.92 -12.14
N ARG D 81 -46.00 14.87 -12.18
CA ARG D 81 -46.64 14.20 -13.26
CA ARG D 81 -46.39 14.15 -13.40
C ARG D 81 -46.92 15.03 -14.51
C ARG D 81 -46.89 15.04 -14.56
N SER D 82 -47.00 16.35 -14.37
CA SER D 82 -47.38 17.24 -15.48
C SER D 82 -46.22 17.46 -16.44
N VAL D 83 -46.55 17.58 -17.75
CA VAL D 83 -45.60 17.80 -18.83
C VAL D 83 -44.65 18.95 -18.47
N GLU D 84 -45.20 20.09 -17.98
CA GLU D 84 -44.44 21.28 -17.61
C GLU D 84 -43.50 21.06 -16.41
N THR D 85 -43.95 20.29 -15.39
CA THR D 85 -43.09 20.01 -14.24
C THR D 85 -41.96 19.06 -14.68
N LEU D 86 -42.29 18.09 -15.56
CA LEU D 86 -41.34 17.10 -16.09
C LEU D 86 -40.21 17.73 -16.89
N LYS D 87 -40.50 18.83 -17.63
CA LYS D 87 -39.54 19.62 -18.37
C LYS D 87 -38.54 20.27 -17.37
N GLU D 88 -39.07 20.77 -16.25
CA GLU D 88 -38.26 21.37 -15.20
C GLU D 88 -37.46 20.32 -14.44
N MET D 89 -38.03 19.11 -14.27
CA MET D 89 -37.38 17.97 -13.62
C MET D 89 -36.16 17.54 -14.46
N ILE D 90 -36.33 17.46 -15.81
CA ILE D 90 -35.25 17.13 -16.76
C ILE D 90 -34.10 18.15 -16.65
N LYS D 91 -34.43 19.46 -16.69
CA LYS D 91 -33.49 20.57 -16.59
C LYS D 91 -32.76 20.62 -15.25
N SER D 92 -33.41 20.14 -14.17
CA SER D 92 -32.82 20.11 -12.82
C SER D 92 -31.85 18.93 -12.64
N GLY D 93 -31.87 17.99 -13.59
CA GLY D 93 -30.97 16.84 -13.61
C GLY D 93 -31.58 15.44 -13.53
N MET D 94 -32.91 15.28 -13.71
CA MET D 94 -33.53 13.94 -13.67
C MET D 94 -33.06 13.12 -14.84
N ASN D 95 -32.63 11.86 -14.56
CA ASN D 95 -32.15 10.94 -15.60
C ASN D 95 -33.09 9.76 -15.83
N VAL D 96 -33.76 9.30 -14.77
CA VAL D 96 -34.63 8.13 -14.84
C VAL D 96 -35.95 8.46 -14.16
N ALA D 97 -37.07 8.20 -14.84
CA ALA D 97 -38.40 8.43 -14.25
C ALA D 97 -38.89 7.09 -13.67
N ARG D 98 -38.98 7.01 -12.35
CA ARG D 98 -39.38 5.78 -11.66
C ARG D 98 -40.88 5.81 -11.43
N LEU D 99 -41.54 4.69 -11.75
CA LEU D 99 -42.97 4.53 -11.60
C LEU D 99 -43.17 3.46 -10.56
N ASN D 100 -43.77 3.84 -9.44
CA ASN D 100 -44.02 2.88 -8.37
C ASN D 100 -45.39 2.22 -8.63
N PHE D 101 -45.37 0.90 -8.89
CA PHE D 101 -46.58 0.14 -9.20
C PHE D 101 -47.31 -0.42 -7.95
N SER D 102 -46.92 0.04 -6.74
CA SER D 102 -47.59 -0.35 -5.47
C SER D 102 -49.03 0.18 -5.49
N HIS D 103 -49.22 1.28 -6.24
CA HIS D 103 -50.50 1.96 -6.42
C HIS D 103 -50.60 2.42 -7.83
N GLY D 104 -51.83 2.64 -8.30
CA GLY D 104 -52.08 3.15 -9.63
C GLY D 104 -52.53 2.11 -10.64
N THR D 105 -53.42 2.55 -11.52
CA THR D 105 -53.97 1.75 -12.61
C THR D 105 -53.02 1.90 -13.78
N HIS D 106 -53.15 1.01 -14.78
CA HIS D 106 -52.33 1.02 -15.99
C HIS D 106 -52.61 2.25 -16.84
N GLU D 107 -53.85 2.79 -16.76
CA GLU D 107 -54.28 4.00 -17.47
C GLU D 107 -53.61 5.25 -16.88
N TYR D 108 -53.45 5.27 -15.55
CA TYR D 108 -52.77 6.34 -14.81
C TYR D 108 -51.27 6.32 -15.17
N HIS D 109 -50.65 5.14 -15.04
CA HIS D 109 -49.24 4.91 -15.35
C HIS D 109 -48.88 5.16 -16.80
N ALA D 110 -49.73 4.73 -17.77
CA ALA D 110 -49.51 4.96 -19.20
C ALA D 110 -49.49 6.47 -19.51
N GLU D 111 -50.32 7.23 -18.79
CA GLU D 111 -50.38 8.69 -18.94
C GLU D 111 -49.10 9.38 -18.44
N THR D 112 -48.61 9.02 -17.24
CA THR D 112 -47.38 9.54 -16.64
C THR D 112 -46.23 9.33 -17.64
N ILE D 113 -46.14 8.09 -18.18
CA ILE D 113 -45.18 7.67 -19.20
C ILE D 113 -45.29 8.56 -20.45
N LYS D 114 -46.53 8.83 -20.89
CA LYS D 114 -46.79 9.68 -22.06
C LYS D 114 -46.28 11.08 -21.78
N ASN D 115 -46.53 11.61 -20.58
CA ASN D 115 -46.04 12.94 -20.18
C ASN D 115 -44.53 12.99 -20.07
N VAL D 116 -43.90 11.92 -19.57
CA VAL D 116 -42.44 11.80 -19.47
C VAL D 116 -41.86 11.95 -20.87
N ARG D 117 -42.41 11.19 -21.84
CA ARG D 117 -41.92 11.18 -23.21
C ARG D 117 -42.25 12.47 -23.94
N THR D 118 -43.37 13.13 -23.59
CA THR D 118 -43.73 14.42 -24.17
C THR D 118 -42.70 15.45 -23.72
N ALA D 119 -42.45 15.56 -22.39
CA ALA D 119 -41.46 16.48 -21.80
C ALA D 119 -40.05 16.24 -22.34
N THR D 120 -39.63 14.96 -22.46
CA THR D 120 -38.32 14.53 -22.94
C THR D 120 -38.11 14.96 -24.38
N GLU D 121 -39.09 14.66 -25.26
CA GLU D 121 -39.02 14.95 -26.69
C GLU D 121 -39.19 16.43 -27.02
N SER D 122 -39.60 17.25 -26.06
CA SER D 122 -39.71 18.70 -26.27
C SER D 122 -38.30 19.30 -26.50
N PHE D 123 -37.26 18.57 -26.03
CA PHE D 123 -35.85 18.96 -26.14
C PHE D 123 -35.14 18.31 -27.33
N ALA D 124 -35.82 17.34 -28.00
CA ALA D 124 -35.31 16.59 -29.15
C ALA D 124 -34.86 17.48 -30.32
N SER D 125 -35.44 18.70 -30.41
CA SER D 125 -35.15 19.74 -31.40
C SER D 125 -33.65 19.97 -31.62
N ASP D 126 -32.85 20.02 -30.51
CA ASP D 126 -31.39 20.18 -30.51
C ASP D 126 -30.72 18.88 -30.01
N PRO D 127 -30.15 18.03 -30.91
CA PRO D 127 -29.54 16.77 -30.45
C PRO D 127 -28.22 16.94 -29.70
N ILE D 128 -27.56 18.10 -29.88
CA ILE D 128 -26.32 18.45 -29.19
C ILE D 128 -26.65 18.59 -27.70
N LEU D 129 -27.80 19.22 -27.40
CA LEU D 129 -28.25 19.45 -26.02
C LEU D 129 -29.24 18.41 -25.48
N TYR D 130 -29.82 17.54 -26.35
CA TYR D 130 -30.81 16.55 -25.94
C TYR D 130 -30.32 15.58 -24.84
N ARG D 131 -31.10 15.47 -23.76
CA ARG D 131 -30.80 14.54 -22.68
C ARG D 131 -31.73 13.32 -22.73
N PRO D 132 -31.26 12.08 -22.97
CA PRO D 132 -32.19 10.92 -22.90
C PRO D 132 -32.76 10.75 -21.48
N VAL D 133 -33.99 10.24 -21.35
CA VAL D 133 -34.62 10.02 -20.04
C VAL D 133 -35.15 8.61 -19.99
N ALA D 134 -34.71 7.82 -19.00
CA ALA D 134 -35.16 6.44 -18.90
C ALA D 134 -36.47 6.33 -18.16
N VAL D 135 -37.17 5.18 -18.36
CA VAL D 135 -38.42 4.88 -17.69
C VAL D 135 -38.20 3.61 -16.91
N ALA D 136 -38.40 3.66 -15.59
CA ALA D 136 -38.25 2.49 -14.72
C ALA D 136 -39.58 2.08 -14.09
N LEU D 137 -39.88 0.78 -14.14
CA LEU D 137 -41.11 0.25 -13.56
C LEU D 137 -40.70 -0.43 -12.28
N ASP D 138 -41.25 0.02 -11.14
CA ASP D 138 -40.93 -0.58 -9.86
C ASP D 138 -42.15 -1.41 -9.46
N THR D 139 -41.97 -2.75 -9.34
CA THR D 139 -43.06 -3.67 -9.01
C THR D 139 -43.61 -3.51 -7.59
N LYS D 140 -44.84 -4.00 -7.35
CA LYS D 140 -45.46 -4.02 -6.03
C LYS D 140 -44.80 -5.13 -5.23
N GLY D 141 -44.61 -6.28 -5.88
CA GLY D 141 -43.99 -7.46 -5.27
C GLY D 141 -44.91 -8.27 -4.38
N PRO D 142 -44.44 -9.42 -3.86
CA PRO D 142 -45.29 -10.21 -2.95
C PRO D 142 -45.45 -9.50 -1.61
N GLU D 143 -46.63 -9.65 -0.99
CA GLU D 143 -46.94 -9.03 0.31
C GLU D 143 -47.56 -10.01 1.30
N ILE D 144 -47.50 -9.63 2.59
CA ILE D 144 -48.13 -10.30 3.72
C ILE D 144 -49.02 -9.23 4.36
N ARG D 145 -50.32 -9.52 4.37
CA ARG D 145 -51.30 -8.59 4.92
C ARG D 145 -52.11 -9.26 6.01
N THR D 146 -52.59 -8.42 6.93
CA THR D 146 -53.45 -8.85 8.04
C THR D 146 -54.90 -8.70 7.56
N GLY D 147 -55.85 -9.17 8.38
CA GLY D 147 -57.28 -9.05 8.10
C GLY D 147 -57.84 -7.71 8.50
N LEU D 148 -59.18 -7.55 8.41
CA LEU D 148 -59.90 -6.32 8.78
C LEU D 148 -60.16 -6.24 10.28
N ILE D 149 -59.97 -5.03 10.88
CA ILE D 149 -60.19 -4.79 12.32
C ILE D 149 -61.66 -4.53 12.64
N THR D 154 -62.71 -0.17 9.18
CA THR D 154 -61.49 0.63 9.19
C THR D 154 -61.09 1.02 10.63
N ALA D 155 -61.41 0.14 11.60
CA ALA D 155 -61.13 0.32 13.03
C ALA D 155 -59.64 0.19 13.35
N GLU D 156 -59.25 0.61 14.57
CA GLU D 156 -57.91 0.51 15.14
C GLU D 156 -58.03 -0.19 16.50
N VAL D 157 -56.97 -0.89 16.94
CA VAL D 157 -57.00 -1.57 18.23
C VAL D 157 -55.64 -1.42 18.96
N GLU D 158 -55.70 -1.05 20.25
CA GLU D 158 -54.49 -0.84 21.04
C GLU D 158 -53.92 -2.16 21.55
N LEU D 159 -52.66 -2.41 21.18
CA LEU D 159 -51.93 -3.60 21.60
C LEU D 159 -50.97 -3.19 22.70
N LYS D 160 -51.03 -3.91 23.83
CA LYS D 160 -50.21 -3.63 25.00
C LYS D 160 -49.01 -4.60 25.04
N LYS D 161 -47.83 -4.09 25.47
CA LYS D 161 -46.59 -4.85 25.61
C LYS D 161 -46.76 -5.94 26.68
N GLY D 162 -46.46 -7.18 26.29
CA GLY D 162 -46.57 -8.34 27.16
C GLY D 162 -47.80 -9.18 26.93
N ALA D 163 -48.87 -8.57 26.35
CA ALA D 163 -50.15 -9.24 26.06
C ALA D 163 -50.02 -10.26 24.93
N THR D 164 -50.72 -11.40 25.04
CA THR D 164 -50.68 -12.48 24.04
C THR D 164 -51.58 -12.17 22.82
N LEU D 165 -51.30 -12.83 21.68
CA LEU D 165 -52.03 -12.66 20.41
C LEU D 165 -51.96 -13.93 19.56
N LYS D 166 -53.13 -14.43 19.13
CA LYS D 166 -53.25 -15.62 18.30
C LYS D 166 -53.19 -15.26 16.81
N ILE D 167 -52.33 -15.96 16.07
CA ILE D 167 -52.16 -15.80 14.63
C ILE D 167 -52.91 -16.95 13.96
N THR D 168 -54.00 -16.62 13.25
CA THR D 168 -54.84 -17.63 12.59
C THR D 168 -54.65 -17.66 11.08
N LEU D 169 -54.59 -18.86 10.51
CA LEU D 169 -54.48 -19.08 9.07
C LEU D 169 -55.84 -19.47 8.46
N ASP D 170 -56.83 -19.80 9.34
CA ASP D 170 -58.21 -20.16 8.95
C ASP D 170 -58.93 -18.88 8.52
N ASN D 171 -59.37 -18.82 7.24
CA ASN D 171 -60.05 -17.67 6.61
C ASN D 171 -61.37 -17.25 7.29
N ALA D 172 -61.79 -17.99 8.33
CA ALA D 172 -62.99 -17.75 9.13
C ALA D 172 -62.92 -16.42 9.89
N TYR D 173 -61.71 -16.02 10.35
CA TYR D 173 -61.50 -14.79 11.13
C TYR D 173 -60.86 -13.67 10.28
N MET D 174 -61.25 -13.57 9.00
CA MET D 174 -60.76 -12.58 8.05
C MET D 174 -61.12 -11.14 8.39
N GLU D 175 -62.43 -10.80 8.38
CA GLU D 175 -62.95 -9.45 8.66
C GLU D 175 -63.24 -9.24 10.17
N LYS D 176 -62.98 -10.26 10.99
CA LYS D 176 -63.22 -10.25 12.43
C LYS D 176 -61.91 -10.29 13.25
N CYS D 177 -60.87 -9.52 12.82
CA CYS D 177 -59.58 -9.42 13.52
C CYS D 177 -59.70 -8.43 14.67
N ASP D 178 -59.13 -8.78 15.84
CA ASP D 178 -59.15 -7.95 17.05
C ASP D 178 -57.84 -8.01 17.84
N GLU D 179 -57.80 -7.35 19.01
CA GLU D 179 -56.64 -7.31 19.91
C GLU D 179 -56.31 -8.68 20.58
N ASN D 180 -57.03 -9.74 20.19
CA ASN D 180 -56.85 -11.08 20.74
C ASN D 180 -56.56 -12.14 19.65
N ILE D 181 -57.14 -11.95 18.44
CA ILE D 181 -56.96 -12.85 17.28
C ILE D 181 -56.67 -12.04 16.00
N LEU D 182 -55.59 -12.41 15.28
CA LEU D 182 -55.16 -11.75 14.04
C LEU D 182 -54.89 -12.77 12.91
N TRP D 183 -55.57 -12.56 11.77
CA TRP D 183 -55.47 -13.40 10.56
C TRP D 183 -54.53 -12.77 9.52
N LEU D 184 -53.67 -13.63 8.91
CA LEU D 184 -52.69 -13.29 7.86
C LEU D 184 -53.03 -14.05 6.59
N ASP D 185 -52.79 -13.44 5.41
CA ASP D 185 -53.07 -14.08 4.11
C ASP D 185 -52.00 -15.10 3.69
N TYR D 186 -50.79 -15.02 4.28
CA TYR D 186 -49.67 -15.91 4.00
C TYR D 186 -49.92 -17.29 4.61
N LYS D 187 -50.48 -18.21 3.79
CA LYS D 187 -50.87 -19.56 4.19
C LYS D 187 -49.70 -20.47 4.63
N ASN D 188 -48.47 -20.22 4.13
CA ASN D 188 -47.30 -21.03 4.46
C ASN D 188 -46.43 -20.45 5.61
N ILE D 189 -47.01 -19.53 6.43
CA ILE D 189 -46.33 -18.87 7.54
C ILE D 189 -45.68 -19.85 8.56
N CYS D 190 -46.35 -20.97 8.88
CA CYS D 190 -45.86 -21.91 9.88
C CYS D 190 -44.59 -22.68 9.47
N LYS D 191 -44.41 -22.89 8.16
CA LYS D 191 -43.24 -23.60 7.63
C LYS D 191 -42.00 -22.71 7.53
N VAL D 192 -42.16 -21.37 7.73
CA VAL D 192 -41.05 -20.41 7.63
C VAL D 192 -40.68 -19.76 8.98
N VAL D 193 -41.60 -19.78 9.98
CA VAL D 193 -41.31 -19.20 11.30
C VAL D 193 -41.17 -20.30 12.38
N GLU D 194 -40.06 -20.25 13.15
CA GLU D 194 -39.76 -21.20 14.23
C GLU D 194 -40.21 -20.63 15.57
N VAL D 195 -39.91 -21.34 16.69
CA VAL D 195 -40.28 -20.86 18.02
C VAL D 195 -39.31 -19.74 18.44
N GLY D 196 -39.88 -18.63 18.91
CA GLY D 196 -39.12 -17.45 19.32
C GLY D 196 -38.88 -16.45 18.21
N SER D 197 -39.47 -16.69 17.03
CA SER D 197 -39.34 -15.85 15.83
C SER D 197 -39.97 -14.48 16.04
N LYS D 198 -39.35 -13.45 15.46
CA LYS D 198 -39.91 -12.10 15.54
C LYS D 198 -40.86 -11.92 14.35
N ILE D 199 -41.97 -11.22 14.57
CA ILE D 199 -42.97 -10.92 13.54
C ILE D 199 -43.30 -9.44 13.64
N TYR D 200 -42.96 -8.68 12.57
CA TYR D 200 -43.20 -7.25 12.49
C TYR D 200 -44.50 -6.98 11.78
N VAL D 201 -45.31 -6.05 12.34
CA VAL D 201 -46.61 -5.65 11.79
C VAL D 201 -46.60 -4.13 11.56
N ASP D 202 -47.24 -3.68 10.46
CA ASP D 202 -47.42 -2.29 10.01
C ASP D 202 -46.09 -1.49 9.99
N ASP D 203 -45.28 -1.70 8.93
CA ASP D 203 -43.95 -1.08 8.73
C ASP D 203 -43.06 -1.16 9.99
N GLY D 204 -43.07 -2.33 10.64
CA GLY D 204 -42.28 -2.62 11.83
C GLY D 204 -42.61 -1.86 13.11
N LEU D 205 -43.76 -1.15 13.16
CA LEU D 205 -44.22 -0.38 14.32
C LEU D 205 -44.64 -1.27 15.50
N ILE D 206 -45.08 -2.52 15.21
CA ILE D 206 -45.51 -3.55 16.16
C ILE D 206 -44.60 -4.78 16.01
N SER D 207 -44.13 -5.35 17.15
CA SER D 207 -43.26 -6.53 17.17
C SER D 207 -43.90 -7.67 17.99
N LEU D 208 -43.82 -8.91 17.49
CA LEU D 208 -44.40 -10.09 18.14
C LEU D 208 -43.40 -11.23 18.22
N GLN D 209 -43.28 -11.87 19.38
CA GLN D 209 -42.38 -13.02 19.56
C GLN D 209 -43.18 -14.32 19.60
N VAL D 210 -42.78 -15.32 18.77
CA VAL D 210 -43.44 -16.62 18.69
C VAL D 210 -43.22 -17.44 19.98
N LYS D 211 -44.30 -17.71 20.71
CA LYS D 211 -44.27 -18.46 21.97
C LYS D 211 -44.65 -19.93 21.74
N GLN D 212 -45.75 -20.17 21.00
CA GLN D 212 -46.26 -21.49 20.64
C GLN D 212 -46.53 -21.55 19.14
N LYS D 213 -46.09 -22.63 18.46
CA LYS D 213 -46.29 -22.82 17.02
C LYS D 213 -46.99 -24.13 16.70
N ASP D 216 -50.95 -24.33 11.08
CA ASP D 216 -52.22 -23.66 10.83
C ASP D 216 -52.51 -22.50 11.81
N PHE D 217 -51.66 -22.35 12.86
CA PHE D 217 -51.79 -21.31 13.89
C PHE D 217 -50.46 -21.04 14.65
N LEU D 218 -50.41 -19.92 15.39
CA LEU D 218 -49.27 -19.50 16.20
C LEU D 218 -49.71 -18.57 17.35
N VAL D 219 -49.11 -18.74 18.54
CA VAL D 219 -49.40 -17.91 19.71
C VAL D 219 -48.19 -17.01 19.97
N THR D 220 -48.40 -15.68 20.01
CA THR D 220 -47.31 -14.71 20.18
C THR D 220 -47.54 -13.74 21.35
N GLU D 221 -46.47 -13.00 21.77
CA GLU D 221 -46.52 -11.99 22.83
C GLU D 221 -45.96 -10.67 22.30
N VAL D 222 -46.75 -9.59 22.46
CA VAL D 222 -46.42 -8.24 22.00
C VAL D 222 -45.13 -7.69 22.66
N GLU D 223 -44.09 -7.46 21.84
CA GLU D 223 -42.83 -6.89 22.31
C GLU D 223 -42.98 -5.35 22.28
N ASN D 224 -43.34 -4.78 21.11
CA ASN D 224 -43.56 -3.33 20.94
C ASN D 224 -44.99 -3.14 20.45
N GLY D 225 -45.81 -2.47 21.25
CA GLY D 225 -47.23 -2.26 20.97
C GLY D 225 -47.56 -1.03 20.15
N GLY D 226 -48.86 -0.80 19.98
CA GLY D 226 -49.38 0.33 19.23
C GLY D 226 -50.76 0.11 18.64
N SER D 227 -51.20 1.08 17.83
CA SER D 227 -52.50 1.08 17.15
C SER D 227 -52.53 0.12 15.94
N LEU D 228 -52.93 -1.16 16.19
CA LEU D 228 -53.06 -2.19 15.16
C LEU D 228 -54.28 -1.94 14.26
N GLY D 229 -54.01 -1.55 13.02
CA GLY D 229 -55.05 -1.26 12.04
C GLY D 229 -55.54 -2.47 11.26
N SER D 230 -56.10 -2.21 10.08
CA SER D 230 -56.66 -3.21 9.18
C SER D 230 -55.81 -3.29 7.91
N LYS D 231 -55.58 -4.53 7.40
CA LYS D 231 -54.79 -4.83 6.19
C LYS D 231 -53.43 -4.13 6.23
N LYS D 232 -52.61 -4.53 7.22
CA LYS D 232 -51.28 -3.98 7.48
C LYS D 232 -50.15 -4.92 7.03
N GLY D 233 -49.07 -4.33 6.52
CA GLY D 233 -47.88 -5.04 6.06
C GLY D 233 -47.19 -5.81 7.15
N VAL D 234 -46.79 -7.05 6.85
CA VAL D 234 -46.14 -7.95 7.79
C VAL D 234 -44.77 -8.37 7.27
N ASN D 235 -43.77 -8.34 8.15
CA ASN D 235 -42.41 -8.71 7.83
C ASN D 235 -41.96 -9.87 8.69
N LEU D 236 -41.15 -10.79 8.12
CA LEU D 236 -40.65 -11.96 8.86
C LEU D 236 -39.11 -11.93 8.88
N PRO D 237 -38.48 -11.30 9.91
CA PRO D 237 -37.02 -11.18 9.93
C PRO D 237 -36.28 -12.49 10.08
N GLY D 238 -35.23 -12.65 9.29
CA GLY D 238 -34.37 -13.83 9.28
C GLY D 238 -34.97 -15.08 8.65
N ALA D 239 -36.24 -14.98 8.19
CA ALA D 239 -37.00 -16.08 7.57
C ALA D 239 -36.74 -16.21 6.05
N ALA D 240 -36.86 -17.44 5.54
CA ALA D 240 -36.73 -17.76 4.12
C ALA D 240 -38.18 -17.89 3.57
N VAL D 241 -38.81 -16.72 3.32
CA VAL D 241 -40.19 -16.55 2.83
C VAL D 241 -40.40 -17.18 1.44
N ASP D 242 -41.29 -18.22 1.36
CA ASP D 242 -41.58 -18.96 0.13
C ASP D 242 -42.64 -18.31 -0.78
N LEU D 243 -42.95 -17.03 -0.55
CA LEU D 243 -43.89 -16.29 -1.40
C LEU D 243 -43.37 -16.29 -2.86
N PRO D 244 -44.25 -16.32 -3.88
CA PRO D 244 -43.72 -16.30 -5.26
C PRO D 244 -42.91 -15.03 -5.57
N ALA D 245 -41.93 -15.15 -6.47
CA ALA D 245 -41.05 -14.08 -6.95
C ALA D 245 -41.86 -12.94 -7.55
N VAL D 246 -42.97 -13.29 -8.21
CA VAL D 246 -43.88 -12.38 -8.87
C VAL D 246 -45.31 -12.77 -8.56
N SER D 247 -46.08 -11.81 -8.01
CA SER D 247 -47.51 -11.97 -7.72
C SER D 247 -48.25 -11.92 -9.06
N GLU D 248 -49.59 -12.19 -9.05
CA GLU D 248 -50.35 -12.18 -10.31
C GLU D 248 -50.45 -10.76 -10.89
N LYS D 249 -50.48 -9.77 -9.98
CA LYS D 249 -50.50 -8.34 -10.32
C LYS D 249 -49.17 -8.01 -11.03
N ASP D 250 -48.02 -8.41 -10.39
CA ASP D 250 -46.68 -8.24 -10.94
C ASP D 250 -46.57 -8.72 -12.40
N ILE D 251 -47.07 -9.94 -12.72
CA ILE D 251 -47.03 -10.45 -14.10
C ILE D 251 -47.71 -9.48 -15.07
N GLN D 252 -48.94 -9.03 -14.76
CA GLN D 252 -49.70 -8.07 -15.59
C GLN D 252 -48.96 -6.72 -15.70
N ASP D 253 -48.37 -6.25 -14.58
CA ASP D 253 -47.58 -5.03 -14.49
C ASP D 253 -46.32 -5.15 -15.34
N LEU D 254 -45.61 -6.27 -15.22
CA LEU D 254 -44.40 -6.51 -16.01
C LEU D 254 -44.76 -6.58 -17.50
N LYS D 255 -45.86 -7.32 -17.88
CA LYS D 255 -46.32 -7.46 -19.28
C LYS D 255 -46.58 -6.09 -19.87
N PHE D 256 -47.21 -5.24 -19.09
CA PHE D 256 -47.52 -3.84 -19.39
C PHE D 256 -46.23 -3.03 -19.62
N GLY D 257 -45.19 -3.32 -18.83
CA GLY D 257 -43.89 -2.65 -18.95
C GLY D 257 -43.30 -2.85 -20.32
N VAL D 258 -43.41 -4.10 -20.83
CA VAL D 258 -42.98 -4.53 -22.16
C VAL D 258 -43.84 -3.79 -23.19
N GLU D 259 -45.18 -3.73 -22.99
CA GLU D 259 -46.11 -2.99 -23.86
C GLU D 259 -45.62 -1.54 -23.98
N GLN D 260 -45.43 -0.88 -22.82
CA GLN D 260 -45.05 0.52 -22.70
C GLN D 260 -43.59 0.87 -23.09
N ASP D 261 -42.74 -0.13 -23.39
CA ASP D 261 -41.34 0.02 -23.79
C ASP D 261 -40.47 0.66 -22.68
N VAL D 262 -40.51 0.06 -21.47
CA VAL D 262 -39.72 0.52 -20.33
C VAL D 262 -38.26 0.07 -20.52
N ASP D 263 -37.33 0.83 -19.96
CA ASP D 263 -35.89 0.55 -20.04
C ASP D 263 -35.43 -0.40 -18.96
N MET D 264 -36.05 -0.31 -17.78
CA MET D 264 -35.67 -1.14 -16.66
C MET D 264 -36.82 -1.48 -15.75
N VAL D 265 -36.65 -2.54 -15.00
CA VAL D 265 -37.61 -3.04 -14.04
C VAL D 265 -36.85 -3.06 -12.71
N PHE D 266 -37.41 -2.41 -11.67
CA PHE D 266 -36.85 -2.48 -10.33
C PHE D 266 -37.72 -3.57 -9.67
N ALA D 267 -37.19 -4.78 -9.49
CA ALA D 267 -37.94 -5.97 -9.00
C ALA D 267 -37.92 -6.13 -7.48
N SER D 268 -39.09 -5.96 -6.85
CA SER D 268 -39.30 -6.04 -5.41
C SER D 268 -39.09 -7.41 -4.78
N PHE D 269 -38.69 -7.43 -3.48
CA PHE D 269 -38.51 -8.59 -2.59
C PHE D 269 -37.72 -9.74 -3.17
N ILE D 270 -36.58 -9.45 -3.81
CA ILE D 270 -35.71 -10.49 -4.39
C ILE D 270 -34.97 -11.22 -3.31
N ARG D 271 -35.19 -12.52 -3.17
CA ARG D 271 -34.53 -13.31 -2.11
C ARG D 271 -33.47 -14.29 -2.60
N LYS D 272 -33.49 -14.62 -3.90
CA LYS D 272 -32.56 -15.60 -4.48
C LYS D 272 -32.43 -15.41 -5.98
N ALA D 273 -31.46 -16.11 -6.59
CA ALA D 273 -31.21 -16.08 -8.02
C ALA D 273 -32.47 -16.48 -8.81
N SER D 274 -33.14 -17.58 -8.39
CA SER D 274 -34.36 -18.10 -9.03
C SER D 274 -35.43 -17.03 -9.22
N ASP D 275 -35.57 -16.10 -8.23
CA ASP D 275 -36.52 -14.97 -8.32
C ASP D 275 -36.24 -14.04 -9.51
N VAL D 276 -34.95 -13.83 -9.83
CA VAL D 276 -34.53 -12.96 -10.95
C VAL D 276 -34.86 -13.66 -12.26
N HIS D 277 -34.64 -14.98 -12.32
CA HIS D 277 -34.95 -15.79 -13.49
C HIS D 277 -36.46 -15.73 -13.77
N GLU D 278 -37.31 -15.84 -12.70
CA GLU D 278 -38.78 -15.76 -12.80
C GLU D 278 -39.22 -14.43 -13.38
N VAL D 279 -38.58 -13.32 -12.96
CA VAL D 279 -38.91 -11.99 -13.49
C VAL D 279 -38.49 -11.96 -14.96
N ARG D 280 -37.30 -12.51 -15.28
CA ARG D 280 -36.72 -12.58 -16.62
C ARG D 280 -37.62 -13.36 -17.62
N LYS D 281 -38.19 -14.49 -17.16
CA LYS D 281 -39.09 -15.40 -17.89
C LYS D 281 -40.36 -14.64 -18.30
N VAL D 282 -40.99 -13.90 -17.35
CA VAL D 282 -42.19 -13.06 -17.54
C VAL D 282 -41.93 -12.00 -18.62
N LEU D 283 -40.80 -11.30 -18.53
CA LEU D 283 -40.45 -10.25 -19.50
C LEU D 283 -40.28 -10.83 -20.91
N GLY D 284 -39.99 -12.13 -20.95
CA GLY D 284 -39.86 -12.93 -22.15
C GLY D 284 -38.91 -12.41 -23.21
N GLU D 285 -39.09 -12.94 -24.43
CA GLU D 285 -38.31 -12.63 -25.61
C GLU D 285 -38.43 -11.16 -25.95
N LYS D 286 -39.68 -10.65 -25.97
CA LYS D 286 -39.98 -9.27 -26.29
C LYS D 286 -39.35 -8.26 -25.30
N GLY D 287 -39.14 -8.66 -24.05
CA GLY D 287 -38.50 -7.81 -23.05
C GLY D 287 -37.13 -8.28 -22.61
N LYS D 288 -36.37 -8.96 -23.50
CA LYS D 288 -35.05 -9.52 -23.17
C LYS D 288 -33.97 -8.42 -22.97
N ASN D 289 -34.23 -7.18 -23.46
CA ASN D 289 -33.31 -6.04 -23.39
C ASN D 289 -33.60 -5.09 -22.21
N ILE D 290 -34.73 -5.30 -21.51
CA ILE D 290 -35.11 -4.56 -20.32
C ILE D 290 -34.18 -5.02 -19.15
N LYS D 291 -33.43 -4.07 -18.56
CA LYS D 291 -32.50 -4.37 -17.46
C LYS D 291 -33.27 -4.70 -16.19
N ILE D 292 -32.93 -5.82 -15.53
CA ILE D 292 -33.56 -6.20 -14.27
C ILE D 292 -32.66 -5.72 -13.08
N ILE D 293 -33.23 -4.86 -12.25
CA ILE D 293 -32.57 -4.28 -11.07
C ILE D 293 -33.20 -4.95 -9.85
N SER D 294 -32.51 -5.92 -9.23
CA SER D 294 -33.08 -6.58 -8.05
C SER D 294 -33.04 -5.72 -6.81
N LYS D 295 -34.21 -5.53 -6.16
CA LYS D 295 -34.30 -4.77 -4.91
C LYS D 295 -34.00 -5.70 -3.73
N ILE D 296 -32.93 -5.42 -2.97
CA ILE D 296 -32.55 -6.19 -1.77
C ILE D 296 -33.28 -5.54 -0.61
N GLU D 297 -34.12 -6.29 0.08
CA GLU D 297 -35.06 -5.77 1.07
C GLU D 297 -35.13 -6.49 2.41
N ASN D 298 -34.48 -7.66 2.52
CA ASN D 298 -34.50 -8.44 3.75
C ASN D 298 -33.17 -9.19 3.94
N HIS D 299 -33.05 -9.93 5.07
CA HIS D 299 -31.89 -10.73 5.47
C HIS D 299 -31.47 -11.75 4.41
N GLU D 300 -32.42 -12.58 3.88
CA GLU D 300 -32.14 -13.59 2.85
C GLU D 300 -31.51 -12.98 1.56
N GLY D 301 -32.05 -11.86 1.09
CA GLY D 301 -31.54 -11.14 -0.07
C GLY D 301 -30.10 -10.69 0.11
N VAL D 302 -29.74 -10.30 1.36
CA VAL D 302 -28.39 -9.89 1.77
C VAL D 302 -27.50 -11.14 1.84
N ARG D 303 -27.93 -12.19 2.54
CA ARG D 303 -27.19 -13.45 2.69
C ARG D 303 -26.91 -14.15 1.33
N ARG D 304 -27.86 -14.06 0.39
CA ARG D 304 -27.72 -14.67 -0.93
C ARG D 304 -27.39 -13.64 -2.00
N PHE D 305 -26.80 -12.50 -1.60
CA PHE D 305 -26.49 -11.39 -2.50
C PHE D 305 -25.71 -11.75 -3.75
N ASP D 306 -24.64 -12.57 -3.58
CA ASP D 306 -23.75 -12.97 -4.69
C ASP D 306 -24.46 -13.66 -5.81
N GLU D 307 -25.35 -14.63 -5.50
CA GLU D 307 -26.10 -15.34 -6.54
C GLU D 307 -27.15 -14.42 -7.17
N ILE D 308 -27.64 -13.42 -6.41
CA ILE D 308 -28.62 -12.45 -6.94
C ILE D 308 -27.96 -11.49 -7.95
N LEU D 309 -26.81 -10.93 -7.59
CA LEU D 309 -25.98 -10.03 -8.36
C LEU D 309 -25.59 -10.67 -9.69
N GLU D 310 -25.11 -11.93 -9.61
CA GLU D 310 -24.71 -12.73 -10.79
C GLU D 310 -25.92 -12.89 -11.75
N ALA D 311 -27.14 -13.12 -11.19
CA ALA D 311 -28.36 -13.26 -11.96
C ALA D 311 -28.96 -11.95 -12.48
N SER D 312 -28.69 -10.80 -11.81
CA SER D 312 -29.32 -9.52 -12.18
C SER D 312 -28.49 -8.61 -13.08
N ASP D 313 -29.12 -7.54 -13.57
CA ASP D 313 -28.42 -6.54 -14.37
C ASP D 313 -27.89 -5.45 -13.45
N GLY D 314 -28.48 -5.34 -12.28
CA GLY D 314 -28.09 -4.38 -11.25
C GLY D 314 -28.79 -4.59 -9.94
N ILE D 315 -28.49 -3.72 -8.98
CA ILE D 315 -29.03 -3.81 -7.63
C ILE D 315 -29.55 -2.49 -7.13
N MET D 316 -30.63 -2.54 -6.33
CA MET D 316 -31.13 -1.43 -5.56
C MET D 316 -30.96 -1.80 -4.10
N VAL D 317 -30.28 -0.93 -3.34
CA VAL D 317 -30.16 -1.02 -1.88
C VAL D 317 -31.48 -0.37 -1.46
N ALA D 318 -32.50 -1.21 -1.22
CA ALA D 318 -33.85 -0.74 -0.88
C ALA D 318 -33.95 -0.55 0.62
N ARG D 319 -33.33 0.55 1.09
CA ARG D 319 -33.14 0.88 2.51
C ARG D 319 -34.41 0.95 3.35
N GLY D 320 -35.50 1.38 2.75
CA GLY D 320 -36.81 1.46 3.41
C GLY D 320 -37.23 0.16 4.04
N ASP D 321 -37.48 -0.86 3.20
CA ASP D 321 -37.87 -2.19 3.65
C ASP D 321 -36.75 -2.88 4.39
N LEU D 322 -35.49 -2.72 3.90
CA LEU D 322 -34.32 -3.29 4.58
C LEU D 322 -34.26 -2.86 6.05
N GLY D 323 -34.48 -1.57 6.29
CA GLY D 323 -34.53 -0.98 7.62
C GLY D 323 -35.63 -1.45 8.54
N ILE D 324 -36.69 -2.09 7.98
CA ILE D 324 -37.81 -2.65 8.74
C ILE D 324 -37.46 -4.12 9.04
N GLU D 325 -36.86 -4.83 8.07
CA GLU D 325 -36.49 -6.24 8.14
C GLU D 325 -35.26 -6.54 9.00
N ILE D 326 -34.26 -5.64 9.00
CA ILE D 326 -33.03 -5.80 9.79
C ILE D 326 -32.91 -4.62 10.79
N PRO D 327 -32.08 -4.71 11.87
CA PRO D 327 -31.98 -3.55 12.78
C PRO D 327 -31.44 -2.37 12.01
N ALA D 328 -32.11 -1.21 12.14
CA ALA D 328 -31.80 0.03 11.43
C ALA D 328 -30.32 0.44 11.52
N GLU D 329 -29.68 0.16 12.67
CA GLU D 329 -28.26 0.50 12.87
C GLU D 329 -27.35 -0.38 12.00
N LYS D 330 -27.88 -1.45 11.37
CA LYS D 330 -27.05 -2.35 10.52
C LYS D 330 -27.19 -2.05 9.02
N VAL D 331 -28.12 -1.16 8.62
CA VAL D 331 -28.40 -0.82 7.23
C VAL D 331 -27.16 -0.25 6.49
N PHE D 332 -26.28 0.47 7.18
CA PHE D 332 -25.09 1.04 6.53
C PHE D 332 -24.07 -0.03 6.11
N LEU D 333 -23.98 -1.13 6.87
CA LEU D 333 -23.11 -2.28 6.56
C LEU D 333 -23.61 -2.95 5.27
N ALA D 334 -24.91 -3.27 5.21
CA ALA D 334 -25.58 -3.89 4.06
C ALA D 334 -25.41 -2.99 2.81
N GLN D 335 -25.57 -1.65 2.98
CA GLN D 335 -25.38 -0.68 1.90
C GLN D 335 -23.95 -0.69 1.37
N LYS D 336 -22.95 -0.62 2.27
CA LYS D 336 -21.55 -0.58 1.85
C LYS D 336 -21.09 -1.92 1.26
N MET D 337 -21.62 -3.03 1.77
CA MET D 337 -21.34 -4.37 1.28
C MET D 337 -21.83 -4.47 -0.19
N MET D 338 -23.13 -4.18 -0.43
CA MET D 338 -23.72 -4.25 -1.76
C MET D 338 -23.07 -3.26 -2.76
N ILE D 339 -22.76 -2.00 -2.34
CA ILE D 339 -22.07 -1.03 -3.20
C ILE D 339 -20.67 -1.56 -3.56
N GLY D 340 -19.99 -2.13 -2.56
CA GLY D 340 -18.67 -2.70 -2.77
C GLY D 340 -18.70 -3.82 -3.80
N ARG D 341 -19.59 -4.82 -3.58
CA ARG D 341 -19.71 -5.98 -4.47
C ARG D 341 -20.16 -5.60 -5.86
N CYS D 342 -21.05 -4.59 -5.98
CA CYS D 342 -21.47 -4.14 -7.30
C CYS D 342 -20.34 -3.45 -8.05
N ASN D 343 -19.51 -2.62 -7.36
CA ASN D 343 -18.32 -1.97 -7.92
C ASN D 343 -17.32 -3.07 -8.33
N ARG D 344 -17.24 -4.15 -7.52
CA ARG D 344 -16.38 -5.31 -7.76
C ARG D 344 -16.85 -6.07 -9.03
N ALA D 345 -18.15 -6.28 -9.20
CA ALA D 345 -18.68 -6.98 -10.35
C ALA D 345 -18.91 -6.09 -11.60
N GLY D 346 -18.84 -4.77 -11.44
CA GLY D 346 -19.05 -3.85 -12.56
C GLY D 346 -20.51 -3.76 -12.99
N LYS D 347 -21.44 -3.95 -12.04
CA LYS D 347 -22.89 -3.87 -12.26
C LYS D 347 -23.45 -2.65 -11.53
N PRO D 348 -24.44 -1.91 -12.12
CA PRO D 348 -24.98 -0.74 -11.42
C PRO D 348 -25.62 -1.01 -10.06
N VAL D 349 -25.45 -0.07 -9.13
CA VAL D 349 -26.01 -0.10 -7.79
C VAL D 349 -26.73 1.24 -7.55
N ILE D 350 -27.95 1.15 -7.02
CA ILE D 350 -28.78 2.31 -6.72
C ILE D 350 -28.90 2.44 -5.22
N CYS D 351 -28.67 3.67 -4.70
CA CYS D 351 -28.93 3.91 -3.28
C CYS D 351 -30.31 4.55 -3.16
N ALA D 352 -31.16 4.01 -2.33
CA ALA D 352 -32.53 4.51 -2.26
C ALA D 352 -33.09 4.73 -0.85
N THR D 353 -34.23 5.50 -0.79
CA THR D 353 -35.10 5.79 0.36
C THR D 353 -34.56 6.84 1.33
N GLN D 354 -35.41 7.84 1.63
CA GLN D 354 -35.24 8.92 2.60
C GLN D 354 -33.90 9.69 2.50
N MET D 355 -33.35 9.79 1.28
CA MET D 355 -32.07 10.46 1.05
C MET D 355 -32.14 11.96 1.34
N LEU D 356 -33.24 12.61 0.92
CA LEU D 356 -33.49 14.02 1.16
C LEU D 356 -34.93 14.20 1.70
N GLU D 357 -35.39 13.21 2.50
CA GLU D 357 -36.72 13.07 3.09
C GLU D 357 -37.39 14.38 3.56
N SER D 358 -36.72 15.18 4.42
CA SER D 358 -37.27 16.44 4.98
C SER D 358 -37.70 17.45 3.90
N MET D 359 -37.14 17.31 2.68
CA MET D 359 -37.46 18.19 1.55
C MET D 359 -38.85 17.97 0.96
N ILE D 360 -39.60 16.98 1.49
CA ILE D 360 -41.00 16.76 1.15
C ILE D 360 -41.78 17.99 1.69
N LYS D 361 -41.32 18.54 2.86
CA LYS D 361 -41.96 19.69 3.52
C LYS D 361 -41.10 20.97 3.61
N LYS D 362 -39.74 20.87 3.50
CA LYS D 362 -38.84 22.02 3.61
C LYS D 362 -38.00 22.29 2.35
N PRO D 363 -37.72 23.56 1.98
CA PRO D 363 -36.98 23.80 0.73
C PRO D 363 -35.47 23.46 0.78
N ARG D 364 -34.93 23.19 1.97
CA ARG D 364 -33.53 22.83 2.18
C ARG D 364 -33.47 21.50 2.95
N PRO D 365 -32.45 20.64 2.70
CA PRO D 365 -32.37 19.38 3.45
C PRO D 365 -31.69 19.56 4.81
N THR D 366 -31.72 18.53 5.64
CA THR D 366 -31.02 18.54 6.91
C THR D 366 -29.52 18.26 6.63
N ARG D 367 -28.71 18.29 7.67
CA ARG D 367 -27.28 18.05 7.48
C ARG D 367 -26.99 16.55 7.31
N ALA D 368 -27.84 15.69 7.92
CA ALA D 368 -27.67 14.24 7.83
C ALA D 368 -27.94 13.78 6.40
N GLU D 369 -28.96 14.43 5.79
CA GLU D 369 -29.42 14.16 4.42
C GLU D 369 -28.38 14.55 3.39
N GLY D 370 -27.74 15.70 3.59
CA GLY D 370 -26.66 16.19 2.75
C GLY D 370 -25.47 15.25 2.81
N SER D 371 -25.18 14.74 4.00
CA SER D 371 -24.09 13.80 4.26
C SER D 371 -24.39 12.41 3.63
N ASP D 372 -25.70 11.98 3.64
CA ASP D 372 -26.16 10.71 3.12
C ASP D 372 -25.94 10.58 1.62
N VAL D 373 -26.34 11.62 0.88
CA VAL D 373 -26.17 11.69 -0.56
C VAL D 373 -24.67 11.67 -0.89
N ALA D 374 -23.88 12.54 -0.23
CA ALA D 374 -22.43 12.63 -0.47
C ALA D 374 -21.76 11.29 -0.20
N ASN D 375 -22.10 10.67 0.94
CA ASN D 375 -21.53 9.38 1.32
C ASN D 375 -21.95 8.23 0.40
N ALA D 376 -23.19 8.22 -0.17
CA ALA D 376 -23.62 7.17 -1.13
C ALA D 376 -22.71 7.26 -2.37
N VAL D 377 -22.41 8.49 -2.84
CA VAL D 377 -21.53 8.73 -3.99
C VAL D 377 -20.11 8.29 -3.61
N LEU D 378 -19.62 8.70 -2.41
CA LEU D 378 -18.27 8.34 -1.98
C LEU D 378 -18.12 6.82 -1.83
N ASP D 379 -19.19 6.10 -1.40
CA ASP D 379 -19.19 4.63 -1.29
C ASP D 379 -18.99 4.00 -2.67
N GLY D 380 -19.50 4.65 -3.72
CA GLY D 380 -19.38 4.16 -5.08
C GLY D 380 -20.68 3.86 -5.79
N ALA D 381 -21.82 4.37 -5.25
CA ALA D 381 -23.17 4.18 -5.84
C ALA D 381 -23.29 4.82 -7.22
N ASP D 382 -23.82 4.06 -8.18
CA ASP D 382 -23.98 4.52 -9.59
C ASP D 382 -25.12 5.51 -9.70
N CYS D 383 -26.15 5.27 -8.93
CA CYS D 383 -27.33 6.11 -8.95
C CYS D 383 -27.79 6.47 -7.56
N ILE D 384 -28.45 7.64 -7.50
CA ILE D 384 -29.14 8.11 -6.29
C ILE D 384 -30.63 8.27 -6.61
N MET D 385 -31.47 7.98 -5.60
CA MET D 385 -32.91 7.99 -5.77
C MET D 385 -33.66 8.98 -4.85
N LEU D 386 -34.78 9.48 -5.38
CA LEU D 386 -35.76 10.37 -4.75
C LEU D 386 -37.12 9.70 -4.90
N SER D 387 -37.84 9.57 -3.79
CA SER D 387 -39.16 8.94 -3.72
C SER D 387 -40.26 10.00 -3.48
N GLY D 388 -40.80 10.08 -2.26
CA GLY D 388 -41.82 11.06 -1.90
C GLY D 388 -41.39 12.50 -2.13
N GLU D 389 -40.06 12.75 -2.12
CA GLU D 389 -39.45 14.06 -2.33
C GLU D 389 -39.82 14.63 -3.68
N THR D 390 -40.10 13.74 -4.66
CA THR D 390 -40.47 14.13 -6.03
C THR D 390 -41.87 13.60 -6.41
N ALA D 391 -42.28 12.48 -5.82
CA ALA D 391 -43.61 11.88 -6.08
C ALA D 391 -44.77 12.70 -5.51
N LYS D 392 -44.64 13.20 -4.26
CA LYS D 392 -45.72 13.93 -3.57
C LYS D 392 -45.33 15.22 -2.82
N GLY D 393 -44.03 15.48 -2.67
CA GLY D 393 -43.49 16.61 -1.92
C GLY D 393 -43.76 17.99 -2.47
N ASP D 394 -43.51 19.02 -1.61
CA ASP D 394 -43.76 20.44 -1.95
C ASP D 394 -42.59 21.13 -2.67
N TYR D 395 -41.43 20.45 -2.76
CA TYR D 395 -40.23 21.01 -3.37
C TYR D 395 -39.52 19.96 -4.28
N PRO D 396 -40.20 19.36 -5.29
CA PRO D 396 -39.53 18.33 -6.11
C PRO D 396 -38.31 18.78 -6.88
N LEU D 397 -38.34 20.01 -7.46
CA LEU D 397 -37.20 20.53 -8.23
C LEU D 397 -36.00 20.84 -7.36
N GLU D 398 -36.25 21.33 -6.15
CA GLU D 398 -35.22 21.64 -5.17
C GLU D 398 -34.49 20.34 -4.76
N ALA D 399 -35.26 19.25 -4.54
CA ALA D 399 -34.75 17.92 -4.19
C ALA D 399 -33.83 17.36 -5.30
N VAL D 400 -34.24 17.45 -6.59
CA VAL D 400 -33.45 17.05 -7.77
C VAL D 400 -32.13 17.85 -7.84
N ARG D 401 -32.23 19.21 -7.85
CA ARG D 401 -31.12 20.16 -7.90
C ARG D 401 -30.11 19.92 -6.79
N MET D 402 -30.59 19.66 -5.54
CA MET D 402 -29.75 19.35 -4.38
C MET D 402 -28.99 18.01 -4.56
N GLN D 403 -29.65 17.00 -5.14
CA GLN D 403 -28.96 15.73 -5.41
C GLN D 403 -27.83 15.97 -6.44
N HIS D 404 -28.11 16.79 -7.48
CA HIS D 404 -27.16 17.17 -8.53
C HIS D 404 -25.92 17.90 -7.93
N LEU D 405 -26.14 18.91 -7.09
CA LEU D 405 -25.08 19.69 -6.46
C LEU D 405 -24.20 18.84 -5.53
N ILE D 406 -24.81 18.06 -4.62
CA ILE D 406 -24.07 17.17 -3.73
C ILE D 406 -23.23 16.14 -4.52
N ALA D 407 -23.86 15.39 -5.45
CA ALA D 407 -23.19 14.37 -6.27
C ALA D 407 -21.94 14.90 -6.99
N ARG D 408 -22.02 16.08 -7.61
CA ARG D 408 -20.92 16.71 -8.34
C ARG D 408 -19.77 17.04 -7.37
N GLU D 409 -20.12 17.54 -6.18
CA GLU D 409 -19.14 17.85 -5.15
C GLU D 409 -18.47 16.58 -4.66
N ALA D 410 -19.27 15.52 -4.43
CA ALA D 410 -18.76 14.24 -3.93
C ALA D 410 -17.94 13.48 -4.94
N GLU D 411 -18.26 13.62 -6.24
CA GLU D 411 -17.51 12.98 -7.32
C GLU D 411 -16.05 13.44 -7.37
N ALA D 412 -15.82 14.76 -7.20
CA ALA D 412 -14.48 15.34 -7.15
C ALA D 412 -13.71 14.88 -5.90
N ALA D 413 -14.41 14.61 -4.79
CA ALA D 413 -13.85 14.17 -3.49
C ALA D 413 -13.47 12.70 -3.45
N ILE D 414 -13.82 11.92 -4.48
CA ILE D 414 -13.44 10.51 -4.50
C ILE D 414 -11.87 10.39 -4.52
N TYR D 415 -11.32 9.37 -3.83
CA TYR D 415 -9.89 9.06 -3.81
C TYR D 415 -9.60 8.12 -4.98
N HIS D 416 -9.59 8.67 -6.21
CA HIS D 416 -9.38 7.90 -7.45
C HIS D 416 -8.08 7.06 -7.43
N LEU D 417 -7.00 7.62 -6.83
CA LEU D 417 -5.70 6.94 -6.73
C LEU D 417 -5.80 5.54 -6.07
N GLN D 418 -6.40 5.44 -4.88
CA GLN D 418 -6.62 4.13 -4.25
C GLN D 418 -7.74 3.32 -4.98
N LEU D 419 -8.87 3.97 -5.35
CA LEU D 419 -10.01 3.31 -6.01
C LEU D 419 -9.59 2.59 -7.32
N PHE D 420 -8.87 3.30 -8.21
CA PHE D 420 -8.38 2.73 -9.47
C PHE D 420 -7.37 1.58 -9.23
N GLU D 421 -6.42 1.74 -8.30
CA GLU D 421 -5.47 0.67 -7.94
C GLU D 421 -6.23 -0.60 -7.52
N GLU D 422 -7.21 -0.45 -6.63
CA GLU D 422 -7.98 -1.57 -6.09
C GLU D 422 -8.92 -2.23 -7.10
N LEU D 423 -9.60 -1.46 -7.96
CA LEU D 423 -10.51 -2.05 -8.97
C LEU D 423 -9.70 -2.90 -9.97
N ARG D 424 -8.52 -2.40 -10.37
CA ARG D 424 -7.56 -3.09 -11.21
C ARG D 424 -7.08 -4.40 -10.53
N ARG D 425 -6.53 -4.29 -9.30
CA ARG D 425 -6.00 -5.40 -8.52
C ARG D 425 -7.05 -6.48 -8.31
N LEU D 426 -8.31 -6.09 -8.13
CA LEU D 426 -9.37 -7.04 -7.88
C LEU D 426 -10.07 -7.56 -9.15
N ALA D 427 -9.88 -6.90 -10.31
CA ALA D 427 -10.49 -7.35 -11.56
C ALA D 427 -9.64 -8.45 -12.22
N PRO D 428 -10.28 -9.58 -12.58
CA PRO D 428 -9.52 -10.69 -13.20
C PRO D 428 -8.86 -10.38 -14.54
N ILE D 429 -7.81 -11.15 -14.86
CA ILE D 429 -7.10 -11.13 -16.13
C ILE D 429 -8.01 -11.88 -17.10
N THR D 430 -8.25 -11.32 -18.30
CA THR D 430 -9.11 -11.94 -19.32
C THR D 430 -8.49 -11.81 -20.69
N SER D 431 -8.94 -12.65 -21.60
CA SER D 431 -8.49 -12.59 -22.99
C SER D 431 -9.50 -11.73 -23.81
N ASP D 432 -10.30 -10.86 -23.10
CA ASP D 432 -11.28 -9.98 -23.71
C ASP D 432 -10.65 -8.68 -24.17
N PRO D 433 -10.61 -8.45 -25.51
CA PRO D 433 -10.02 -7.20 -26.03
C PRO D 433 -10.65 -5.90 -25.53
N THR D 434 -11.99 -5.87 -25.41
CA THR D 434 -12.73 -4.67 -24.99
C THR D 434 -12.37 -4.26 -23.55
N GLU D 435 -12.30 -5.26 -22.62
CA GLU D 435 -11.95 -5.08 -21.20
C GLU D 435 -10.58 -4.43 -21.11
N ALA D 436 -9.60 -4.97 -21.88
CA ALA D 436 -8.21 -4.50 -21.94
C ALA D 436 -8.11 -3.08 -22.51
N THR D 437 -8.92 -2.78 -23.55
CA THR D 437 -8.99 -1.44 -24.15
C THR D 437 -9.62 -0.46 -23.14
N ALA D 438 -10.67 -0.88 -22.43
CA ALA D 438 -11.36 -0.03 -21.45
C ALA D 438 -10.42 0.38 -20.29
N VAL D 439 -9.73 -0.60 -19.67
CA VAL D 439 -8.82 -0.32 -18.56
C VAL D 439 -7.63 0.57 -19.04
N GLY D 440 -7.16 0.32 -20.27
CA GLY D 440 -6.12 1.11 -20.93
C GLY D 440 -6.54 2.56 -21.15
N ALA D 441 -7.83 2.79 -21.49
CA ALA D 441 -8.45 4.11 -21.71
C ALA D 441 -8.55 4.90 -20.40
N VAL D 442 -8.97 4.21 -19.32
CA VAL D 442 -9.11 4.80 -17.98
C VAL D 442 -7.72 5.20 -17.45
N GLU D 443 -6.74 4.34 -17.63
CA GLU D 443 -5.37 4.65 -17.24
C GLU D 443 -4.86 5.86 -18.03
N ALA D 444 -5.07 5.89 -19.36
CA ALA D 444 -4.68 7.04 -20.20
C ALA D 444 -5.39 8.31 -19.79
N SER D 445 -6.70 8.23 -19.40
CA SER D 445 -7.45 9.41 -18.96
C SER D 445 -6.86 10.01 -17.69
N PHE D 446 -6.36 9.16 -16.77
CA PHE D 446 -5.72 9.64 -15.55
C PHE D 446 -4.37 10.30 -15.82
N LYS D 447 -3.55 9.68 -16.71
CA LYS D 447 -2.22 10.17 -17.06
C LYS D 447 -2.23 11.59 -17.68
N CYS D 448 -3.24 11.91 -18.50
CA CYS D 448 -3.28 13.21 -19.15
C CYS D 448 -4.40 14.14 -18.65
N CYS D 449 -5.07 13.77 -17.51
CA CYS D 449 -6.23 14.47 -16.93
C CYS D 449 -7.16 14.90 -18.09
N SER D 450 -7.67 13.89 -18.84
CA SER D 450 -8.48 14.14 -20.04
C SER D 450 -9.85 14.71 -19.71
N GLY D 451 -10.36 15.53 -20.62
CA GLY D 451 -11.68 16.17 -20.52
C GLY D 451 -12.84 15.22 -20.59
N ALA D 452 -12.65 14.06 -21.24
CA ALA D 452 -13.63 12.97 -21.40
C ALA D 452 -13.03 11.72 -21.99
N ILE D 453 -13.78 10.61 -21.87
CA ILE D 453 -13.54 9.35 -22.54
C ILE D 453 -14.77 9.19 -23.47
N ILE D 454 -14.55 9.35 -24.79
CA ILE D 454 -15.62 9.23 -25.80
C ILE D 454 -15.66 7.76 -26.22
N VAL D 455 -16.83 7.11 -26.11
CA VAL D 455 -16.97 5.70 -26.43
C VAL D 455 -18.08 5.53 -27.47
N LEU D 456 -17.81 4.86 -28.59
CA LEU D 456 -18.88 4.56 -29.53
C LEU D 456 -19.43 3.22 -29.07
N THR D 457 -20.75 3.12 -28.88
CA THR D 457 -21.31 1.84 -28.44
C THR D 457 -22.71 1.57 -29.02
N LYS D 458 -22.95 0.30 -29.44
CA LYS D 458 -24.26 -0.07 -29.97
C LYS D 458 -25.18 -0.44 -28.81
N SER D 459 -24.78 -1.45 -27.98
CA SER D 459 -25.54 -1.98 -26.86
C SER D 459 -25.25 -1.33 -25.52
N GLY D 460 -24.25 -0.44 -25.50
CA GLY D 460 -23.80 0.21 -24.28
C GLY D 460 -22.65 -0.50 -23.58
N ARG D 461 -22.44 -1.82 -23.87
CA ARG D 461 -21.42 -2.65 -23.21
C ARG D 461 -20.05 -1.99 -23.06
N SER D 462 -19.47 -1.48 -24.16
CA SER D 462 -18.13 -0.86 -24.17
C SER D 462 -18.03 0.32 -23.20
N ALA D 463 -19.11 1.15 -23.10
CA ALA D 463 -19.14 2.28 -22.17
C ALA D 463 -19.28 1.74 -20.73
N HIS D 464 -20.06 0.66 -20.53
CA HIS D 464 -20.20 0.03 -19.20
C HIS D 464 -18.86 -0.48 -18.69
N GLN D 465 -18.01 -1.02 -19.59
CA GLN D 465 -16.69 -1.59 -19.29
C GLN D 465 -15.72 -0.52 -18.84
N VAL D 466 -15.82 0.70 -19.42
CA VAL D 466 -15.00 1.86 -19.05
C VAL D 466 -15.45 2.30 -17.66
N ALA D 467 -16.77 2.38 -17.44
CA ALA D 467 -17.43 2.83 -16.23
C ALA D 467 -17.00 2.07 -15.00
N ARG D 468 -16.83 0.73 -15.11
CA ARG D 468 -16.44 -0.09 -13.95
C ARG D 468 -15.04 0.27 -13.41
N TYR D 469 -14.20 0.97 -14.19
CA TYR D 469 -12.88 1.36 -13.68
C TYR D 469 -12.87 2.75 -13.08
N ARG D 470 -14.08 3.34 -12.94
CA ARG D 470 -14.37 4.59 -12.24
C ARG D 470 -13.47 5.76 -12.61
N PRO D 471 -13.40 6.17 -13.87
CA PRO D 471 -12.53 7.31 -14.21
C PRO D 471 -13.08 8.63 -13.67
N ARG D 472 -12.20 9.64 -13.52
N ARG D 472 -12.19 9.62 -13.53
CA ARG D 472 -12.62 10.97 -13.09
CA ARG D 472 -12.55 10.97 -13.10
C ARG D 472 -13.35 11.64 -14.26
C ARG D 472 -13.29 11.66 -14.25
N ALA D 473 -12.80 11.49 -15.47
CA ALA D 473 -13.36 12.08 -16.71
C ALA D 473 -14.76 11.52 -17.05
N PRO D 474 -15.72 12.38 -17.47
CA PRO D 474 -17.02 11.87 -17.91
C PRO D 474 -16.84 10.98 -19.14
N ILE D 475 -17.72 9.99 -19.25
CA ILE D 475 -17.73 9.05 -20.36
C ILE D 475 -18.86 9.47 -21.28
N ILE D 476 -18.51 9.99 -22.45
CA ILE D 476 -19.52 10.39 -23.42
C ILE D 476 -19.80 9.17 -24.30
N ALA D 477 -20.98 8.54 -24.08
CA ALA D 477 -21.32 7.34 -24.83
C ALA D 477 -22.20 7.71 -26.03
N VAL D 478 -21.63 7.60 -27.26
CA VAL D 478 -22.33 7.92 -28.51
C VAL D 478 -22.99 6.69 -29.06
N THR D 479 -24.34 6.71 -29.13
CA THR D 479 -25.11 5.59 -29.67
C THR D 479 -26.22 6.06 -30.63
N ARG D 480 -26.65 5.17 -31.53
CA ARG D 480 -27.78 5.40 -32.42
C ARG D 480 -29.00 4.66 -31.87
N ASN D 481 -28.78 3.79 -30.86
CA ASN D 481 -29.82 3.01 -30.24
C ASN D 481 -30.47 3.82 -29.10
N PRO D 482 -31.78 4.16 -29.23
CA PRO D 482 -32.43 4.99 -28.19
C PRO D 482 -32.52 4.33 -26.82
N GLN D 483 -32.73 2.99 -26.78
CA GLN D 483 -32.80 2.21 -25.54
C GLN D 483 -31.43 2.22 -24.81
N THR D 484 -30.33 1.97 -25.56
CA THR D 484 -28.95 2.01 -25.08
C THR D 484 -28.68 3.36 -24.40
N ALA D 485 -29.06 4.46 -25.07
CA ALA D 485 -28.93 5.84 -24.56
C ALA D 485 -29.67 6.04 -23.23
N ARG D 486 -30.86 5.45 -23.08
CA ARG D 486 -31.65 5.61 -21.84
C ARG D 486 -31.11 4.74 -20.71
N GLN D 487 -30.70 3.49 -21.00
CA GLN D 487 -30.17 2.56 -20.02
C GLN D 487 -28.79 2.94 -19.50
N ALA D 488 -28.00 3.73 -20.26
CA ALA D 488 -26.67 4.19 -19.86
C ALA D 488 -26.68 5.02 -18.56
N HIS D 489 -27.86 5.60 -18.16
CA HIS D 489 -27.99 6.37 -16.92
C HIS D 489 -27.82 5.50 -15.68
N LEU D 490 -27.85 4.16 -15.83
CA LEU D 490 -27.64 3.25 -14.72
C LEU D 490 -26.19 3.21 -14.26
N TYR D 491 -25.25 3.62 -15.13
CA TYR D 491 -23.82 3.53 -14.88
C TYR D 491 -23.14 4.85 -14.57
N ARG D 492 -22.44 4.90 -13.43
CA ARG D 492 -21.65 6.06 -13.03
C ARG D 492 -20.75 6.54 -14.15
N GLY D 493 -20.78 7.85 -14.39
CA GLY D 493 -19.92 8.51 -15.35
C GLY D 493 -20.37 8.56 -16.77
N ILE D 494 -21.39 7.77 -17.13
CA ILE D 494 -21.85 7.77 -18.51
C ILE D 494 -22.83 8.91 -18.74
N PHE D 495 -22.49 9.76 -19.71
CA PHE D 495 -23.27 10.88 -20.18
C PHE D 495 -23.72 10.43 -21.57
N PRO D 496 -24.90 9.77 -21.67
CA PRO D 496 -25.34 9.27 -22.98
C PRO D 496 -25.78 10.36 -23.96
N VAL D 497 -25.43 10.16 -25.23
CA VAL D 497 -25.78 11.05 -26.35
C VAL D 497 -26.34 10.24 -27.53
N LEU D 498 -27.54 10.63 -28.01
CA LEU D 498 -28.17 9.94 -29.14
C LEU D 498 -27.83 10.60 -30.49
N CYS D 499 -27.12 9.87 -31.34
CA CYS D 499 -26.78 10.37 -32.66
C CYS D 499 -27.97 10.10 -33.55
N LYS D 500 -28.42 11.14 -34.25
CA LYS D 500 -29.58 11.08 -35.15
C LYS D 500 -29.13 11.12 -36.61
N ASP D 501 -27.88 11.60 -36.86
CA ASP D 501 -27.27 11.73 -38.17
C ASP D 501 -27.33 10.43 -38.96
N PRO D 502 -27.66 10.50 -40.27
CA PRO D 502 -27.72 9.26 -41.07
C PRO D 502 -26.37 8.55 -41.16
N VAL D 503 -26.39 7.25 -41.45
CA VAL D 503 -25.18 6.45 -41.60
C VAL D 503 -24.45 6.91 -42.87
N GLN D 504 -23.20 7.30 -42.70
CA GLN D 504 -22.36 7.73 -43.81
C GLN D 504 -21.93 6.52 -44.61
N GLU D 505 -21.76 6.70 -45.92
CA GLU D 505 -21.39 5.61 -46.83
C GLU D 505 -20.07 4.95 -46.49
N ALA D 506 -19.08 5.75 -46.05
CA ALA D 506 -17.77 5.24 -45.64
C ALA D 506 -17.81 5.06 -44.10
N TRP D 507 -17.65 3.81 -43.62
CA TRP D 507 -17.70 3.47 -42.18
C TRP D 507 -16.80 4.35 -41.33
N ALA D 508 -15.54 4.57 -41.76
CA ALA D 508 -14.57 5.45 -41.09
C ALA D 508 -15.07 6.89 -41.04
N GLU D 509 -15.91 7.31 -42.01
CA GLU D 509 -16.46 8.66 -41.99
C GLU D 509 -17.62 8.72 -41.01
N ASP D 510 -18.38 7.63 -40.89
CA ASP D 510 -19.50 7.52 -39.96
C ASP D 510 -18.99 7.51 -38.52
N VAL D 511 -17.88 6.76 -38.26
CA VAL D 511 -17.19 6.68 -36.97
C VAL D 511 -16.73 8.09 -36.56
N ASP D 512 -15.98 8.78 -37.45
CA ASP D 512 -15.49 10.13 -37.19
C ASP D 512 -16.59 11.19 -36.97
N LEU D 513 -17.76 11.01 -37.61
CA LEU D 513 -18.93 11.89 -37.45
C LEU D 513 -19.49 11.79 -36.03
N ARG D 514 -19.55 10.57 -35.48
CA ARG D 514 -20.01 10.30 -34.11
C ARG D 514 -19.01 10.83 -33.11
N VAL D 515 -17.71 10.70 -33.41
CA VAL D 515 -16.64 11.21 -32.55
C VAL D 515 -16.76 12.73 -32.48
N ASN D 516 -16.96 13.40 -33.64
CA ASN D 516 -17.12 14.86 -33.69
C ASN D 516 -18.40 15.33 -32.98
N PHE D 517 -19.47 14.52 -33.07
CA PHE D 517 -20.74 14.80 -32.38
C PHE D 517 -20.50 14.91 -30.87
N ALA D 518 -19.72 13.94 -30.32
CA ALA D 518 -19.33 13.95 -28.91
C ALA D 518 -18.47 15.17 -28.57
N MET D 519 -17.65 15.63 -29.52
CA MET D 519 -16.84 16.82 -29.29
C MET D 519 -17.72 18.04 -29.15
N ASN D 520 -18.71 18.19 -30.03
CA ASN D 520 -19.65 19.30 -29.98
C ASN D 520 -20.48 19.25 -28.71
N VAL D 521 -20.90 18.03 -28.28
CA VAL D 521 -21.68 17.84 -27.03
C VAL D 521 -20.89 18.35 -25.80
N GLY D 522 -19.68 17.82 -25.59
CA GLY D 522 -18.81 18.20 -24.47
C GLY D 522 -18.46 19.68 -24.47
N LYS D 523 -18.15 20.24 -25.66
CA LYS D 523 -17.86 21.66 -25.90
C LYS D 523 -19.09 22.52 -25.54
N ALA D 524 -20.31 22.08 -25.97
CA ALA D 524 -21.55 22.81 -25.67
C ALA D 524 -21.98 22.68 -24.23
N ARG D 525 -21.63 21.57 -23.58
CA ARG D 525 -22.00 21.34 -22.18
C ARG D 525 -20.98 21.93 -21.22
N GLY D 526 -19.85 22.39 -21.74
CA GLY D 526 -18.78 22.96 -20.94
C GLY D 526 -17.87 21.95 -20.23
N PHE D 527 -17.89 20.68 -20.69
CA PHE D 527 -17.06 19.59 -20.14
C PHE D 527 -15.58 19.81 -20.53
N PHE D 528 -15.36 20.35 -21.74
CA PHE D 528 -14.05 20.65 -22.30
C PHE D 528 -14.16 21.70 -23.38
N LYS D 529 -13.02 22.22 -23.83
CA LYS D 529 -12.91 23.25 -24.85
C LYS D 529 -11.83 22.84 -25.85
N LYS D 530 -11.56 23.69 -26.86
CA LYS D 530 -10.57 23.46 -27.89
C LYS D 530 -9.20 23.26 -27.28
N GLY D 531 -8.49 22.26 -27.79
CA GLY D 531 -7.15 21.93 -27.34
C GLY D 531 -7.08 20.94 -26.22
N ASP D 532 -8.16 20.79 -25.45
CA ASP D 532 -8.21 19.82 -24.35
C ASP D 532 -7.95 18.41 -24.85
N VAL D 533 -7.33 17.58 -24.05
CA VAL D 533 -7.04 16.22 -24.51
C VAL D 533 -8.19 15.27 -24.11
N VAL D 534 -8.68 14.46 -25.05
CA VAL D 534 -9.71 13.45 -24.80
C VAL D 534 -9.23 12.08 -25.23
N ILE D 535 -9.85 11.05 -24.66
CA ILE D 535 -9.61 9.65 -24.96
C ILE D 535 -10.80 9.23 -25.82
N VAL D 536 -10.55 8.54 -26.95
CA VAL D 536 -11.59 8.06 -27.83
C VAL D 536 -11.49 6.55 -27.94
N LEU D 537 -12.62 5.88 -27.78
CA LEU D 537 -12.76 4.44 -27.84
C LEU D 537 -13.63 4.02 -29.02
N THR D 538 -13.06 3.21 -29.94
CA THR D 538 -13.74 2.71 -31.14
C THR D 538 -13.38 1.25 -31.39
N GLY D 539 -13.94 0.70 -32.46
CA GLY D 539 -13.69 -0.68 -32.88
C GLY D 539 -13.07 -0.78 -34.27
N TRP D 540 -12.61 -2.01 -34.61
CA TRP D 540 -11.93 -2.32 -35.89
C TRP D 540 -12.90 -2.72 -37.02
N ARG D 541 -14.14 -3.12 -36.68
CA ARG D 541 -15.21 -3.45 -37.63
C ARG D 541 -16.60 -3.05 -37.04
N PRO D 542 -17.67 -2.81 -37.87
CA PRO D 542 -18.96 -2.42 -37.28
C PRO D 542 -19.62 -3.61 -36.60
N GLY D 543 -20.63 -3.33 -35.79
CA GLY D 543 -21.31 -4.36 -35.02
C GLY D 543 -20.74 -4.46 -33.61
N SER D 544 -21.53 -5.02 -32.67
CA SER D 544 -21.10 -5.17 -31.27
C SER D 544 -20.02 -6.23 -31.06
N GLY D 545 -19.18 -6.01 -30.05
CA GLY D 545 -18.15 -6.93 -29.60
C GLY D 545 -16.75 -6.71 -30.14
N PHE D 546 -16.51 -5.58 -30.85
CA PHE D 546 -15.19 -5.35 -31.49
C PHE D 546 -14.44 -4.08 -31.05
N THR D 547 -14.84 -3.41 -29.96
CA THR D 547 -14.10 -2.25 -29.43
C THR D 547 -12.70 -2.71 -29.02
N ASN D 548 -11.67 -2.12 -29.65
CA ASN D 548 -10.27 -2.46 -29.39
C ASN D 548 -9.31 -1.29 -29.71
N THR D 549 -9.84 -0.11 -29.98
CA THR D 549 -9.05 1.03 -30.38
C THR D 549 -9.18 2.17 -29.39
N MET D 550 -8.03 2.62 -28.87
CA MET D 550 -7.97 3.70 -27.91
C MET D 550 -7.09 4.77 -28.52
N ARG D 551 -7.65 5.97 -28.70
CA ARG D 551 -6.90 7.09 -29.24
C ARG D 551 -6.90 8.25 -28.29
N VAL D 552 -5.77 8.93 -28.20
CA VAL D 552 -5.63 10.13 -27.37
C VAL D 552 -5.62 11.27 -28.39
N VAL D 553 -6.69 12.08 -28.40
CA VAL D 553 -6.83 13.17 -29.37
C VAL D 553 -7.18 14.54 -28.74
N PRO D 554 -6.65 15.66 -29.30
CA PRO D 554 -7.06 16.97 -28.80
C PRO D 554 -8.46 17.32 -29.32
N VAL D 555 -9.21 18.11 -28.53
CA VAL D 555 -10.54 18.56 -28.88
C VAL D 555 -10.38 19.63 -30.00
N PRO D 556 -11.08 19.47 -31.16
CA PRO D 556 -10.94 20.45 -32.25
C PRO D 556 -11.65 21.78 -31.94
#